data_5X73
# 
_entry.id   5X73 
# 
_audit_conform.dict_name       mmcif_pdbx.dic 
_audit_conform.dict_version    5.380 
_audit_conform.dict_location   http://mmcif.pdb.org/dictionaries/ascii/mmcif_pdbx.dic 
# 
loop_
_database_2.database_id 
_database_2.database_code 
_database_2.pdbx_database_accession 
_database_2.pdbx_DOI 
PDB   5X73         pdb_00005x73 10.2210/pdb5x73/pdb 
WWPDB D_1300003020 ?            ?                   
# 
loop_
_pdbx_database_related.db_name 
_pdbx_database_related.details 
_pdbx_database_related.db_id 
_pdbx_database_related.content_type 
PDB . 5X72 unspecified 
PDB . 5X74 unspecified 
# 
_pdbx_database_status.status_code                     REL 
_pdbx_database_status.status_code_sf                  REL 
_pdbx_database_status.status_code_mr                  ? 
_pdbx_database_status.entry_id                        5X73 
_pdbx_database_status.recvd_initial_deposition_date   2017-02-23 
_pdbx_database_status.SG_entry                        N 
_pdbx_database_status.deposit_site                    PDBJ 
_pdbx_database_status.process_site                    PDBJ 
_pdbx_database_status.status_code_cs                  ? 
_pdbx_database_status.methods_development_category    ? 
_pdbx_database_status.pdb_format_compatible           Y 
_pdbx_database_status.status_code_nmr_data            ? 
# 
loop_
_audit_author.name 
_audit_author.pdbx_ordinal 
_audit_author.identifier_ORCID 
'Jiang, Y.'  1 ? 
'Zhuang, C.' 2 ? 
'Chen, L.'   3 ? 
'Wang, R.'   4 ? 
'Wang, F.'   5 ? 
'Sheng, C.'  6 ? 
# 
_citation.abstract                  ? 
_citation.abstract_id_CAS           ? 
_citation.book_id_ISBN              ? 
_citation.book_publisher            ? 
_citation.book_publisher_city       ? 
_citation.book_title                ? 
_citation.coordinate_linkage        ? 
_citation.country                   US 
_citation.database_id_Medline       ? 
_citation.details                   ? 
_citation.id                        primary 
_citation.journal_abbrev            'J. Med. Chem.' 
_citation.journal_id_ASTM           JMCMAR 
_citation.journal_id_CSD            0151 
_citation.journal_id_ISSN           1520-4804 
_citation.journal_full              ? 
_citation.journal_issue             ? 
_citation.journal_volume            60 
_citation.language                  ? 
_citation.page_first                9400 
_citation.page_last                 9406 
_citation.title                     'Structural Biology-Inspired Discovery of Novel KRAS-PDE delta Inhibitors' 
_citation.year                      2017 
_citation.database_id_CSD           ? 
_citation.pdbx_database_id_DOI      10.1021/acs.jmedchem.7b01243 
_citation.pdbx_database_id_PubMed   28929751 
_citation.unpublished_flag          ? 
# 
loop_
_citation_author.citation_id 
_citation_author.name 
_citation_author.ordinal 
_citation_author.identifier_ORCID 
primary 'Jiang, Y.'  1 ? 
primary 'Zhuang, C.' 2 ? 
primary 'Chen, L.'   3 ? 
primary 'Lu, J.'     4 ? 
primary 'Dong, G.'   5 ? 
primary 'Miao, Z.'   6 ? 
primary 'Zhang, W.'  7 ? 
primary 'Li, J.'     8 ? 
primary 'Sheng, C.'  9 ? 
# 
_cell.angle_alpha                  90.00 
_cell.angle_alpha_esd              ? 
_cell.angle_beta                   90.00 
_cell.angle_beta_esd               ? 
_cell.angle_gamma                  120.00 
_cell.angle_gamma_esd              ? 
_cell.entry_id                     5X73 
_cell.details                      ? 
_cell.formula_units_Z              ? 
_cell.length_a                     55.550 
_cell.length_a_esd                 ? 
_cell.length_b                     55.550 
_cell.length_b_esd                 ? 
_cell.length_c                     115.340 
_cell.length_c_esd                 ? 
_cell.volume                       ? 
_cell.volume_esd                   ? 
_cell.Z_PDB                        6 
_cell.reciprocal_angle_alpha       ? 
_cell.reciprocal_angle_beta        ? 
_cell.reciprocal_angle_gamma       ? 
_cell.reciprocal_angle_alpha_esd   ? 
_cell.reciprocal_angle_beta_esd    ? 
_cell.reciprocal_angle_gamma_esd   ? 
_cell.reciprocal_length_a          ? 
_cell.reciprocal_length_b          ? 
_cell.reciprocal_length_c          ? 
_cell.reciprocal_length_a_esd      ? 
_cell.reciprocal_length_b_esd      ? 
_cell.reciprocal_length_c_esd      ? 
_cell.pdbx_unique_axis             ? 
# 
_symmetry.entry_id                         5X73 
_symmetry.cell_setting                     ? 
_symmetry.Int_Tables_number                154 
_symmetry.space_group_name_Hall            ? 
_symmetry.space_group_name_H-M             'P 32 2 1' 
_symmetry.pdbx_full_space_group_name_H-M   ? 
# 
loop_
_entity.id 
_entity.type 
_entity.src_method 
_entity.pdbx_description 
_entity.formula_weight 
_entity.pdbx_number_of_molecules 
_entity.pdbx_ec 
_entity.pdbx_mutation 
_entity.pdbx_fragment 
_entity.details 
1 polymer     man 
;Retinal rod rhodopsin-sensitive cGMP 3',5'-cyclic phosphodiesterase subunit delta
;
17440.990 1  ? ? ? ? 
2 non-polymer syn '(2R)-2-(2-fluorophenyl)-3-phenyl-1,2-dihydroquinazolin-4-one'                      318.344   2  ? ? ? ? 
3 water       nat water                                                                               18.015    23 ? ? ? ? 
# 
_entity_name_com.entity_id   1 
_entity_name_com.name        'GMP-PDE delta,Protein p17' 
# 
_entity_poly.entity_id                      1 
_entity_poly.type                           'polypeptide(L)' 
_entity_poly.nstd_linkage                   no 
_entity_poly.nstd_monomer                   no 
_entity_poly.pdbx_seq_one_letter_code       
;MSAKDERAREILRGFKLNWMNLRDAETGKILWQGTEDLSVPGVEHEARVPKKILKCKAVSRELNFSSTEQMEKFRLEQKV
YFKGQCLEEWFFEFGFVIPNSTNTWQSLIEAAPESQMMPASVLTGNVIIETKFFDDDLLVSTSRVRLFYV
;
_entity_poly.pdbx_seq_one_letter_code_can   
;MSAKDERAREILRGFKLNWMNLRDAETGKILWQGTEDLSVPGVEHEARVPKKILKCKAVSRELNFSSTEQMEKFRLEQKV
YFKGQCLEEWFFEFGFVIPNSTNTWQSLIEAAPESQMMPASVLTGNVIIETKFFDDDLLVSTSRVRLFYV
;
_entity_poly.pdbx_strand_id                 A 
_entity_poly.pdbx_target_identifier         ? 
# 
loop_
_entity_poly_seq.entity_id 
_entity_poly_seq.num 
_entity_poly_seq.mon_id 
_entity_poly_seq.hetero 
1 1   MET n 
1 2   SER n 
1 3   ALA n 
1 4   LYS n 
1 5   ASP n 
1 6   GLU n 
1 7   ARG n 
1 8   ALA n 
1 9   ARG n 
1 10  GLU n 
1 11  ILE n 
1 12  LEU n 
1 13  ARG n 
1 14  GLY n 
1 15  PHE n 
1 16  LYS n 
1 17  LEU n 
1 18  ASN n 
1 19  TRP n 
1 20  MET n 
1 21  ASN n 
1 22  LEU n 
1 23  ARG n 
1 24  ASP n 
1 25  ALA n 
1 26  GLU n 
1 27  THR n 
1 28  GLY n 
1 29  LYS n 
1 30  ILE n 
1 31  LEU n 
1 32  TRP n 
1 33  GLN n 
1 34  GLY n 
1 35  THR n 
1 36  GLU n 
1 37  ASP n 
1 38  LEU n 
1 39  SER n 
1 40  VAL n 
1 41  PRO n 
1 42  GLY n 
1 43  VAL n 
1 44  GLU n 
1 45  HIS n 
1 46  GLU n 
1 47  ALA n 
1 48  ARG n 
1 49  VAL n 
1 50  PRO n 
1 51  LYS n 
1 52  LYS n 
1 53  ILE n 
1 54  LEU n 
1 55  LYS n 
1 56  CYS n 
1 57  LYS n 
1 58  ALA n 
1 59  VAL n 
1 60  SER n 
1 61  ARG n 
1 62  GLU n 
1 63  LEU n 
1 64  ASN n 
1 65  PHE n 
1 66  SER n 
1 67  SER n 
1 68  THR n 
1 69  GLU n 
1 70  GLN n 
1 71  MET n 
1 72  GLU n 
1 73  LYS n 
1 74  PHE n 
1 75  ARG n 
1 76  LEU n 
1 77  GLU n 
1 78  GLN n 
1 79  LYS n 
1 80  VAL n 
1 81  TYR n 
1 82  PHE n 
1 83  LYS n 
1 84  GLY n 
1 85  GLN n 
1 86  CYS n 
1 87  LEU n 
1 88  GLU n 
1 89  GLU n 
1 90  TRP n 
1 91  PHE n 
1 92  PHE n 
1 93  GLU n 
1 94  PHE n 
1 95  GLY n 
1 96  PHE n 
1 97  VAL n 
1 98  ILE n 
1 99  PRO n 
1 100 ASN n 
1 101 SER n 
1 102 THR n 
1 103 ASN n 
1 104 THR n 
1 105 TRP n 
1 106 GLN n 
1 107 SER n 
1 108 LEU n 
1 109 ILE n 
1 110 GLU n 
1 111 ALA n 
1 112 ALA n 
1 113 PRO n 
1 114 GLU n 
1 115 SER n 
1 116 GLN n 
1 117 MET n 
1 118 MET n 
1 119 PRO n 
1 120 ALA n 
1 121 SER n 
1 122 VAL n 
1 123 LEU n 
1 124 THR n 
1 125 GLY n 
1 126 ASN n 
1 127 VAL n 
1 128 ILE n 
1 129 ILE n 
1 130 GLU n 
1 131 THR n 
1 132 LYS n 
1 133 PHE n 
1 134 PHE n 
1 135 ASP n 
1 136 ASP n 
1 137 ASP n 
1 138 LEU n 
1 139 LEU n 
1 140 VAL n 
1 141 SER n 
1 142 THR n 
1 143 SER n 
1 144 ARG n 
1 145 VAL n 
1 146 ARG n 
1 147 LEU n 
1 148 PHE n 
1 149 TYR n 
1 150 VAL n 
# 
_entity_src_gen.entity_id                          1 
_entity_src_gen.pdbx_src_id                        1 
_entity_src_gen.pdbx_alt_source_flag               sample 
_entity_src_gen.pdbx_seq_type                      'Biological sequence' 
_entity_src_gen.pdbx_beg_seq_num                   1 
_entity_src_gen.pdbx_end_seq_num                   150 
_entity_src_gen.gene_src_common_name               Human 
_entity_src_gen.gene_src_genus                     ? 
_entity_src_gen.pdbx_gene_src_gene                 'PDE6D, PDED' 
_entity_src_gen.gene_src_species                   ? 
_entity_src_gen.gene_src_strain                    ? 
_entity_src_gen.gene_src_tissue                    ? 
_entity_src_gen.gene_src_tissue_fraction           ? 
_entity_src_gen.gene_src_details                   ? 
_entity_src_gen.pdbx_gene_src_fragment             ? 
_entity_src_gen.pdbx_gene_src_scientific_name      'Homo sapiens' 
_entity_src_gen.pdbx_gene_src_ncbi_taxonomy_id     9606 
_entity_src_gen.pdbx_gene_src_variant              ? 
_entity_src_gen.pdbx_gene_src_cell_line            ? 
_entity_src_gen.pdbx_gene_src_atcc                 ? 
_entity_src_gen.pdbx_gene_src_organ                ? 
_entity_src_gen.pdbx_gene_src_organelle            ? 
_entity_src_gen.pdbx_gene_src_cell                 ? 
_entity_src_gen.pdbx_gene_src_cellular_location    ? 
_entity_src_gen.host_org_common_name               ? 
_entity_src_gen.pdbx_host_org_scientific_name      'Escherichia coli BL21(DE3)' 
_entity_src_gen.pdbx_host_org_ncbi_taxonomy_id     469008 
_entity_src_gen.host_org_genus                     ? 
_entity_src_gen.pdbx_host_org_gene                 ? 
_entity_src_gen.pdbx_host_org_organ                ? 
_entity_src_gen.host_org_species                   ? 
_entity_src_gen.pdbx_host_org_tissue               ? 
_entity_src_gen.pdbx_host_org_tissue_fraction      ? 
_entity_src_gen.pdbx_host_org_strain               'BL21(DE3)' 
_entity_src_gen.pdbx_host_org_variant              ? 
_entity_src_gen.pdbx_host_org_cell_line            ? 
_entity_src_gen.pdbx_host_org_atcc                 ? 
_entity_src_gen.pdbx_host_org_culture_collection   ? 
_entity_src_gen.pdbx_host_org_cell                 ? 
_entity_src_gen.pdbx_host_org_organelle            ? 
_entity_src_gen.pdbx_host_org_cellular_location    ? 
_entity_src_gen.pdbx_host_org_vector_type          ? 
_entity_src_gen.pdbx_host_org_vector               ? 
_entity_src_gen.host_org_details                   ? 
_entity_src_gen.expression_system_id               ? 
_entity_src_gen.plasmid_name                       ? 
_entity_src_gen.plasmid_details                    ? 
_entity_src_gen.pdbx_description                   ? 
# 
_struct_ref.id                         1 
_struct_ref.db_name                    UNP 
_struct_ref.db_code                    PDE6D_HUMAN 
_struct_ref.pdbx_db_accession          O43924 
_struct_ref.pdbx_db_isoform            ? 
_struct_ref.entity_id                  1 
_struct_ref.pdbx_seq_one_letter_code   
;MSAKDERAREILRGFKLNWMNLRDAETGKILWQGTEDLSVPGVEHEARVPKKILKCKAVSRELNFSSTEQMEKFRLEQKV
YFKGQCLEEWFFEFGFVIPNSTNTWQSLIEAAPESQMMPASVLTGNVIIETKFFDDDLLVSTSRVRLFYV
;
_struct_ref.pdbx_align_begin           1 
# 
_struct_ref_seq.align_id                      1 
_struct_ref_seq.ref_id                        1 
_struct_ref_seq.pdbx_PDB_id_code              5X73 
_struct_ref_seq.pdbx_strand_id                A 
_struct_ref_seq.seq_align_beg                 1 
_struct_ref_seq.pdbx_seq_align_beg_ins_code   ? 
_struct_ref_seq.seq_align_end                 150 
_struct_ref_seq.pdbx_seq_align_end_ins_code   ? 
_struct_ref_seq.pdbx_db_accession             O43924 
_struct_ref_seq.db_align_beg                  1 
_struct_ref_seq.pdbx_db_align_beg_ins_code    ? 
_struct_ref_seq.db_align_end                  150 
_struct_ref_seq.pdbx_db_align_end_ins_code    ? 
_struct_ref_seq.pdbx_auth_seq_align_beg       1 
_struct_ref_seq.pdbx_auth_seq_align_end       150 
# 
loop_
_chem_comp.id 
_chem_comp.type 
_chem_comp.mon_nstd_flag 
_chem_comp.name 
_chem_comp.pdbx_synonyms 
_chem_comp.formula 
_chem_comp.formula_weight 
ALA 'L-peptide linking' y ALANINE                                                        ? 'C3 H7 N O2'     89.093  
ARG 'L-peptide linking' y ARGININE                                                       ? 'C6 H15 N4 O2 1' 175.209 
ASN 'L-peptide linking' y ASPARAGINE                                                     ? 'C4 H8 N2 O3'    132.118 
ASP 'L-peptide linking' y 'ASPARTIC ACID'                                                ? 'C4 H7 N O4'     133.103 
CYS 'L-peptide linking' y CYSTEINE                                                       ? 'C3 H7 N O2 S'   121.158 
GLN 'L-peptide linking' y GLUTAMINE                                                      ? 'C5 H10 N2 O3'   146.144 
GLU 'L-peptide linking' y 'GLUTAMIC ACID'                                                ? 'C5 H9 N O4'     147.129 
GLY 'peptide linking'   y GLYCINE                                                        ? 'C2 H5 N O2'     75.067  
HIS 'L-peptide linking' y HISTIDINE                                                      ? 'C6 H10 N3 O2 1' 156.162 
HOH non-polymer         . WATER                                                          ? 'H2 O'           18.015  
ILE 'L-peptide linking' y ISOLEUCINE                                                     ? 'C6 H13 N O2'    131.173 
LEU 'L-peptide linking' y LEUCINE                                                        ? 'C6 H13 N O2'    131.173 
LYS 'L-peptide linking' y LYSINE                                                         ? 'C6 H15 N2 O2 1' 147.195 
MET 'L-peptide linking' y METHIONINE                                                     ? 'C5 H11 N O2 S'  149.211 
P59 non-polymer         . '(2R)-2-(2-fluorophenyl)-3-phenyl-1,2-dihydroquinazolin-4-one' ? 'C20 H15 F N2 O' 318.344 
PHE 'L-peptide linking' y PHENYLALANINE                                                  ? 'C9 H11 N O2'    165.189 
PRO 'L-peptide linking' y PROLINE                                                        ? 'C5 H9 N O2'     115.130 
SER 'L-peptide linking' y SERINE                                                         ? 'C3 H7 N O3'     105.093 
THR 'L-peptide linking' y THREONINE                                                      ? 'C4 H9 N O3'     119.119 
TRP 'L-peptide linking' y TRYPTOPHAN                                                     ? 'C11 H12 N2 O2'  204.225 
TYR 'L-peptide linking' y TYROSINE                                                       ? 'C9 H11 N O3'    181.189 
VAL 'L-peptide linking' y VALINE                                                         ? 'C5 H11 N O2'    117.146 
# 
_exptl.absorpt_coefficient_mu     ? 
_exptl.absorpt_correction_T_max   ? 
_exptl.absorpt_correction_T_min   ? 
_exptl.absorpt_correction_type    ? 
_exptl.absorpt_process_details    ? 
_exptl.entry_id                   5X73 
_exptl.crystals_number            1 
_exptl.details                    ? 
_exptl.method                     'X-RAY DIFFRACTION' 
_exptl.method_details             ? 
# 
_exptl_crystal.colour                      ? 
_exptl_crystal.density_diffrn              ? 
_exptl_crystal.density_Matthews            2.98 
_exptl_crystal.density_method              ? 
_exptl_crystal.density_percent_sol         58.78 
_exptl_crystal.description                 ? 
_exptl_crystal.F_000                       ? 
_exptl_crystal.id                          1 
_exptl_crystal.preparation                 ? 
_exptl_crystal.size_max                    ? 
_exptl_crystal.size_mid                    ? 
_exptl_crystal.size_min                    ? 
_exptl_crystal.size_rad                    ? 
_exptl_crystal.colour_lustre               ? 
_exptl_crystal.colour_modifier             ? 
_exptl_crystal.colour_primary              ? 
_exptl_crystal.density_meas                ? 
_exptl_crystal.density_meas_esd            ? 
_exptl_crystal.density_meas_gt             ? 
_exptl_crystal.density_meas_lt             ? 
_exptl_crystal.density_meas_temp           ? 
_exptl_crystal.density_meas_temp_esd       ? 
_exptl_crystal.density_meas_temp_gt        ? 
_exptl_crystal.density_meas_temp_lt        ? 
_exptl_crystal.pdbx_crystal_image_url      ? 
_exptl_crystal.pdbx_crystal_image_format   ? 
_exptl_crystal.pdbx_mosaicity              ? 
_exptl_crystal.pdbx_mosaicity_esd          ? 
# 
_exptl_crystal_grow.apparatus       ? 
_exptl_crystal_grow.atmosphere      ? 
_exptl_crystal_grow.crystal_id      1 
_exptl_crystal_grow.details         ? 
_exptl_crystal_grow.method          'VAPOR DIFFUSION, SITTING DROP' 
_exptl_crystal_grow.method_ref      ? 
_exptl_crystal_grow.pH              5.0 
_exptl_crystal_grow.pressure        ? 
_exptl_crystal_grow.pressure_esd    ? 
_exptl_crystal_grow.seeding         ? 
_exptl_crystal_grow.seeding_ref     ? 
_exptl_crystal_grow.temp            277 
_exptl_crystal_grow.temp_details    ? 
_exptl_crystal_grow.temp_esd        ? 
_exptl_crystal_grow.time            ? 
_exptl_crystal_grow.pdbx_details    '8% v/v Tacsimate, 20% w/v Polyethylene glycol 3350' 
_exptl_crystal_grow.pdbx_pH_range   ? 
# 
_diffrn.ambient_environment    ? 
_diffrn.ambient_temp           100 
_diffrn.ambient_temp_details   ? 
_diffrn.ambient_temp_esd       ? 
_diffrn.crystal_id             1 
_diffrn.crystal_support        ? 
_diffrn.crystal_treatment      ? 
_diffrn.details                ? 
_diffrn.id                     1 
_diffrn.ambient_pressure       ? 
_diffrn.ambient_pressure_esd   ? 
_diffrn.ambient_pressure_gt    ? 
_diffrn.ambient_pressure_lt    ? 
_diffrn.ambient_temp_gt        ? 
_diffrn.ambient_temp_lt        ? 
# 
_diffrn_detector.details                      ? 
_diffrn_detector.detector                     'AREA DETECTOR' 
_diffrn_detector.diffrn_id                    1 
_diffrn_detector.type                         'ADSC QUANTUM 315r' 
_diffrn_detector.area_resol_mean              ? 
_diffrn_detector.dtime                        ? 
_diffrn_detector.pdbx_frames_total            ? 
_diffrn_detector.pdbx_collection_time_total   ? 
_diffrn_detector.pdbx_collection_date         2016-01-17 
# 
_diffrn_radiation.collimation                      ? 
_diffrn_radiation.diffrn_id                        1 
_diffrn_radiation.filter_edge                      ? 
_diffrn_radiation.inhomogeneity                    ? 
_diffrn_radiation.monochromator                    ? 
_diffrn_radiation.polarisn_norm                    ? 
_diffrn_radiation.polarisn_ratio                   ? 
_diffrn_radiation.probe                            ? 
_diffrn_radiation.type                             ? 
_diffrn_radiation.xray_symbol                      ? 
_diffrn_radiation.wavelength_id                    1 
_diffrn_radiation.pdbx_monochromatic_or_laue_m_l   M 
_diffrn_radiation.pdbx_wavelength_list             ? 
_diffrn_radiation.pdbx_wavelength                  ? 
_diffrn_radiation.pdbx_diffrn_protocol             'SINGLE WAVELENGTH' 
_diffrn_radiation.pdbx_analyzer                    ? 
_diffrn_radiation.pdbx_scattering_type             x-ray 
# 
_diffrn_radiation_wavelength.id           1 
_diffrn_radiation_wavelength.wavelength   0.97941 
_diffrn_radiation_wavelength.wt           1.0 
# 
_diffrn_source.current                     ? 
_diffrn_source.details                     ? 
_diffrn_source.diffrn_id                   1 
_diffrn_source.power                       ? 
_diffrn_source.size                        ? 
_diffrn_source.source                      SYNCHROTRON 
_diffrn_source.target                      ? 
_diffrn_source.type                        'SSRF BEAMLINE BL17U' 
_diffrn_source.voltage                     ? 
_diffrn_source.take-off_angle              ? 
_diffrn_source.pdbx_wavelength_list        0.97941 
_diffrn_source.pdbx_wavelength             ? 
_diffrn_source.pdbx_synchrotron_beamline   BL17U 
_diffrn_source.pdbx_synchrotron_site       SSRF 
# 
_reflns.B_iso_Wilson_estimate            ? 
_reflns.entry_id                         5X73 
_reflns.data_reduction_details           ? 
_reflns.data_reduction_method            ? 
_reflns.d_resolution_high                2.50 
_reflns.d_resolution_low                 50.00 
_reflns.details                          ? 
_reflns.limit_h_max                      ? 
_reflns.limit_h_min                      ? 
_reflns.limit_k_max                      ? 
_reflns.limit_k_min                      ? 
_reflns.limit_l_max                      ? 
_reflns.limit_l_min                      ? 
_reflns.number_all                       ? 
_reflns.number_obs                       7571 
_reflns.observed_criterion               ? 
_reflns.observed_criterion_F_max         ? 
_reflns.observed_criterion_F_min         ? 
_reflns.observed_criterion_I_max         ? 
_reflns.observed_criterion_I_min         ? 
_reflns.observed_criterion_sigma_F       ? 
_reflns.observed_criterion_sigma_I       ? 
_reflns.percent_possible_obs             99.4 
_reflns.R_free_details                   ? 
_reflns.Rmerge_F_all                     ? 
_reflns.Rmerge_F_obs                     ? 
_reflns.Friedel_coverage                 ? 
_reflns.number_gt                        ? 
_reflns.threshold_expression             ? 
_reflns.pdbx_redundancy                  8.2 
_reflns.pdbx_Rmerge_I_obs                0.072 
_reflns.pdbx_Rmerge_I_all                ? 
_reflns.pdbx_Rsym_value                  ? 
_reflns.pdbx_netI_over_av_sigmaI         ? 
_reflns.pdbx_netI_over_sigmaI            23.75 
_reflns.pdbx_res_netI_over_av_sigmaI_2   ? 
_reflns.pdbx_res_netI_over_sigmaI_2      ? 
_reflns.pdbx_chi_squared                 1.23 
_reflns.pdbx_scaling_rejects             ? 
_reflns.pdbx_d_res_high_opt              ? 
_reflns.pdbx_d_res_low_opt               ? 
_reflns.pdbx_d_res_opt_method            ? 
_reflns.phase_calculation_details        ? 
_reflns.pdbx_Rrim_I_all                  ? 
_reflns.pdbx_Rpim_I_all                  0.028 
_reflns.pdbx_d_opt                       ? 
_reflns.pdbx_number_measured_all         ? 
_reflns.pdbx_diffrn_id                   1 
_reflns.pdbx_ordinal                     1 
_reflns.pdbx_CC_half                     ? 
_reflns.pdbx_R_split                     ? 
# 
_reflns_shell.d_res_high                  2.50 
_reflns_shell.d_res_low                   2.54 
_reflns_shell.meanI_over_sigI_all         ? 
_reflns_shell.meanI_over_sigI_obs         7.81 
_reflns_shell.number_measured_all         ? 
_reflns_shell.number_measured_obs         ? 
_reflns_shell.number_possible             ? 
_reflns_shell.number_unique_all           ? 
_reflns_shell.number_unique_obs           379 
_reflns_shell.percent_possible_all        99.7 
_reflns_shell.percent_possible_obs        ? 
_reflns_shell.Rmerge_F_all                ? 
_reflns_shell.Rmerge_F_obs                ? 
_reflns_shell.Rmerge_I_all                ? 
_reflns_shell.Rmerge_I_obs                0.35 
_reflns_shell.meanI_over_sigI_gt          ? 
_reflns_shell.meanI_over_uI_all           ? 
_reflns_shell.meanI_over_uI_gt            ? 
_reflns_shell.number_measured_gt          ? 
_reflns_shell.number_unique_gt            ? 
_reflns_shell.percent_possible_gt         ? 
_reflns_shell.Rmerge_F_gt                 ? 
_reflns_shell.Rmerge_I_gt                 ? 
_reflns_shell.pdbx_redundancy             8.2 
_reflns_shell.pdbx_Rsym_value             ? 
_reflns_shell.pdbx_chi_squared            1.36 
_reflns_shell.pdbx_netI_over_sigmaI_all   ? 
_reflns_shell.pdbx_netI_over_sigmaI_obs   ? 
_reflns_shell.pdbx_Rrim_I_all             ? 
_reflns_shell.pdbx_Rpim_I_all             0.13 
_reflns_shell.pdbx_rejects                ? 
_reflns_shell.pdbx_ordinal                1 
_reflns_shell.pdbx_diffrn_id              1 
_reflns_shell.pdbx_CC_half                ? 
_reflns_shell.pdbx_R_split                ? 
# 
_refine.aniso_B[1][1]                            -0.05 
_refine.aniso_B[1][2]                            -0.02 
_refine.aniso_B[1][3]                            -0.00 
_refine.aniso_B[2][2]                            -0.05 
_refine.aniso_B[2][3]                            0.00 
_refine.aniso_B[3][3]                            0.15 
_refine.B_iso_max                                ? 
_refine.B_iso_mean                               65.725 
_refine.B_iso_min                                ? 
_refine.correlation_coeff_Fo_to_Fc               0.953 
_refine.correlation_coeff_Fo_to_Fc_free          0.925 
_refine.details                                  'HYDROGENS HAVE BEEN ADDED IN THE RIDING POSITIONS' 
_refine.diff_density_max                         ? 
_refine.diff_density_max_esd                     ? 
_refine.diff_density_min                         ? 
_refine.diff_density_min_esd                     ? 
_refine.diff_density_rms                         ? 
_refine.diff_density_rms_esd                     ? 
_refine.entry_id                                 5X73 
_refine.pdbx_refine_id                           'X-RAY DIFFRACTION' 
_refine.ls_abs_structure_details                 ? 
_refine.ls_abs_structure_Flack                   ? 
_refine.ls_abs_structure_Flack_esd               ? 
_refine.ls_abs_structure_Rogers                  ? 
_refine.ls_abs_structure_Rogers_esd              ? 
_refine.ls_d_res_high                            2.50 
_refine.ls_d_res_low                             48.11 
_refine.ls_extinction_coef                       ? 
_refine.ls_extinction_coef_esd                   ? 
_refine.ls_extinction_expression                 ? 
_refine.ls_extinction_method                     ? 
_refine.ls_goodness_of_fit_all                   ? 
_refine.ls_goodness_of_fit_all_esd               ? 
_refine.ls_goodness_of_fit_obs                   ? 
_refine.ls_goodness_of_fit_obs_esd               ? 
_refine.ls_hydrogen_treatment                    ? 
_refine.ls_matrix_type                           ? 
_refine.ls_number_constraints                    ? 
_refine.ls_number_parameters                     ? 
_refine.ls_number_reflns_all                     ? 
_refine.ls_number_reflns_obs                     7081 
_refine.ls_number_reflns_R_free                  398 
_refine.ls_number_reflns_R_work                  ? 
_refine.ls_number_restraints                     ? 
_refine.ls_percent_reflns_obs                    98.56 
_refine.ls_percent_reflns_R_free                 5.3 
_refine.ls_R_factor_all                          ? 
_refine.ls_R_factor_obs                          0.19829 
_refine.ls_R_factor_R_free                       0.24528 
_refine.ls_R_factor_R_free_error                 ? 
_refine.ls_R_factor_R_free_error_details         ? 
_refine.ls_R_factor_R_work                       0.19546 
_refine.ls_R_Fsqd_factor_obs                     ? 
_refine.ls_R_I_factor_obs                        ? 
_refine.ls_redundancy_reflns_all                 ? 
_refine.ls_redundancy_reflns_obs                 ? 
_refine.ls_restrained_S_all                      ? 
_refine.ls_restrained_S_obs                      ? 
_refine.ls_shift_over_esd_max                    ? 
_refine.ls_shift_over_esd_mean                   ? 
_refine.ls_structure_factor_coef                 ? 
_refine.ls_weighting_details                     ? 
_refine.ls_weighting_scheme                      ? 
_refine.ls_wR_factor_all                         ? 
_refine.ls_wR_factor_obs                         ? 
_refine.ls_wR_factor_R_free                      ? 
_refine.ls_wR_factor_R_work                      ? 
_refine.occupancy_max                            ? 
_refine.occupancy_min                            ? 
_refine.solvent_model_details                    ? 
_refine.solvent_model_param_bsol                 ? 
_refine.solvent_model_param_ksol                 ? 
_refine.ls_R_factor_gt                           ? 
_refine.ls_goodness_of_fit_gt                    ? 
_refine.ls_goodness_of_fit_ref                   ? 
_refine.ls_shift_over_su_max                     ? 
_refine.ls_shift_over_su_max_lt                  ? 
_refine.ls_shift_over_su_mean                    ? 
_refine.ls_shift_over_su_mean_lt                 ? 
_refine.pdbx_ls_sigma_I                          ? 
_refine.pdbx_ls_sigma_F                          ? 
_refine.pdbx_ls_sigma_Fsqd                       ? 
_refine.pdbx_data_cutoff_high_absF               ? 
_refine.pdbx_data_cutoff_high_rms_absF           ? 
_refine.pdbx_data_cutoff_low_absF                ? 
_refine.pdbx_isotropic_thermal_model             ? 
_refine.pdbx_ls_cross_valid_method               THROUGHOUT 
_refine.pdbx_method_to_determine_struct          'MOLECULAR REPLACEMENT' 
_refine.pdbx_starting_model                      4JV6 
_refine.pdbx_stereochemistry_target_values       ? 
_refine.pdbx_R_Free_selection_details            RANDOM 
_refine.pdbx_stereochem_target_val_spec_case     ? 
_refine.pdbx_overall_ESU_R                       0.417 
_refine.pdbx_overall_ESU_R_Free                  0.269 
_refine.pdbx_solvent_vdw_probe_radii             1.20 
_refine.pdbx_solvent_ion_probe_radii             0.80 
_refine.pdbx_solvent_shrinkage_radii             0.80 
_refine.pdbx_real_space_R                        ? 
_refine.pdbx_density_correlation                 ? 
_refine.pdbx_pd_number_of_powder_patterns        ? 
_refine.pdbx_pd_number_of_points                 ? 
_refine.pdbx_pd_meas_number_of_points            ? 
_refine.pdbx_pd_proc_ls_prof_R_factor            ? 
_refine.pdbx_pd_proc_ls_prof_wR_factor           ? 
_refine.pdbx_pd_Marquardt_correlation_coeff      ? 
_refine.pdbx_pd_Fsqrd_R_factor                   ? 
_refine.pdbx_pd_ls_matrix_band_width             ? 
_refine.pdbx_overall_phase_error                 ? 
_refine.pdbx_overall_SU_R_free_Cruickshank_DPI   ? 
_refine.pdbx_overall_SU_R_free_Blow_DPI          ? 
_refine.pdbx_overall_SU_R_Blow_DPI               ? 
_refine.pdbx_TLS_residual_ADP_flag               ? 
_refine.pdbx_diffrn_id                           1 
_refine.overall_SU_B                             8.331 
_refine.overall_SU_ML                            0.187 
_refine.overall_SU_R_Cruickshank_DPI             ? 
_refine.overall_SU_R_free                        ? 
_refine.overall_FOM_free_R_set                   ? 
_refine.overall_FOM_work_R_set                   ? 
_refine.pdbx_average_fsc_overall                 ? 
_refine.pdbx_average_fsc_work                    ? 
_refine.pdbx_average_fsc_free                    ? 
# 
_refine_hist.pdbx_refine_id                   'X-RAY DIFFRACTION' 
_refine_hist.cycle_id                         1 
_refine_hist.pdbx_number_atoms_protein        1209 
_refine_hist.pdbx_number_atoms_nucleic_acid   0 
_refine_hist.pdbx_number_atoms_ligand         48 
_refine_hist.number_atoms_solvent             23 
_refine_hist.number_atoms_total               1280 
_refine_hist.d_res_high                       2.50 
_refine_hist.d_res_low                        48.11 
# 
loop_
_refine_ls_restr.pdbx_refine_id 
_refine_ls_restr.criterion 
_refine_ls_restr.dev_ideal 
_refine_ls_restr.dev_ideal_target 
_refine_ls_restr.number 
_refine_ls_restr.rejects 
_refine_ls_restr.type 
_refine_ls_restr.weight 
_refine_ls_restr.pdbx_restraint_function 
'X-RAY DIFFRACTION' ? 0.015  0.020  1303 ? r_bond_refined_d             ? ? 
'X-RAY DIFFRACTION' ? 0.002  0.020  1235 ? r_bond_other_d               ? ? 
'X-RAY DIFFRACTION' ? 1.715  2.000  1759 ? r_angle_refined_deg          ? ? 
'X-RAY DIFFRACTION' ? 0.866  3.007  2835 ? r_angle_other_deg            ? ? 
'X-RAY DIFFRACTION' ? 7.626  5.000  150  ? r_dihedral_angle_1_deg       ? ? 
'X-RAY DIFFRACTION' ? 45.183 23.934 61   ? r_dihedral_angle_2_deg       ? ? 
'X-RAY DIFFRACTION' ? 14.129 15.000 235  ? r_dihedral_angle_3_deg       ? ? 
'X-RAY DIFFRACTION' ? 28.429 15.000 9    ? r_dihedral_angle_4_deg       ? ? 
'X-RAY DIFFRACTION' ? 0.092  0.200  186  ? r_chiral_restr               ? ? 
'X-RAY DIFFRACTION' ? 0.008  0.020  1451 ? r_gen_planes_refined         ? ? 
'X-RAY DIFFRACTION' ? 0.002  0.020  328  ? r_gen_planes_other           ? ? 
'X-RAY DIFFRACTION' ? ?      ?      ?    ? r_nbd_refined                ? ? 
'X-RAY DIFFRACTION' ? ?      ?      ?    ? r_nbd_other                  ? ? 
'X-RAY DIFFRACTION' ? ?      ?      ?    ? r_nbtor_refined              ? ? 
'X-RAY DIFFRACTION' ? ?      ?      ?    ? r_nbtor_other                ? ? 
'X-RAY DIFFRACTION' ? ?      ?      ?    ? r_xyhbond_nbd_refined        ? ? 
'X-RAY DIFFRACTION' ? ?      ?      ?    ? r_xyhbond_nbd_other          ? ? 
'X-RAY DIFFRACTION' ? ?      ?      ?    ? r_metal_ion_refined          ? ? 
'X-RAY DIFFRACTION' ? ?      ?      ?    ? r_metal_ion_other            ? ? 
'X-RAY DIFFRACTION' ? ?      ?      ?    ? r_symmetry_vdw_refined       ? ? 
'X-RAY DIFFRACTION' ? ?      ?      ?    ? r_symmetry_vdw_other         ? ? 
'X-RAY DIFFRACTION' ? ?      ?      ?    ? r_symmetry_hbond_refined     ? ? 
'X-RAY DIFFRACTION' ? ?      ?      ?    ? r_symmetry_hbond_other       ? ? 
'X-RAY DIFFRACTION' ? ?      ?      ?    ? r_symmetry_metal_ion_refined ? ? 
'X-RAY DIFFRACTION' ? ?      ?      ?    ? r_symmetry_metal_ion_other   ? ? 
'X-RAY DIFFRACTION' ? 5.225  6.165  594  ? r_mcbond_it                  ? ? 
'X-RAY DIFFRACTION' ? 5.218  6.164  593  ? r_mcbond_other               ? ? 
'X-RAY DIFFRACTION' ? 6.667  9.219  740  ? r_mcangle_it                 ? ? 
'X-RAY DIFFRACTION' ? 6.665  9.220  741  ? r_mcangle_other              ? ? 
'X-RAY DIFFRACTION' ? 6.627  6.795  709  ? r_scbond_it                  ? ? 
'X-RAY DIFFRACTION' ? 6.623  6.798  710  ? r_scbond_other               ? ? 
'X-RAY DIFFRACTION' ? ?      ?      ?    ? r_scangle_it                 ? ? 
'X-RAY DIFFRACTION' ? 9.440  9.926  1018 ? r_scangle_other              ? ? 
'X-RAY DIFFRACTION' ? 11.869 49.907 1453 ? r_long_range_B_refined       ? ? 
'X-RAY DIFFRACTION' ? 11.885 49.873 1446 ? r_long_range_B_other         ? ? 
'X-RAY DIFFRACTION' ? ?      ?      ?    ? r_rigid_bond_restr           ? ? 
'X-RAY DIFFRACTION' ? ?      ?      ?    ? r_sphericity_free            ? ? 
'X-RAY DIFFRACTION' ? ?      ?      ?    ? r_sphericity_bonded          ? ? 
# 
_refine_ls_shell.pdbx_refine_id                   'X-RAY DIFFRACTION' 
_refine_ls_shell.d_res_high                       2.498 
_refine_ls_shell.d_res_low                        2.563 
_refine_ls_shell.number_reflns_all                ? 
_refine_ls_shell.number_reflns_obs                ? 
_refine_ls_shell.number_reflns_R_free             28 
_refine_ls_shell.number_reflns_R_work             499 
_refine_ls_shell.percent_reflns_obs               97.59 
_refine_ls_shell.percent_reflns_R_free            ? 
_refine_ls_shell.R_factor_all                     ? 
_refine_ls_shell.R_factor_obs                     ? 
_refine_ls_shell.R_factor_R_free                  0.346 
_refine_ls_shell.R_factor_R_free_error            ? 
_refine_ls_shell.R_factor_R_work                  0.261 
_refine_ls_shell.redundancy_reflns_all            ? 
_refine_ls_shell.redundancy_reflns_obs            ? 
_refine_ls_shell.wR_factor_all                    ? 
_refine_ls_shell.wR_factor_obs                    ? 
_refine_ls_shell.wR_factor_R_free                 ? 
_refine_ls_shell.wR_factor_R_work                 ? 
_refine_ls_shell.pdbx_total_number_of_bins_used   20 
_refine_ls_shell.pdbx_phase_error                 ? 
_refine_ls_shell.pdbx_fsc_work                    ? 
_refine_ls_shell.pdbx_fsc_free                    ? 
# 
_struct.entry_id                     5X73 
_struct.title                        'The crystal Structure PDE delta in complex with R-p9' 
_struct.pdbx_model_details           ? 
_struct.pdbx_formula_weight          ? 
_struct.pdbx_formula_weight_method   ? 
_struct.pdbx_model_type_details      ? 
_struct.pdbx_CASP_flag               N 
# 
_struct_keywords.entry_id        5X73 
_struct_keywords.text            'LIPID BINDING PROTEIN' 
_struct_keywords.pdbx_keywords   'LIPID BINDING PROTEIN' 
# 
loop_
_struct_asym.id 
_struct_asym.pdbx_blank_PDB_chainid_flag 
_struct_asym.pdbx_modified 
_struct_asym.entity_id 
_struct_asym.details 
A N N 1 ? 
B N N 2 ? 
C N N 2 ? 
D N N 3 ? 
# 
loop_
_struct_conf.conf_type_id 
_struct_conf.id 
_struct_conf.pdbx_PDB_helix_id 
_struct_conf.beg_label_comp_id 
_struct_conf.beg_label_asym_id 
_struct_conf.beg_label_seq_id 
_struct_conf.pdbx_beg_PDB_ins_code 
_struct_conf.end_label_comp_id 
_struct_conf.end_label_asym_id 
_struct_conf.end_label_seq_id 
_struct_conf.pdbx_end_PDB_ins_code 
_struct_conf.beg_auth_comp_id 
_struct_conf.beg_auth_asym_id 
_struct_conf.beg_auth_seq_id 
_struct_conf.end_auth_comp_id 
_struct_conf.end_auth_asym_id 
_struct_conf.end_auth_seq_id 
_struct_conf.pdbx_PDB_helix_class 
_struct_conf.details 
_struct_conf.pdbx_PDB_helix_length 
HELX_P HELX_P1 AA1 SER A 2   ? GLY A 14  ? SER A 2   GLY A 14  1 ? 13 
HELX_P HELX_P2 AA2 LYS A 52  ? CYS A 56  ? LYS A 52  CYS A 56  5 ? 5  
HELX_P HELX_P3 AA3 PRO A 119 ? THR A 124 ? PRO A 119 THR A 124 1 ? 6  
# 
_struct_conf_type.id          HELX_P 
_struct_conf_type.criteria    ? 
_struct_conf_type.reference   ? 
# 
loop_
_struct_sheet.id 
_struct_sheet.type 
_struct_sheet.number_strands 
_struct_sheet.details 
AA1 ? 4 ? 
AA2 ? 5 ? 
# 
loop_
_struct_sheet_order.sheet_id 
_struct_sheet_order.range_id_1 
_struct_sheet_order.range_id_2 
_struct_sheet_order.offset 
_struct_sheet_order.sense 
AA1 1 2 ? anti-parallel 
AA1 2 3 ? anti-parallel 
AA1 3 4 ? anti-parallel 
AA2 1 2 ? parallel      
AA2 2 3 ? anti-parallel 
AA2 3 4 ? anti-parallel 
AA2 4 5 ? anti-parallel 
# 
loop_
_struct_sheet_range.sheet_id 
_struct_sheet_range.id 
_struct_sheet_range.beg_label_comp_id 
_struct_sheet_range.beg_label_asym_id 
_struct_sheet_range.beg_label_seq_id 
_struct_sheet_range.pdbx_beg_PDB_ins_code 
_struct_sheet_range.end_label_comp_id 
_struct_sheet_range.end_label_asym_id 
_struct_sheet_range.end_label_seq_id 
_struct_sheet_range.pdbx_end_PDB_ins_code 
_struct_sheet_range.beg_auth_comp_id 
_struct_sheet_range.beg_auth_asym_id 
_struct_sheet_range.beg_auth_seq_id 
_struct_sheet_range.end_auth_comp_id 
_struct_sheet_range.end_auth_asym_id 
_struct_sheet_range.end_auth_seq_id 
AA1 1 ILE A 30  ? GLY A 34  ? ILE A 30  GLY A 34  
AA1 2 PHE A 15  ? ASP A 24  ? PHE A 15  ASP A 24  
AA1 3 ALA A 58  ? SER A 67  ? ALA A 58  SER A 67  
AA1 4 SER A 101 ? GLU A 110 ? SER A 101 GLU A 110 
AA2 1 GLU A 44  ? PRO A 50  ? GLU A 44  PRO A 50  
AA2 2 LEU A 138 ? VAL A 150 ? LEU A 138 VAL A 150 
AA2 3 VAL A 127 ? ASP A 135 ? VAL A 127 ASP A 135 
AA2 4 MET A 71  ? PHE A 82  ? MET A 71  PHE A 82  
AA2 5 GLN A 85  ? VAL A 97  ? GLN A 85  VAL A 97  
# 
loop_
_pdbx_struct_sheet_hbond.sheet_id 
_pdbx_struct_sheet_hbond.range_id_1 
_pdbx_struct_sheet_hbond.range_id_2 
_pdbx_struct_sheet_hbond.range_1_label_atom_id 
_pdbx_struct_sheet_hbond.range_1_label_comp_id 
_pdbx_struct_sheet_hbond.range_1_label_asym_id 
_pdbx_struct_sheet_hbond.range_1_label_seq_id 
_pdbx_struct_sheet_hbond.range_1_PDB_ins_code 
_pdbx_struct_sheet_hbond.range_1_auth_atom_id 
_pdbx_struct_sheet_hbond.range_1_auth_comp_id 
_pdbx_struct_sheet_hbond.range_1_auth_asym_id 
_pdbx_struct_sheet_hbond.range_1_auth_seq_id 
_pdbx_struct_sheet_hbond.range_2_label_atom_id 
_pdbx_struct_sheet_hbond.range_2_label_comp_id 
_pdbx_struct_sheet_hbond.range_2_label_asym_id 
_pdbx_struct_sheet_hbond.range_2_label_seq_id 
_pdbx_struct_sheet_hbond.range_2_PDB_ins_code 
_pdbx_struct_sheet_hbond.range_2_auth_atom_id 
_pdbx_struct_sheet_hbond.range_2_auth_comp_id 
_pdbx_struct_sheet_hbond.range_2_auth_asym_id 
_pdbx_struct_sheet_hbond.range_2_auth_seq_id 
AA1 1 2 O LEU A 31  ? O LEU A 31  N LEU A 22  ? N LEU A 22  
AA1 2 3 N ARG A 23  ? N ARG A 23  O SER A 60  ? O SER A 60  
AA1 3 4 N VAL A 59  ? N VAL A 59  O ILE A 109 ? O ILE A 109 
AA2 1 2 N HIS A 45  ? N HIS A 45  O ARG A 146 ? O ARG A 146 
AA2 2 3 O SER A 143 ? O SER A 143 N THR A 131 ? N THR A 131 
AA2 3 4 O ILE A 128 ? O ILE A 128 N TYR A 81  ? N TYR A 81  
AA2 4 5 N MET A 71  ? N MET A 71  O VAL A 97  ? O VAL A 97  
# 
loop_
_struct_site.id 
_struct_site.pdbx_evidence_code 
_struct_site.pdbx_auth_asym_id 
_struct_site.pdbx_auth_comp_id 
_struct_site.pdbx_auth_seq_id 
_struct_site.pdbx_auth_ins_code 
_struct_site.pdbx_num_residues 
_struct_site.details 
AC1 Software A P59 201 ? 8  'binding site for residue P59 A 201' 
AC2 Software A P59 202 ? 11 'binding site for residue P59 A 202' 
# 
loop_
_struct_site_gen.id 
_struct_site_gen.site_id 
_struct_site_gen.pdbx_num_res 
_struct_site_gen.label_comp_id 
_struct_site_gen.label_asym_id 
_struct_site_gen.label_seq_id 
_struct_site_gen.pdbx_auth_ins_code 
_struct_site_gen.auth_comp_id 
_struct_site_gen.auth_asym_id 
_struct_site_gen.auth_seq_id 
_struct_site_gen.label_atom_id 
_struct_site_gen.label_alt_id 
_struct_site_gen.symmetry 
_struct_site_gen.details 
1  AC1 8  MET A 20  ? MET A 20  . ? 1_555 ? 
2  AC1 8  LEU A 22  ? LEU A 22  . ? 1_555 ? 
3  AC1 8  ARG A 61  ? ARG A 61  . ? 1_555 ? 
4  AC1 8  GLN A 78  ? GLN A 78  . ? 1_555 ? 
5  AC1 8  TRP A 90  ? TRP A 90  . ? 1_555 ? 
6  AC1 8  ILE A 129 ? ILE A 129 . ? 1_555 ? 
7  AC1 8  VAL A 145 ? VAL A 145 . ? 1_555 ? 
8  AC1 8  P59 C .   ? P59 A 202 . ? 1_555 ? 
9  AC2 11 ILE A 53  ? ILE A 53  . ? 1_555 ? 
10 AC2 11 CYS A 56  ? CYS A 56  . ? 1_555 ? 
11 AC2 11 VAL A 80  ? VAL A 80  . ? 1_555 ? 
12 AC2 11 GLU A 88  ? GLU A 88  . ? 1_555 ? 
13 AC2 11 TRP A 90  ? TRP A 90  . ? 1_555 ? 
14 AC2 11 ILE A 109 ? ILE A 109 . ? 1_555 ? 
15 AC2 11 ALA A 111 ? ALA A 111 . ? 1_555 ? 
16 AC2 11 MET A 117 ? MET A 117 . ? 1_555 ? 
17 AC2 11 LEU A 147 ? LEU A 147 . ? 1_555 ? 
18 AC2 11 TYR A 149 ? TYR A 149 . ? 1_555 ? 
19 AC2 11 P59 B .   ? P59 A 201 . ? 1_555 ? 
# 
_atom_sites.entry_id                    5X73 
_atom_sites.fract_transf_matrix[1][1]   -0.00659629 
_atom_sites.fract_transf_matrix[1][2]   -0.01943208 
_atom_sites.fract_transf_matrix[1][3]   -0.00331205 
_atom_sites.fract_transf_matrix[2][1]   0.01302259 
_atom_sites.fract_transf_matrix[2][2]   -0.01598691 
_atom_sites.fract_transf_matrix[2][3]   0.00263249 
_atom_sites.fract_transf_matrix[3][1]   -0.00241199 
_atom_sites.fract_transf_matrix[3][2]   -0.00059699 
_atom_sites.fract_transf_matrix[3][3]   0.00830631 
_atom_sites.fract_transf_vector[1]      0.152536 
_atom_sites.fract_transf_vector[2]      -0.412274 
_atom_sites.fract_transf_vector[3]      0.089451 
# 
loop_
_atom_type.symbol 
C 
F 
N 
O 
S 
# 
loop_
_atom_site.group_PDB 
_atom_site.id 
_atom_site.type_symbol 
_atom_site.label_atom_id 
_atom_site.label_alt_id 
_atom_site.label_comp_id 
_atom_site.label_asym_id 
_atom_site.label_entity_id 
_atom_site.label_seq_id 
_atom_site.pdbx_PDB_ins_code 
_atom_site.Cartn_x 
_atom_site.Cartn_y 
_atom_site.Cartn_z 
_atom_site.occupancy 
_atom_site.B_iso_or_equiv 
_atom_site.pdbx_formal_charge 
_atom_site.auth_seq_id 
_atom_site.auth_comp_id 
_atom_site.auth_asym_id 
_atom_site.auth_atom_id 
_atom_site.pdbx_PDB_model_num 
ATOM   1    N N   . MET A 1 1   ? -22.028 15.048  -9.573  1.00 93.84  ? 1   MET A N   1 
ATOM   2    C CA  . MET A 1 1   ? -21.467 13.754  -10.098 1.00 86.47  ? 1   MET A CA  1 
ATOM   3    C C   . MET A 1 1   ? -20.837 13.948  -11.491 1.00 80.03  ? 1   MET A C   1 
ATOM   4    O O   . MET A 1 1   ? -21.556 14.087  -12.484 1.00 75.42  ? 1   MET A O   1 
ATOM   5    C CB  . MET A 1 1   ? -22.570 12.678  -10.134 1.00 92.47  ? 1   MET A CB  1 
ATOM   6    C CG  . MET A 1 1   ? -22.066 11.257  -10.324 1.00 94.41  ? 1   MET A CG  1 
ATOM   7    S SD  . MET A 1 1   ? -20.965 10.733  -8.999  1.00 103.96 ? 1   MET A SD  1 
ATOM   8    C CE  . MET A 1 1   ? -20.361 9.174   -9.621  1.00 100.52 ? 1   MET A CE  1 
ATOM   9    N N   . SER A 1 2   ? -19.500 14.000  -11.562 1.00 69.91  ? 2   SER A N   1 
ATOM   10   C CA  . SER A 1 2   ? -18.796 14.165  -12.843 1.00 70.71  ? 2   SER A CA  1 
ATOM   11   C C   . SER A 1 2   ? -18.463 12.814  -13.495 1.00 73.20  ? 2   SER A C   1 
ATOM   12   O O   . SER A 1 2   ? -18.526 11.745  -12.881 1.00 68.54  ? 2   SER A O   1 
ATOM   13   C CB  . SER A 1 2   ? -17.476 14.915  -12.639 1.00 73.66  ? 2   SER A CB  1 
ATOM   14   O OG  . SER A 1 2   ? -16.819 14.412  -11.489 1.00 71.41  ? 2   SER A OG  1 
ATOM   15   N N   . ALA A 1 3   ? -18.080 12.906  -14.751 1.00 65.56  ? 3   ALA A N   1 
ATOM   16   C CA  . ALA A 1 3   ? -17.602 11.778  -15.508 1.00 77.65  ? 3   ALA A CA  1 
ATOM   17   C C   . ALA A 1 3   ? -16.346 11.131  -14.866 1.00 81.93  ? 3   ALA A C   1 
ATOM   18   O O   . ALA A 1 3   ? -16.206 9.897   -14.848 1.00 68.34  ? 3   ALA A O   1 
ATOM   19   C CB  . ALA A 1 3   ? -17.312 12.225  -16.933 1.00 67.19  ? 3   ALA A CB  1 
ATOM   20   N N   . LYS A 1 4   ? -15.459 11.978  -14.352 1.00 80.63  ? 4   LYS A N   1 
ATOM   21   C CA  . LYS A 1 4   ? -14.269 11.541  -13.648 1.00 80.79  ? 4   LYS A CA  1 
ATOM   22   C C   . LYS A 1 4   ? -14.636 10.739  -12.406 1.00 71.30  ? 4   LYS A C   1 
ATOM   23   O O   . LYS A 1 4   ? -14.052 9.707   -12.144 1.00 66.84  ? 4   LYS A O   1 
ATOM   24   C CB  . LYS A 1 4   ? -13.405 12.748  -13.278 1.00 83.60  ? 4   LYS A CB  1 
ATOM   25   C CG  . LYS A 1 4   ? -12.705 13.330  -14.493 1.00 97.80  ? 4   LYS A CG  1 
ATOM   26   C CD  . LYS A 1 4   ? -11.820 14.513  -14.141 1.00 112.81 ? 4   LYS A CD  1 
ATOM   27   C CE  . LYS A 1 4   ? -10.424 14.065  -13.743 1.00 116.20 ? 4   LYS A CE  1 
ATOM   28   N NZ  . LYS A 1 4   ? -9.678  15.152  -13.053 1.00 123.93 ? 4   LYS A NZ  1 
ATOM   29   N N   . ASP A 1 5   ? -15.628 11.222  -11.667 1.00 67.42  ? 5   ASP A N   1 
ATOM   30   C CA  . ASP A 1 5   ? -16.129 10.535  -10.498 1.00 62.49  ? 5   ASP A CA  1 
ATOM   31   C C   . ASP A 1 5   ? -16.627 9.110   -10.777 1.00 68.00  ? 5   ASP A C   1 
ATOM   32   O O   . ASP A 1 5   ? -16.397 8.171   -9.976  1.00 58.66  ? 5   ASP A O   1 
ATOM   33   C CB  . ASP A 1 5   ? -17.260 11.336  -9.872  1.00 66.15  ? 5   ASP A CB  1 
ATOM   34   C CG  . ASP A 1 5   ? -16.751 12.534  -9.048  1.00 82.25  ? 5   ASP A CG  1 
ATOM   35   O OD1 . ASP A 1 5   ? -15.685 12.387  -8.416  1.00 81.96  ? 5   ASP A OD1 1 
ATOM   36   O OD2 . ASP A 1 5   ? -17.418 13.607  -9.024  1.00 75.38  ? 5   ASP A OD2 1 
ATOM   37   N N   . GLU A 1 6   ? -17.307 8.992   -11.906 1.00 57.01  ? 6   GLU A N   1 
ATOM   38   C CA  . GLU A 1 6   ? -18.016 7.829   -12.285 1.00 58.70  ? 6   GLU A CA  1 
ATOM   39   C C   . GLU A 1 6   ? -17.000 6.772   -12.732 1.00 56.13  ? 6   GLU A C   1 
ATOM   40   O O   . GLU A 1 6   ? -17.158 5.614   -12.477 1.00 49.27  ? 6   GLU A O   1 
ATOM   41   C CB  . GLU A 1 6   ? -18.929 8.221   -13.419 1.00 62.51  ? 6   GLU A CB  1 
ATOM   42   C CG  . GLU A 1 6   ? -19.758 7.112   -13.995 1.00 76.29  ? 6   GLU A CG  1 
ATOM   43   C CD  . GLU A 1 6   ? -20.772 6.603   -13.019 1.00 95.76  ? 6   GLU A CD  1 
ATOM   44   O OE1 . GLU A 1 6   ? -21.184 7.384   -12.118 1.00 103.26 ? 6   GLU A OE1 1 
ATOM   45   O OE2 . GLU A 1 6   ? -21.146 5.418   -13.164 1.00 107.84 ? 6   GLU A OE2 1 
ATOM   46   N N   . ARG A 1 7   ? -15.965 7.229   -13.407 1.00 49.68  ? 7   ARG A N   1 
ATOM   47   C CA  . ARG A 1 7   ? -14.887 6.413   -13.887 1.00 56.38  ? 7   ARG A CA  1 
ATOM   48   C C   . ARG A 1 7   ? -14.146 5.772   -12.717 1.00 62.03  ? 7   ARG A C   1 
ATOM   49   O O   . ARG A 1 7   ? -13.955 4.548   -12.701 1.00 54.61  ? 7   ARG A O   1 
ATOM   50   C CB  . ARG A 1 7   ? -13.930 7.285   -14.734 1.00 58.05  ? 7   ARG A CB  1 
ATOM   51   C CG  . ARG A 1 7   ? -12.753 6.559   -15.393 1.00 63.59  ? 7   ARG A CG  1 
ATOM   52   C CD  . ARG A 1 7   ? -13.205 5.590   -16.470 1.00 67.04  ? 7   ARG A CD  1 
ATOM   53   N NE  . ARG A 1 7   ? -12.160 4.638   -16.838 1.00 72.73  ? 7   ARG A NE  1 
ATOM   54   C CZ  . ARG A 1 7   ? -12.314 3.313   -16.994 1.00 67.73  ? 7   ARG A CZ  1 
ATOM   55   N NH1 . ARG A 1 7   ? -13.490 2.699   -16.839 1.00 66.65  ? 7   ARG A NH1 1 
ATOM   56   N NH2 . ARG A 1 7   ? -11.260 2.587   -17.310 1.00 57.84  ? 7   ARG A NH2 1 
ATOM   57   N N   . ALA A 1 8   ? -13.757 6.618   -11.754 1.00 51.08  ? 8   ALA A N   1 
ATOM   58   C CA  . ALA A 1 8   ? -13.085 6.194   -10.548 1.00 57.71  ? 8   ALA A CA  1 
ATOM   59   C C   . ALA A 1 8   ? -13.834 5.083   -9.840  1.00 49.94  ? 8   ALA A C   1 
ATOM   60   O O   . ALA A 1 8   ? -13.241 4.145   -9.368  1.00 46.82  ? 8   ALA A O   1 
ATOM   61   C CB  . ALA A 1 8   ? -12.890 7.365   -9.596  1.00 58.00  ? 8   ALA A CB  1 
ATOM   62   N N   . ARG A 1 9   ? -15.137 5.202   -9.775  1.00 48.29  ? 9   ARG A N   1 
ATOM   63   C CA  . ARG A 1 9   ? -15.944 4.203   -9.110  1.00 54.94  ? 9   ARG A CA  1 
ATOM   64   C C   . ARG A 1 9   ? -15.958 2.892   -9.899  1.00 51.71  ? 9   ARG A C   1 
ATOM   65   O O   . ARG A 1 9   ? -15.940 1.819   -9.316  1.00 46.04  ? 9   ARG A O   1 
ATOM   66   C CB  . ARG A 1 9   ? -17.350 4.735   -8.913  1.00 58.41  ? 9   ARG A CB  1 
ATOM   67   C CG  . ARG A 1 9   ? -17.453 5.803   -7.818  1.00 58.90  ? 9   ARG A CG  1 
ATOM   68   C CD  . ARG A 1 9   ? -18.792 6.480   -7.983  1.00 65.35  ? 9   ARG A CD  1 
ATOM   69   N NE  . ARG A 1 9   ? -19.095 7.375   -6.884  1.00 74.14  ? 9   ARG A NE  1 
ATOM   70   C CZ  . ARG A 1 9   ? -20.251 7.403   -6.209  1.00 88.29  ? 9   ARG A CZ  1 
ATOM   71   N NH1 . ARG A 1 9   ? -21.284 6.586   -6.519  1.00 83.09  ? 9   ARG A NH1 1 
ATOM   72   N NH2 . ARG A 1 9   ? -20.385 8.275   -5.204  1.00 81.60  ? 9   ARG A NH2 1 
ATOM   73   N N   . GLU A 1 10  ? -15.953 2.994   -11.220 1.00 46.80  ? 10  GLU A N   1 
ATOM   74   C CA  . GLU A 1 10  ? -15.903 1.822   -12.031 1.00 53.01  ? 10  GLU A CA  1 
ATOM   75   C C   . GLU A 1 10  ? -14.555 1.107   -11.895 1.00 49.21  ? 10  GLU A C   1 
ATOM   76   O O   . GLU A 1 10  ? -14.517 -0.105  -11.856 1.00 48.08  ? 10  GLU A O   1 
ATOM   77   C CB  . GLU A 1 10  ? -16.246 2.152   -13.472 1.00 58.92  ? 10  GLU A CB  1 
ATOM   78   C CG  . GLU A 1 10  ? -16.381 0.900   -14.362 1.00 83.24  ? 10  GLU A CG  1 
ATOM   79   C CD  . GLU A 1 10  ? -17.254 -0.254  -13.784 1.00 95.23  ? 10  GLU A CD  1 
ATOM   80   O OE1 . GLU A 1 10  ? -16.692 -1.375  -13.505 1.00 87.40  ? 10  GLU A OE1 1 
ATOM   81   O OE2 . GLU A 1 10  ? -18.495 -0.035  -13.620 1.00 73.38  ? 10  GLU A OE2 1 
ATOM   82   N N   . ILE A 1 11  ? -13.467 1.870   -11.787 1.00 49.91  ? 11  ILE A N   1 
ATOM   83   C CA  . ILE A 1 11  ? -12.149 1.303   -11.622 1.00 49.14  ? 11  ILE A CA  1 
ATOM   84   C C   . ILE A 1 11  ? -12.070 0.605   -10.268 1.00 48.79  ? 11  ILE A C   1 
ATOM   85   O O   . ILE A 1 11  ? -11.549 -0.499  -10.127 1.00 50.21  ? 11  ILE A O   1 
ATOM   86   C CB  . ILE A 1 11  ? -11.054 2.385   -11.714 1.00 53.14  ? 11  ILE A CB  1 
ATOM   87   C CG1 . ILE A 1 11  ? -10.942 2.915   -13.142 1.00 53.79  ? 11  ILE A CG1 1 
ATOM   88   C CG2 . ILE A 1 11  ? -9.673  1.810   -11.369 1.00 54.86  ? 11  ILE A CG2 1 
ATOM   89   C CD1 . ILE A 1 11  ? -10.003 4.112   -13.340 1.00 50.46  ? 11  ILE A CD1 1 
ATOM   90   N N   . LEU A 1 12  ? -12.595 1.266   -9.266  1.00 44.89  ? 12  LEU A N   1 
ATOM   91   C CA  . LEU A 1 12  ? -12.631 0.686   -7.958  1.00 47.05  ? 12  LEU A CA  1 
ATOM   92   C C   . LEU A 1 12  ? -13.418 -0.633  -7.952  1.00 47.54  ? 12  LEU A C   1 
ATOM   93   O O   . LEU A 1 12  ? -12.934 -1.672  -7.493  1.00 46.13  ? 12  LEU A O   1 
ATOM   94   C CB  . LEU A 1 12  ? -13.272 1.665   -7.007  1.00 39.88  ? 12  LEU A CB  1 
ATOM   95   C CG  . LEU A 1 12  ? -13.324 1.162   -5.560  1.00 47.72  ? 12  LEU A CG  1 
ATOM   96   C CD1 . LEU A 1 12  ? -11.956 0.756   -5.032  1.00 44.67  ? 12  LEU A CD1 1 
ATOM   97   C CD2 . LEU A 1 12  ? -13.936 2.227   -4.669  1.00 43.79  ? 12  LEU A CD2 1 
ATOM   98   N N   . ARG A 1 13  ? -14.613 -0.559  -8.505  1.00 42.07  ? 13  ARG A N   1 
ATOM   99   C CA  . ARG A 1 13  ? -15.499 -1.701  -8.624  1.00 45.47  ? 13  ARG A CA  1 
ATOM   100  C C   . ARG A 1 13  ? -14.806 -2.922  -9.243  1.00 44.32  ? 13  ARG A C   1 
ATOM   101  O O   . ARG A 1 13  ? -14.953 -4.025  -8.782  1.00 44.18  ? 13  ARG A O   1 
ATOM   102  C CB  . ARG A 1 13  ? -16.705 -1.321  -9.460  1.00 37.80  ? 13  ARG A CB  1 
ATOM   103  C CG  . ARG A 1 13  ? -17.658 -2.422  -9.560  1.00 38.72  ? 13  ARG A CG  1 
ATOM   104  C CD  . ARG A 1 13  ? -18.905 -2.038  -10.338 1.00 46.08  ? 13  ARG A CD  1 
ATOM   105  N NE  . ARG A 1 13  ? -19.667 -3.231  -10.568 1.00 46.06  ? 13  ARG A NE  1 
ATOM   106  C CZ  . ARG A 1 13  ? -20.387 -3.851  -9.633  1.00 53.59  ? 13  ARG A CZ  1 
ATOM   107  N NH1 . ARG A 1 13  ? -20.513 -3.336  -8.412  1.00 60.59  ? 13  ARG A NH1 1 
ATOM   108  N NH2 . ARG A 1 13  ? -21.024 -4.981  -9.928  1.00 47.81  ? 13  ARG A NH2 1 
ATOM   109  N N   . GLY A 1 14  ? -13.997 -2.681  -10.245 1.00 42.77  ? 14  GLY A N   1 
ATOM   110  C CA  . GLY A 1 14  ? -13.330 -3.748  -10.898 1.00 46.26  ? 14  GLY A CA  1 
ATOM   111  C C   . GLY A 1 14  ? -11.978 -4.050  -10.322 1.00 49.19  ? 14  GLY A C   1 
ATOM   112  O O   . GLY A 1 14  ? -11.259 -4.821  -10.916 1.00 45.45  ? 14  GLY A O   1 
ATOM   113  N N   . PHE A 1 15  ? -11.605 -3.434  -9.203  1.00 46.71  ? 15  PHE A N   1 
ATOM   114  C CA  . PHE A 1 15  ? -10.268 -3.601  -8.723  1.00 44.88  ? 15  PHE A CA  1 
ATOM   115  C C   . PHE A 1 15  ? -10.271 -4.536  -7.529  1.00 45.49  ? 15  PHE A C   1 
ATOM   116  O O   . PHE A 1 15  ? -11.119 -4.448  -6.647  1.00 45.87  ? 15  PHE A O   1 
ATOM   117  C CB  . PHE A 1 15  ? -9.634  -2.264  -8.366  1.00 48.60  ? 15  PHE A CB  1 
ATOM   118  C CG  . PHE A 1 15  ? -8.247  -2.388  -7.872  1.00 42.91  ? 15  PHE A CG  1 
ATOM   119  C CD1 . PHE A 1 15  ? -8.009  -2.673  -6.542  1.00 52.39  ? 15  PHE A CD1 1 
ATOM   120  C CD2 . PHE A 1 15  ? -7.163  -2.274  -8.741  1.00 48.56  ? 15  PHE A CD2 1 
ATOM   121  C CE1 . PHE A 1 15  ? -6.697  -2.831  -6.075  1.00 53.01  ? 15  PHE A CE1 1 
ATOM   122  C CE2 . PHE A 1 15  ? -5.845  -2.431  -8.303  1.00 44.42  ? 15  PHE A CE2 1 
ATOM   123  C CZ  . PHE A 1 15  ? -5.620  -2.726  -6.970  1.00 50.43  ? 15  PHE A CZ  1 
ATOM   124  N N   . LYS A 1 16  ? -9.267  -5.396  -7.494  1.00 48.78  ? 16  LYS A N   1 
ATOM   125  C CA  . LYS A 1 16  ? -9.114  -6.349  -6.428  1.00 55.40  ? 16  LYS A CA  1 
ATOM   126  C C   . LYS A 1 16  ? -7.628  -6.527  -6.131  1.00 52.70  ? 16  LYS A C   1 
ATOM   127  O O   . LYS A 1 16  ? -6.818  -6.790  -7.036  1.00 53.55  ? 16  LYS A O   1 
ATOM   128  C CB  . LYS A 1 16  ? -9.702  -7.672  -6.915  1.00 55.71  ? 16  LYS A CB  1 
ATOM   129  C CG  . LYS A 1 16  ? -9.449  -8.831  -6.008  1.00 61.59  ? 16  LYS A CG  1 
ATOM   130  C CD  . LYS A 1 16  ? -10.326 -8.741  -4.773  1.00 73.70  ? 16  LYS A CD  1 
ATOM   131  C CE  . LYS A 1 16  ? -10.058 -9.938  -3.869  1.00 74.91  ? 16  LYS A CE  1 
ATOM   132  N NZ  . LYS A 1 16  ? -10.901 -9.812  -2.666  1.00 73.15  ? 16  LYS A NZ  1 
ATOM   133  N N   . LEU A 1 17  ? -7.271  -6.476  -4.859  1.00 54.01  ? 17  LEU A N   1 
ATOM   134  C CA  . LEU A 1 17  ? -5.917  -6.866  -4.455  1.00 49.06  ? 17  LEU A CA  1 
ATOM   135  C C   . LEU A 1 17  ? -5.969  -8.304  -3.923  1.00 50.15  ? 17  LEU A C   1 
ATOM   136  O O   . LEU A 1 17  ? -6.626  -8.569  -2.925  1.00 51.36  ? 17  LEU A O   1 
ATOM   137  C CB  . LEU A 1 17  ? -5.369  -5.903  -3.409  1.00 53.85  ? 17  LEU A CB  1 
ATOM   138  C CG  . LEU A 1 17  ? -4.142  -6.322  -2.582  1.00 63.91  ? 17  LEU A CG  1 
ATOM   139  C CD1 . LEU A 1 17  ? -2.891  -6.503  -3.419  1.00 66.24  ? 17  LEU A CD1 1 
ATOM   140  C CD2 . LEU A 1 17  ? -3.872  -5.286  -1.520  1.00 70.71  ? 17  LEU A CD2 1 
ATOM   141  N N   . ASN A 1 18  ? -5.242  -9.202  -4.588  1.00 48.22  ? 18  ASN A N   1 
ATOM   142  C CA  . ASN A 1 18  ? -5.323  -10.645 -4.387  1.00 48.58  ? 18  ASN A CA  1 
ATOM   143  C C   . ASN A 1 18  ? -4.371  -11.189 -3.326  1.00 52.15  ? 18  ASN A C   1 
ATOM   144  O O   . ASN A 1 18  ? -4.781  -11.953 -2.474  1.00 58.25  ? 18  ASN A O   1 
ATOM   145  C CB  . ASN A 1 18  ? -4.975  -11.338 -5.687  1.00 52.47  ? 18  ASN A CB  1 
ATOM   146  C CG  . ASN A 1 18  ? -5.977  -11.062 -6.809  1.00 48.19  ? 18  ASN A CG  1 
ATOM   147  O OD1 . ASN A 1 18  ? -5.593  -10.868 -7.964  1.00 48.81  ? 18  ASN A OD1 1 
ATOM   148  N ND2 . ASN A 1 18  ? -7.245  -11.085 -6.487  1.00 54.38  ? 18  ASN A ND2 1 
ATOM   149  N N   . TRP A 1 19  ? -3.105  -10.804 -3.399  1.00 48.65  ? 19  TRP A N   1 
ATOM   150  C CA  . TRP A 1 19  ? -2.156  -11.129 -2.354  1.00 50.41  ? 19  TRP A CA  1 
ATOM   151  C C   . TRP A 1 19  ? -0.991  -10.140 -2.326  1.00 52.81  ? 19  TRP A C   1 
ATOM   152  O O   . TRP A 1 19  ? -0.772  -9.376  -3.286  1.00 50.38  ? 19  TRP A O   1 
ATOM   153  C CB  . TRP A 1 19  ? -1.644  -12.580 -2.453  1.00 58.46  ? 19  TRP A CB  1 
ATOM   154  C CG  . TRP A 1 19  ? -1.025  -12.966 -3.757  1.00 53.70  ? 19  TRP A CG  1 
ATOM   155  C CD1 . TRP A 1 19  ? -1.636  -13.640 -4.776  1.00 51.79  ? 19  TRP A CD1 1 
ATOM   156  C CD2 . TRP A 1 19  ? 0.318   -12.720 -4.188  1.00 54.07  ? 19  TRP A CD2 1 
ATOM   157  N NE1 . TRP A 1 19  ? -0.752  -13.819 -5.831  1.00 47.68  ? 19  TRP A NE1 1 
ATOM   158  C CE2 . TRP A 1 19  ? 0.450   -13.261 -5.501  1.00 53.47  ? 19  TRP A CE2 1 
ATOM   159  C CE3 . TRP A 1 19  ? 1.427   -12.107 -3.603  1.00 53.68  ? 19  TRP A CE3 1 
ATOM   160  C CZ2 . TRP A 1 19  ? 1.647   -13.180 -6.242  1.00 55.05  ? 19  TRP A CZ2 1 
ATOM   161  C CZ3 . TRP A 1 19  ? 2.622   -12.003 -4.361  1.00 57.49  ? 19  TRP A CZ3 1 
ATOM   162  C CH2 . TRP A 1 19  ? 2.722   -12.552 -5.644  1.00 51.30  ? 19  TRP A CH2 1 
ATOM   163  N N   . MET A 1 20  ? -0.281  -10.116 -1.192  1.00 50.12  ? 20  MET A N   1 
ATOM   164  C CA  . MET A 1 20  ? 0.910   -9.257  -1.044  1.00 54.15  ? 20  MET A CA  1 
ATOM   165  C C   . MET A 1 20  ? 1.900   -9.904  -0.111  1.00 52.75  ? 20  MET A C   1 
ATOM   166  O O   . MET A 1 20  ? 1.506   -10.659 0.767   1.00 56.57  ? 20  MET A O   1 
ATOM   167  C CB  . MET A 1 20  ? 0.484   -7.901  -0.476  1.00 59.26  ? 20  MET A CB  1 
ATOM   168  C CG  . MET A 1 20  ? 1.578   -6.843  -0.357  1.00 65.54  ? 20  MET A CG  1 
ATOM   169  S SD  . MET A 1 20  ? 0.965   -5.158  -0.021  1.00 66.55  ? 20  MET A SD  1 
ATOM   170  C CE  . MET A 1 20  ? -0.350  -5.384  1.164   1.00 61.16  ? 20  MET A CE  1 
ATOM   171  N N   . ASN A 1 21  ? 3.181   -9.628  -0.308  1.00 55.50  ? 21  ASN A N   1 
ATOM   172  C CA  . ASN A 1 21  ? 4.156   -9.826  0.749   1.00 60.61  ? 21  ASN A CA  1 
ATOM   173  C C   . ASN A 1 21  ? 5.264   -8.785  0.775   1.00 63.77  ? 21  ASN A C   1 
ATOM   174  O O   . ASN A 1 21  ? 5.418   -7.986  -0.149  1.00 59.19  ? 21  ASN A O   1 
ATOM   175  C CB  . ASN A 1 21  ? 4.719   -11.237 0.723   1.00 71.81  ? 21  ASN A CB  1 
ATOM   176  C CG  . ASN A 1 21  ? 5.200   -11.636 -0.628  1.00 76.80  ? 21  ASN A CG  1 
ATOM   177  O OD1 . ASN A 1 21  ? 4.637   -12.537 -1.246  1.00 87.62  ? 21  ASN A OD1 1 
ATOM   178  N ND2 . ASN A 1 21  ? 6.226   -10.976 -1.111  1.00 69.59  ? 21  ASN A ND2 1 
ATOM   179  N N   . LEU A 1 22  ? 6.018   -8.785  1.866   1.00 61.53  ? 22  LEU A N   1 
ATOM   180  C CA  . LEU A 1 22  ? 7.092   -7.815  2.053   1.00 69.10  ? 22  LEU A CA  1 
ATOM   181  C C   . LEU A 1 22  ? 8.352   -8.549  2.425   1.00 65.21  ? 22  LEU A C   1 
ATOM   182  O O   . LEU A 1 22  ? 8.285   -9.567  3.096   1.00 61.16  ? 22  LEU A O   1 
ATOM   183  C CB  . LEU A 1 22  ? 6.741   -6.866  3.190   1.00 73.25  ? 22  LEU A CB  1 
ATOM   184  C CG  . LEU A 1 22  ? 5.538   -5.950  3.011   1.00 70.64  ? 22  LEU A CG  1 
ATOM   185  C CD1 . LEU A 1 22  ? 5.279   -5.201  4.306   1.00 73.10  ? 22  LEU A CD1 1 
ATOM   186  C CD2 . LEU A 1 22  ? 5.770   -4.965  1.888   1.00 74.24  ? 22  LEU A CD2 1 
ATOM   187  N N   . ARG A 1 23  ? 9.499   -8.043  1.994   1.00 72.39  ? 23  ARG A N   1 
ATOM   188  C CA  . ARG A 1 23  ? 10.774  -8.693  2.317   1.00 72.67  ? 23  ARG A CA  1 
ATOM   189  C C   . ARG A 1 23  ? 11.850  -7.731  2.645   1.00 70.23  ? 23  ARG A C   1 
ATOM   190  O O   . ARG A 1 23  ? 11.877  -6.630  2.071   1.00 70.91  ? 23  ARG A O   1 
ATOM   191  C CB  . ARG A 1 23  ? 11.252  -9.514  1.157   1.00 79.61  ? 23  ARG A CB  1 
ATOM   192  C CG  . ARG A 1 23  ? 10.423  -10.768 0.954   1.00 92.09  ? 23  ARG A CG  1 
ATOM   193  C CD  . ARG A 1 23  ? 10.837  -11.427 -0.340  1.00 94.47  ? 23  ARG A CD  1 
ATOM   194  N NE  . ARG A 1 23  ? 9.789   -12.315 -0.791  1.00 90.82  ? 23  ARG A NE  1 
ATOM   195  C CZ  . ARG A 1 23  ? 9.376   -12.424 -2.056  1.00 108.23 ? 23  ARG A CZ  1 
ATOM   196  N NH1 . ARG A 1 23  ? 9.924   -11.683 -3.033  1.00 109.54 ? 23  ARG A NH1 1 
ATOM   197  N NH2 . ARG A 1 23  ? 8.386   -13.278 -2.350  1.00 92.04  ? 23  ARG A NH2 1 
ATOM   198  N N   . ASP A 1 24  ? 12.755  -8.153  3.545   1.00 79.01  ? 24  ASP A N   1 
ATOM   199  C CA  . ASP A 1 24  ? 14.018  -7.441  3.733   1.00 76.71  ? 24  ASP A CA  1 
ATOM   200  C C   . ASP A 1 24  ? 14.679  -7.567  2.392   1.00 79.88  ? 24  ASP A C   1 
ATOM   201  O O   . ASP A 1 24  ? 14.802  -8.659  1.841   1.00 81.74  ? 24  ASP A O   1 
ATOM   202  C CB  . ASP A 1 24  ? 14.940  -8.015  4.827   1.00 82.45  ? 24  ASP A CB  1 
ATOM   203  C CG  . ASP A 1 24  ? 16.206  -7.125  5.093   1.00 79.14  ? 24  ASP A CG  1 
ATOM   204  O OD1 . ASP A 1 24  ? 16.892  -6.713  4.145   1.00 79.81  ? 24  ASP A OD1 1 
ATOM   205  O OD2 . ASP A 1 24  ? 16.540  -6.836  6.253   1.00 86.83  ? 24  ASP A OD2 1 
ATOM   206  N N   . ALA A 1 25  ? 15.061  -6.414  1.876   1.00 70.94  ? 25  ALA A N   1 
ATOM   207  C CA  . ALA A 1 25  ? 15.750  -6.307  0.638   1.00 79.11  ? 25  ALA A CA  1 
ATOM   208  C C   . ALA A 1 25  ? 17.234  -6.763  0.726   1.00 91.49  ? 25  ALA A C   1 
ATOM   209  O O   . ALA A 1 25  ? 17.940  -6.677  -0.269  1.00 107.16 ? 25  ALA A O   1 
ATOM   210  C CB  . ALA A 1 25  ? 15.647  -4.858  0.152   1.00 74.07  ? 25  ALA A CB  1 
ATOM   211  N N   . GLU A 1 26  ? 17.719  -7.229  1.882   1.00 87.42  ? 26  GLU A N   1 
ATOM   212  C CA  . GLU A 1 26  ? 19.061  -7.858  1.986   1.00 98.22  ? 26  GLU A CA  1 
ATOM   213  C C   . GLU A 1 26  ? 18.982  -9.377  2.057   1.00 94.12  ? 26  GLU A C   1 
ATOM   214  O O   . GLU A 1 26  ? 19.602  -10.071 1.263   1.00 82.50  ? 26  GLU A O   1 
ATOM   215  C CB  . GLU A 1 26  ? 19.794  -7.366  3.232   1.00 99.01  ? 26  GLU A CB  1 
ATOM   216  C CG  . GLU A 1 26  ? 20.058  -5.881  3.251   1.00 96.86  ? 26  GLU A CG  1 
ATOM   217  C CD  . GLU A 1 26  ? 21.029  -5.497  2.174   1.00 109.59 ? 26  GLU A CD  1 
ATOM   218  O OE1 . GLU A 1 26  ? 22.250  -5.529  2.436   1.00 117.38 ? 26  GLU A OE1 1 
ATOM   219  O OE2 . GLU A 1 26  ? 20.565  -5.221  1.052   1.00 124.66 ? 26  GLU A OE2 1 
ATOM   220  N N   . THR A 1 27  ? 18.209  -9.864  3.024   1.00 94.26  ? 27  THR A N   1 
ATOM   221  C CA  . THR A 1 27  ? 17.976  -11.287 3.234   1.00 96.93  ? 27  THR A CA  1 
ATOM   222  C C   . THR A 1 27  ? 17.170  -11.874 2.085   1.00 106.06 ? 27  THR A C   1 
ATOM   223  O O   . THR A 1 27  ? 17.306  -13.067 1.753   1.00 100.62 ? 27  THR A O   1 
ATOM   224  C CB  . THR A 1 27  ? 17.120  -11.534 4.490   1.00 99.80  ? 27  THR A CB  1 
ATOM   225  O OG1 . THR A 1 27  ? 15.781  -11.086 4.249   1.00 93.10  ? 27  THR A OG1 1 
ATOM   226  C CG2 . THR A 1 27  ? 17.699  -10.838 5.723   1.00 100.77 ? 27  THR A CG2 1 
ATOM   227  N N   . GLY A 1 28  ? 16.307  -11.022 1.519   1.00 103.86 ? 28  GLY A N   1 
ATOM   228  C CA  . GLY A 1 28  ? 15.278  -11.429 0.585   1.00 98.86  ? 28  GLY A CA  1 
ATOM   229  C C   . GLY A 1 28  ? 14.212  -12.248 1.274   1.00 97.03  ? 28  GLY A C   1 
ATOM   230  O O   . GLY A 1 28  ? 13.527  -13.035 0.612   1.00 103.31 ? 28  GLY A O   1 
ATOM   231  N N   . LYS A 1 29  ? 14.065  -12.082 2.594   1.00 88.83  ? 29  LYS A N   1 
ATOM   232  C CA  . LYS A 1 29  ? 13.230  -12.982 3.375   1.00 92.87  ? 29  LYS A CA  1 
ATOM   233  C C   . LYS A 1 29  ? 11.924  -12.342 3.765   1.00 89.16  ? 29  LYS A C   1 
ATOM   234  O O   . LYS A 1 29  ? 11.833  -11.128 3.907   1.00 78.53  ? 29  LYS A O   1 
ATOM   235  C CB  . LYS A 1 29  ? 13.963  -13.498 4.606   1.00 101.92 ? 29  LYS A CB  1 
ATOM   236  C CG  . LYS A 1 29  ? 15.095  -14.455 4.239   1.00 120.47 ? 29  LYS A CG  1 
ATOM   237  C CD  . LYS A 1 29  ? 15.720  -15.069 5.483   1.00 122.22 ? 29  LYS A CD  1 
ATOM   238  C CE  . LYS A 1 29  ? 17.208  -15.366 5.326   1.00 127.05 ? 29  LYS A CE  1 
ATOM   239  N NZ  . LYS A 1 29  ? 17.915  -15.183 6.629   1.00 116.20 ? 29  LYS A NZ  1 
ATOM   240  N N   . ILE A 1 30  ? 10.923  -13.196 3.939   1.00 82.80  ? 30  ILE A N   1 
ATOM   241  C CA  . ILE A 1 30  ? 9.545   -12.782 4.168   1.00 89.76  ? 30  ILE A CA  1 
ATOM   242  C C   . ILE A 1 30  ? 9.451   -12.167 5.572   1.00 86.16  ? 30  ILE A C   1 
ATOM   243  O O   . ILE A 1 30  ? 9.853   -12.769 6.555   1.00 87.81  ? 30  ILE A O   1 
ATOM   244  C CB  . ILE A 1 30  ? 8.535   -13.974 4.039   1.00 85.55  ? 30  ILE A CB  1 
ATOM   245  C CG1 . ILE A 1 30  ? 8.641   -14.657 2.667   1.00 85.07  ? 30  ILE A CG1 1 
ATOM   246  C CG2 . ILE A 1 30  ? 7.094   -13.519 4.256   1.00 87.93  ? 30  ILE A CG2 1 
ATOM   247  C CD1 . ILE A 1 30  ? 8.149   -16.096 2.677   1.00 96.52  ? 30  ILE A CD1 1 
ATOM   248  N N   . LEU A 1 31  ? 8.936   -10.944 5.637   1.00 81.76  ? 31  LEU A N   1 
ATOM   249  C CA  . LEU A 1 31  ? 8.520   -10.321 6.883   1.00 67.32  ? 31  LEU A CA  1 
ATOM   250  C C   . LEU A 1 31  ? 7.011   -10.505 7.065   1.00 72.15  ? 31  LEU A C   1 
ATOM   251  O O   . LEU A 1 31  ? 6.538   -10.746 8.180   1.00 90.60  ? 31  LEU A O   1 
ATOM   252  C CB  . LEU A 1 31  ? 8.921   -8.830  6.887   1.00 80.92  ? 31  LEU A CB  1 
ATOM   253  C CG  . LEU A 1 31  ? 10.407  -8.509  6.540   1.00 90.02  ? 31  LEU A CG  1 
ATOM   254  C CD1 . LEU A 1 31  ? 10.678  -7.021  6.345   1.00 95.13  ? 31  LEU A CD1 1 
ATOM   255  C CD2 . LEU A 1 31  ? 11.388  -9.059  7.572   1.00 89.04  ? 31  LEU A CD2 1 
ATOM   256  N N   . TRP A 1 32  ? 6.252   -10.422 5.979   1.00 60.19  ? 32  TRP A N   1 
ATOM   257  C CA  . TRP A 1 32  ? 4.808   -10.390 6.072   1.00 55.64  ? 32  TRP A CA  1 
ATOM   258  C C   . TRP A 1 32  ? 4.196   -10.966 4.815   1.00 48.84  ? 32  TRP A C   1 
ATOM   259  O O   . TRP A 1 32  ? 4.701   -10.744 3.744   1.00 49.06  ? 32  TRP A O   1 
ATOM   260  C CB  . TRP A 1 32  ? 4.345   -8.923  6.181   1.00 53.51  ? 32  TRP A CB  1 
ATOM   261  C CG  . TRP A 1 32  ? 2.896   -8.832  6.511   1.00 51.01  ? 32  TRP A CG  1 
ATOM   262  C CD1 . TRP A 1 32  ? 2.326   -8.876  7.765   1.00 51.10  ? 32  TRP A CD1 1 
ATOM   263  C CD2 . TRP A 1 32  ? 1.844   -8.751  5.598   1.00 44.11  ? 32  TRP A CD2 1 
ATOM   264  N NE1 . TRP A 1 32  ? 0.960   -8.818  7.670   1.00 50.73  ? 32  TRP A NE1 1 
ATOM   265  C CE2 . TRP A 1 32  ? 0.636   -8.725  6.340   1.00 55.19  ? 32  TRP A CE2 1 
ATOM   266  C CE3 . TRP A 1 32  ? 1.785   -8.649  4.217   1.00 54.89  ? 32  TRP A CE3 1 
ATOM   267  C CZ2 . TRP A 1 32  ? -0.635  -8.622  5.718   1.00 55.43  ? 32  TRP A CZ2 1 
ATOM   268  C CZ3 . TRP A 1 32  ? 0.512   -8.574  3.596   1.00 57.05  ? 32  TRP A CZ3 1 
ATOM   269  C CH2 . TRP A 1 32  ? -0.668  -8.563  4.351   1.00 51.17  ? 32  TRP A CH2 1 
ATOM   270  N N   . GLN A 1 33  ? 3.058   -11.614 4.924   1.00 49.09  ? 33  GLN A N   1 
ATOM   271  C CA  . GLN A 1 33  ? 2.337   -11.939 3.730   1.00 59.22  ? 33  GLN A CA  1 
ATOM   272  C C   . GLN A 1 33  ? 0.871   -12.103 4.060   1.00 61.77  ? 33  GLN A C   1 
ATOM   273  O O   . GLN A 1 33  ? 0.528   -12.440 5.175   1.00 69.95  ? 33  GLN A O   1 
ATOM   274  C CB  . GLN A 1 33  ? 2.912   -13.205 3.092   1.00 68.20  ? 33  GLN A CB  1 
ATOM   275  C CG  . GLN A 1 33  ? 2.759   -14.436 3.952   1.00 84.87  ? 33  GLN A CG  1 
ATOM   276  C CD  . GLN A 1 33  ? 3.112   -15.683 3.184   1.00 100.56 ? 33  GLN A CD  1 
ATOM   277  O OE1 . GLN A 1 33  ? 4.261   -15.856 2.763   1.00 90.72  ? 33  GLN A OE1 1 
ATOM   278  N NE2 . GLN A 1 33  ? 2.123   -16.557 2.978   1.00 110.12 ? 33  GLN A NE2 1 
ATOM   279  N N   . GLY A 1 34  ? -0.005  -11.866 3.094   1.00 59.08  ? 34  GLY A N   1 
ATOM   280  C CA  . GLY A 1 34  ? -1.430  -11.974 3.386   1.00 63.45  ? 34  GLY A CA  1 
ATOM   281  C C   . GLY A 1 34  ? -2.219  -12.045 2.117   1.00 62.47  ? 34  GLY A C   1 
ATOM   282  O O   . GLY A 1 34  ? -1.687  -11.849 1.037   1.00 65.99  ? 34  GLY A O   1 
ATOM   283  N N   . THR A 1 35  ? -3.495  -12.330 2.274   1.00 66.65  ? 35  THR A N   1 
ATOM   284  C CA  . THR A 1 35  ? -4.471  -12.286 1.185   1.00 72.69  ? 35  THR A CA  1 
ATOM   285  C C   . THR A 1 35  ? -5.679  -11.426 1.540   1.00 67.85  ? 35  THR A C   1 
ATOM   286  O O   . THR A 1 35  ? -6.704  -11.506 0.868   1.00 68.98  ? 35  THR A O   1 
ATOM   287  C CB  . THR A 1 35  ? -4.939  -13.719 0.845   1.00 72.36  ? 35  THR A CB  1 
ATOM   288  O OG1 . THR A 1 35  ? -5.577  -14.302 1.989   1.00 63.35  ? 35  THR A OG1 1 
ATOM   289  C CG2 . THR A 1 35  ? -3.739  -14.579 0.439   1.00 67.11  ? 35  THR A CG2 1 
ATOM   290  N N   . GLU A 1 36  ? -5.569  -10.630 2.609   1.00 70.53  ? 36  GLU A N   1 
ATOM   291  C CA  . GLU A 1 36  ? -6.635  -9.737  3.002   1.00 74.66  ? 36  GLU A CA  1 
ATOM   292  C C   . GLU A 1 36  ? -6.491  -8.570  2.026   1.00 71.07  ? 36  GLU A C   1 
ATOM   293  O O   . GLU A 1 36  ? -5.400  -8.062  1.816   1.00 72.93  ? 36  GLU A O   1 
ATOM   294  C CB  . GLU A 1 36  ? -6.487  -9.291  4.476   1.00 85.31  ? 36  GLU A CB  1 
ATOM   295  C CG  . GLU A 1 36  ? -7.774  -8.760  5.134   1.00 99.11  ? 36  GLU A CG  1 
ATOM   296  C CD  . GLU A 1 36  ? -7.569  -8.068  6.503   1.00 111.98 ? 36  GLU A CD  1 
ATOM   297  O OE1 . GLU A 1 36  ? -6.933  -8.672  7.406   1.00 113.94 ? 36  GLU A OE1 1 
ATOM   298  O OE2 . GLU A 1 36  ? -8.068  -6.914  6.695   1.00 95.83  ? 36  GLU A OE2 1 
ATOM   299  N N   . ASP A 1 37  ? -7.581  -8.165  1.399   1.00 65.00  ? 37  ASP A N   1 
ATOM   300  C CA  . ASP A 1 37  ? -7.540  -7.031  0.501   1.00 63.48  ? 37  ASP A CA  1 
ATOM   301  C C   . ASP A 1 37  ? -7.414  -5.735  1.328   1.00 60.65  ? 37  ASP A C   1 
ATOM   302  O O   . ASP A 1 37  ? -8.380  -5.054  1.618   1.00 60.59  ? 37  ASP A O   1 
ATOM   303  C CB  . ASP A 1 37  ? -8.737  -7.038  -0.447  1.00 58.95  ? 37  ASP A CB  1 
ATOM   304  C CG  . ASP A 1 37  ? -8.611  -6.005  -1.544  1.00 75.40  ? 37  ASP A CG  1 
ATOM   305  O OD1 . ASP A 1 37  ? -7.816  -5.070  -1.339  1.00 75.76  ? 37  ASP A OD1 1 
ATOM   306  O OD2 . ASP A 1 37  ? -9.298  -6.095  -2.597  1.00 69.29  ? 37  ASP A OD2 1 
ATOM   307  N N   . LEU A 1 38  ? -6.183  -5.401  1.676   1.00 58.02  ? 38  LEU A N   1 
ATOM   308  C CA  . LEU A 1 38  ? -5.889  -4.203  2.462   1.00 58.74  ? 38  LEU A CA  1 
ATOM   309  C C   . LEU A 1 38  ? -6.197  -2.901  1.725   1.00 50.13  ? 38  LEU A C   1 
ATOM   310  O O   . LEU A 1 38  ? -6.189  -1.843  2.309   1.00 52.48  ? 38  LEU A O   1 
ATOM   311  C CB  . LEU A 1 38  ? -4.412  -4.200  2.902   1.00 54.33  ? 38  LEU A CB  1 
ATOM   312  C CG  . LEU A 1 38  ? -3.914  -5.290  3.829   1.00 58.09  ? 38  LEU A CG  1 
ATOM   313  C CD1 . LEU A 1 38  ? -2.440  -5.037  4.203   1.00 66.50  ? 38  LEU A CD1 1 
ATOM   314  C CD2 . LEU A 1 38  ? -4.768  -5.339  5.075   1.00 60.00  ? 38  LEU A CD2 1 
ATOM   315  N N   . SER A 1 39  ? -6.467  -2.986  0.445   1.00 55.07  ? 39  SER A N   1 
ATOM   316  C CA  . SER A 1 39  ? -6.879  -1.830  -0.338  1.00 54.75  ? 39  SER A CA  1 
ATOM   317  C C   . SER A 1 39  ? -8.308  -1.358  -0.083  1.00 56.03  ? 39  SER A C   1 
ATOM   318  O O   . SER A 1 39  ? -8.697  -0.298  -0.580  1.00 62.02  ? 39  SER A O   1 
ATOM   319  C CB  . SER A 1 39  ? -6.655  -2.123  -1.842  1.00 54.45  ? 39  SER A CB  1 
ATOM   320  O OG  . SER A 1 39  ? -7.550  -3.109  -2.384  1.00 58.15  ? 39  SER A OG  1 
ATOM   321  N N   . VAL A 1 40  ? -9.097  -2.099  0.695   1.00 55.67  ? 40  VAL A N   1 
ATOM   322  C CA  . VAL A 1 40  ? -10.526 -1.839  0.737   1.00 51.34  ? 40  VAL A CA  1 
ATOM   323  C C   . VAL A 1 40  ? -10.788 -0.549  1.507   1.00 49.59  ? 40  VAL A C   1 
ATOM   324  O O   . VAL A 1 40  ? -10.480 -0.468  2.685   1.00 54.10  ? 40  VAL A O   1 
ATOM   325  C CB  . VAL A 1 40  ? -11.279 -3.050  1.349   1.00 59.73  ? 40  VAL A CB  1 
ATOM   326  C CG1 . VAL A 1 40  ? -12.759 -2.767  1.617   1.00 49.95  ? 40  VAL A CG1 1 
ATOM   327  C CG2 . VAL A 1 40  ? -11.180 -4.250  0.402   1.00 60.67  ? 40  VAL A CG2 1 
ATOM   328  N N   . PRO A 1 41  ? -11.378 0.454   0.860   1.00 49.67  ? 41  PRO A N   1 
ATOM   329  C CA  . PRO A 1 41  ? -11.631 1.705   1.585   1.00 53.19  ? 41  PRO A CA  1 
ATOM   330  C C   . PRO A 1 41  ? -12.684 1.570   2.612   1.00 50.53  ? 41  PRO A C   1 
ATOM   331  O O   . PRO A 1 41  ? -13.475 0.639   2.526   1.00 53.66  ? 41  PRO A O   1 
ATOM   332  C CB  . PRO A 1 41  ? -12.136 2.663   0.506   1.00 52.35  ? 41  PRO A CB  1 
ATOM   333  C CG  . PRO A 1 41  ? -12.725 1.769   -0.496  1.00 53.84  ? 41  PRO A CG  1 
ATOM   334  C CD  . PRO A 1 41  ? -11.904 0.517   -0.512  1.00 52.09  ? 41  PRO A CD  1 
ATOM   335  N N   . GLY A 1 42  ? -12.681 2.490   3.584   1.00 56.24  ? 42  GLY A N   1 
ATOM   336  C CA  . GLY A 1 42  ? -13.790 2.659   4.536   1.00 60.09  ? 42  GLY A CA  1 
ATOM   337  C C   . GLY A 1 42  ? -13.805 1.777   5.777   1.00 68.11  ? 42  GLY A C   1 
ATOM   338  O O   . GLY A 1 42  ? -14.740 1.844   6.570   1.00 80.20  ? 42  GLY A O   1 
ATOM   339  N N   . VAL A 1 43  ? -12.783 0.946   5.931   1.00 68.49  ? 43  VAL A N   1 
ATOM   340  C CA  . VAL A 1 43  ? -12.506 0.261   7.174   1.00 66.44  ? 43  VAL A CA  1 
ATOM   341  C C   . VAL A 1 43  ? -11.037 0.366   7.533   1.00 55.03  ? 43  VAL A C   1 
ATOM   342  O O   . VAL A 1 43  ? -10.169 0.407   6.680   1.00 64.43  ? 43  VAL A O   1 
ATOM   343  C CB  . VAL A 1 43  ? -12.879 -1.240  7.125   1.00 68.44  ? 43  VAL A CB  1 
ATOM   344  C CG1 . VAL A 1 43  ? -14.377 -1.396  7.056   1.00 83.89  ? 43  VAL A CG1 1 
ATOM   345  C CG2 . VAL A 1 43  ? -12.243 -1.950  5.956   1.00 67.24  ? 43  VAL A CG2 1 
ATOM   346  N N   . GLU A 1 44  ? -10.778 0.365   8.820   1.00 51.71  ? 44  GLU A N   1 
ATOM   347  C CA  . GLU A 1 44  ? -9.444  0.252   9.330   1.00 53.48  ? 44  GLU A CA  1 
ATOM   348  C C   . GLU A 1 44  ? -9.007  -1.216  9.394   1.00 49.46  ? 44  GLU A C   1 
ATOM   349  O O   . GLU A 1 44  ? -9.371  -1.973  10.274  1.00 62.77  ? 44  GLU A O   1 
ATOM   350  C CB  . GLU A 1 44  ? -9.362  0.900   10.708  1.00 54.46  ? 44  GLU A CB  1 
ATOM   351  C CG  . GLU A 1 44  ? -7.935  1.229   11.132  1.00 58.30  ? 44  GLU A CG  1 
ATOM   352  C CD  . GLU A 1 44  ? -7.912  1.822   12.503  1.00 59.87  ? 44  GLU A CD  1 
ATOM   353  O OE1 . GLU A 1 44  ? -8.160  3.050   12.613  1.00 61.88  ? 44  GLU A OE1 1 
ATOM   354  O OE2 . GLU A 1 44  ? -7.694  1.038   13.452  1.00 66.57  ? 44  GLU A OE2 1 
ATOM   355  N N   . HIS A 1 45  ? -8.183  -1.586  8.458   1.00 49.11  ? 45  HIS A N   1 
ATOM   356  C CA  . HIS A 1 45  ? -7.468  -2.839  8.519   1.00 49.96  ? 45  HIS A CA  1 
ATOM   357  C C   . HIS A 1 45  ? -6.423  -2.780  9.579   1.00 50.66  ? 45  HIS A C   1 
ATOM   358  O O   . HIS A 1 45  ? -5.903  -1.715  9.943   1.00 54.93  ? 45  HIS A O   1 
ATOM   359  C CB  . HIS A 1 45  ? -6.776  -3.080  7.191   1.00 50.24  ? 45  HIS A CB  1 
ATOM   360  C CG  . HIS A 1 45  ? -7.723  -3.067  6.035   1.00 58.65  ? 45  HIS A CG  1 
ATOM   361  N ND1 . HIS A 1 45  ? -7.835  -1.997  5.180   1.00 64.92  ? 45  HIS A ND1 1 
ATOM   362  C CD2 . HIS A 1 45  ? -8.628  -3.980  5.613   1.00 52.34  ? 45  HIS A CD2 1 
ATOM   363  C CE1 . HIS A 1 45  ? -8.747  -2.256  4.266   1.00 57.28  ? 45  HIS A CE1 1 
ATOM   364  N NE2 . HIS A 1 45  ? -9.247  -3.448  4.513   1.00 55.40  ? 45  HIS A NE2 1 
ATOM   365  N N   . GLU A 1 46  ? -6.109  -3.954  10.059  1.00 50.46  ? 46  GLU A N   1 
ATOM   366  C CA  . GLU A 1 46  ? -5.099  -4.127  11.044  1.00 52.01  ? 46  GLU A CA  1 
ATOM   367  C C   . GLU A 1 46  ? -4.121  -5.074  10.457  1.00 50.98  ? 46  GLU A C   1 
ATOM   368  O O   . GLU A 1 46  ? -4.498  -5.921  9.689   1.00 58.45  ? 46  GLU A O   1 
ATOM   369  C CB  . GLU A 1 46  ? -5.676  -4.741  12.298  1.00 51.48  ? 46  GLU A CB  1 
ATOM   370  C CG  . GLU A 1 46  ? -6.790  -3.934  12.944  1.00 63.41  ? 46  GLU A CG  1 
ATOM   371  C CD  . GLU A 1 46  ? -7.272  -4.545  14.250  1.00 69.38  ? 46  GLU A CD  1 
ATOM   372  O OE1 . GLU A 1 46  ? -7.228  -5.799  14.367  1.00 75.57  ? 46  GLU A OE1 1 
ATOM   373  O OE2 . GLU A 1 46  ? -7.695  -3.768  15.147  1.00 83.87  ? 46  GLU A OE2 1 
ATOM   374  N N   . ALA A 1 47  ? -2.855  -4.911  10.820  1.00 55.68  ? 47  ALA A N   1 
ATOM   375  C CA  . ALA A 1 47  ? -1.824  -5.777  10.360  1.00 54.09  ? 47  ALA A CA  1 
ATOM   376  C C   . ALA A 1 47  ? -0.681  -5.889  11.363  1.00 60.33  ? 47  ALA A C   1 
ATOM   377  O O   . ALA A 1 47  ? -0.217  -4.883  11.924  1.00 49.03  ? 47  ALA A O   1 
ATOM   378  C CB  . ALA A 1 47  ? -1.305  -5.270  9.040   1.00 55.33  ? 47  ALA A CB  1 
ATOM   379  N N   . ARG A 1 48  ? -0.244  -7.137  11.549  1.00 58.11  ? 48  ARG A N   1 
ATOM   380  C CA  . ARG A 1 48  ? 0.786   -7.495  12.484  1.00 57.65  ? 48  ARG A CA  1 
ATOM   381  C C   . ARG A 1 48  ? 2.046   -7.640  11.669  1.00 55.33  ? 48  ARG A C   1 
ATOM   382  O O   . ARG A 1 48  ? 2.075   -8.417  10.741  1.00 62.99  ? 48  ARG A O   1 
ATOM   383  C CB  . ARG A 1 48  ? 0.415   -8.816  13.182  1.00 59.93  ? 48  ARG A CB  1 
ATOM   384  C CG  . ARG A 1 48  ? -0.701  -8.692  14.249  1.00 66.33  ? 48  ARG A CG  1 
ATOM   385  C CD  . ARG A 1 48  ? -1.632  -9.916  14.363  1.00 70.81  ? 48  ARG A CD  1 
ATOM   386  N NE  . ARG A 1 48  ? -2.885  -9.706  15.128  1.00 80.94  ? 48  ARG A NE  1 
ATOM   387  C CZ  . ARG A 1 48  ? -3.953  -8.953  14.756  1.00 99.78  ? 48  ARG A CZ  1 
ATOM   388  N NH1 . ARG A 1 48  ? -3.987  -8.248  13.616  1.00 93.24  ? 48  ARG A NH1 1 
ATOM   389  N NH2 . ARG A 1 48  ? -5.022  -8.883  15.554  1.00 96.28  ? 48  ARG A NH2 1 
ATOM   390  N N   . VAL A 1 49  ? 3.077   -6.880  11.991  1.00 51.86  ? 49  VAL A N   1 
ATOM   391  C CA  . VAL A 1 49  ? 4.364   -7.004  11.305  1.00 57.63  ? 49  VAL A CA  1 
ATOM   392  C C   . VAL A 1 49  ? 5.482   -7.150  12.309  1.00 54.59  ? 49  VAL A C   1 
ATOM   393  O O   . VAL A 1 49  ? 5.338   -6.671  13.411  1.00 58.63  ? 49  VAL A O   1 
ATOM   394  C CB  . VAL A 1 49  ? 4.694   -5.764  10.444  1.00 65.17  ? 49  VAL A CB  1 
ATOM   395  C CG1 . VAL A 1 49  ? 3.526   -5.423  9.541   1.00 74.30  ? 49  VAL A CG1 1 
ATOM   396  C CG2 . VAL A 1 49  ? 5.048   -4.563  11.309  1.00 70.54  ? 49  VAL A CG2 1 
ATOM   397  N N   . PRO A 1 50  ? 6.612   -7.777  11.934  1.00 59.13  ? 50  PRO A N   1 
ATOM   398  C CA  . PRO A 1 50  ? 7.656   -8.018  12.926  1.00 58.64  ? 50  PRO A CA  1 
ATOM   399  C C   . PRO A 1 50  ? 8.405   -6.755  13.281  1.00 58.53  ? 50  PRO A C   1 
ATOM   400  O O   . PRO A 1 50  ? 8.747   -6.008  12.390  1.00 63.33  ? 50  PRO A O   1 
ATOM   401  C CB  . PRO A 1 50  ? 8.617   -9.005  12.216  1.00 60.70  ? 50  PRO A CB  1 
ATOM   402  C CG  . PRO A 1 50  ? 7.839   -9.545  11.075  1.00 63.78  ? 50  PRO A CG  1 
ATOM   403  C CD  . PRO A 1 50  ? 6.930   -8.436  10.659  1.00 65.57  ? 50  PRO A CD  1 
ATOM   404  N N   . LYS A 1 51  ? 8.678   -6.540  14.561  1.00 62.38  ? 51  LYS A N   1 
ATOM   405  C CA  . LYS A 1 51  ? 9.553   -5.442  15.004  1.00 75.27  ? 51  LYS A CA  1 
ATOM   406  C C   . LYS A 1 51  ? 10.821  -5.290  14.201  1.00 70.99  ? 51  LYS A C   1 
ATOM   407  O O   . LYS A 1 51  ? 11.280  -4.147  13.990  1.00 63.51  ? 51  LYS A O   1 
ATOM   408  C CB  . LYS A 1 51  ? 9.932   -5.564  16.494  1.00 87.32  ? 51  LYS A CB  1 
ATOM   409  C CG  . LYS A 1 51  ? 10.673  -6.838  16.904  1.00 104.87 ? 51  LYS A CG  1 
ATOM   410  C CD  . LYS A 1 51  ? 11.272  -6.778  18.314  1.00 105.77 ? 51  LYS A CD  1 
ATOM   411  C CE  . LYS A 1 51  ? 10.364  -6.152  19.378  1.00 105.90 ? 51  LYS A CE  1 
ATOM   412  N NZ  . LYS A 1 51  ? 8.985   -6.714  19.524  1.00 100.48 ? 51  LYS A NZ  1 
ATOM   413  N N   . LYS A 1 52  ? 11.376  -6.423  13.768  1.00 66.16  ? 52  LYS A N   1 
ATOM   414  C CA  . LYS A 1 52  ? 12.603  -6.435  12.957  1.00 79.12  ? 52  LYS A CA  1 
ATOM   415  C C   . LYS A 1 52  ? 12.555  -5.447  11.751  1.00 74.73  ? 52  LYS A C   1 
ATOM   416  O O   . LYS A 1 52  ? 13.534  -4.731  11.476  1.00 71.98  ? 52  LYS A O   1 
ATOM   417  C CB  . LYS A 1 52  ? 12.910  -7.897  12.524  1.00 88.33  ? 52  LYS A CB  1 
ATOM   418  C CG  . LYS A 1 52  ? 13.968  -8.078  11.429  1.00 101.22 ? 52  LYS A CG  1 
ATOM   419  C CD  . LYS A 1 52  ? 15.291  -7.342  11.674  1.00 102.79 ? 52  LYS A CD  1 
ATOM   420  C CE  . LYS A 1 52  ? 16.400  -7.820  10.741  1.00 104.59 ? 52  LYS A CE  1 
ATOM   421  N NZ  . LYS A 1 52  ? 17.033  -9.079  11.247  1.00 99.90  ? 52  LYS A NZ  1 
ATOM   422  N N   . ILE A 1 53  ? 11.417  -5.358  11.062  1.00 67.77  ? 53  ILE A N   1 
ATOM   423  C CA  . ILE A 1 53  ? 11.304  -4.486  9.878   1.00 68.67  ? 53  ILE A CA  1 
ATOM   424  C C   . ILE A 1 53  ? 11.760  -3.049  10.099  1.00 70.61  ? 53  ILE A C   1 
ATOM   425  O O   . ILE A 1 53  ? 12.219  -2.383  9.181   1.00 67.47  ? 53  ILE A O   1 
ATOM   426  C CB  . ILE A 1 53  ? 9.854   -4.380  9.329   1.00 80.77  ? 53  ILE A CB  1 
ATOM   427  C CG1 . ILE A 1 53  ? 9.840   -3.652  7.981   1.00 75.14  ? 53  ILE A CG1 1 
ATOM   428  C CG2 . ILE A 1 53  ? 8.926   -3.611  10.284  1.00 80.50  ? 53  ILE A CG2 1 
ATOM   429  C CD1 . ILE A 1 53  ? 8.664   -4.052  7.140   1.00 80.81  ? 53  ILE A CD1 1 
ATOM   430  N N   . LEU A 1 54  ? 11.599  -2.552  11.309  1.00 72.50  ? 54  LEU A N   1 
ATOM   431  C CA  . LEU A 1 54  ? 12.029  -1.190  11.615  1.00 77.44  ? 54  LEU A CA  1 
ATOM   432  C C   . LEU A 1 54  ? 13.541  -1.024  11.430  1.00 74.82  ? 54  LEU A C   1 
ATOM   433  O O   . LEU A 1 54  ? 14.000  0.095   11.151  1.00 68.62  ? 54  LEU A O   1 
ATOM   434  C CB  . LEU A 1 54  ? 11.577  -0.784  13.031  1.00 79.57  ? 54  LEU A CB  1 
ATOM   435  C CG  . LEU A 1 54  ? 10.059  -0.917  13.264  1.00 78.50  ? 54  LEU A CG  1 
ATOM   436  C CD1 . LEU A 1 54  ? 9.724   -0.672  14.723  1.00 80.48  ? 54  LEU A CD1 1 
ATOM   437  C CD2 . LEU A 1 54  ? 9.258   0.016   12.349  1.00 74.94  ? 54  LEU A CD2 1 
ATOM   438  N N   . LYS A 1 55  ? 14.278  -2.147  11.510  1.00 70.47  ? 55  LYS A N   1 
ATOM   439  C CA  . LYS A 1 55  ? 15.741  -2.146  11.363  1.00 81.27  ? 55  LYS A CA  1 
ATOM   440  C C   . LYS A 1 55  ? 16.197  -2.241  9.899   1.00 78.54  ? 55  LYS A C   1 
ATOM   441  O O   . LYS A 1 55  ? 17.393  -2.255  9.645   1.00 71.18  ? 55  LYS A O   1 
ATOM   442  C CB  . LYS A 1 55  ? 16.396  -3.319  12.118  1.00 86.64  ? 55  LYS A CB  1 
ATOM   443  C CG  . LYS A 1 55  ? 15.809  -3.740  13.464  1.00 95.62  ? 55  LYS A CG  1 
ATOM   444  C CD  . LYS A 1 55  ? 16.310  -2.921  14.639  1.00 102.04 ? 55  LYS A CD  1 
ATOM   445  C CE  . LYS A 1 55  ? 15.883  -3.617  15.930  1.00 105.61 ? 55  LYS A CE  1 
ATOM   446  N NZ  . LYS A 1 55  ? 16.119  -2.799  17.149  1.00 99.78  ? 55  LYS A NZ  1 
ATOM   447  N N   . CYS A 1 56  ? 15.273  -2.339  8.939   1.00 81.33  ? 56  CYS A N   1 
ATOM   448  C CA  . CYS A 1 56  ? 15.655  -2.596  7.551   1.00 73.40  ? 56  CYS A CA  1 
ATOM   449  C C   . CYS A 1 56  ? 16.006  -1.313  6.887   1.00 80.86  ? 56  CYS A C   1 
ATOM   450  O O   . CYS A 1 56  ? 15.269  -0.335  7.020   1.00 98.40  ? 56  CYS A O   1 
ATOM   451  C CB  . CYS A 1 56  ? 14.523  -3.259  6.781   1.00 73.47  ? 56  CYS A CB  1 
ATOM   452  S SG  . CYS A 1 56  ? 14.244  -4.969  7.284   1.00 71.04  ? 56  CYS A SG  1 
ATOM   453  N N   . LYS A 1 57  ? 17.126  -1.304  6.165   1.00 86.85  ? 57  LYS A N   1 
ATOM   454  C CA  . LYS A 1 57  ? 17.471  -0.150  5.321   1.00 88.28  ? 57  LYS A CA  1 
ATOM   455  C C   . LYS A 1 57  ? 16.361  0.016   4.265   1.00 84.02  ? 57  LYS A C   1 
ATOM   456  O O   . LYS A 1 57  ? 15.905  1.141   3.966   1.00 71.36  ? 57  LYS A O   1 
ATOM   457  C CB  . LYS A 1 57  ? 18.866  -0.332  4.689   1.00 101.98 ? 57  LYS A CB  1 
ATOM   458  C CG  . LYS A 1 57  ? 19.661  0.962   4.489   1.00 113.07 ? 57  LYS A CG  1 
ATOM   459  C CD  . LYS A 1 57  ? 21.174  0.726   4.388   1.00 116.89 ? 57  LYS A CD  1 
ATOM   460  C CE  . LYS A 1 57  ? 21.603  0.164   3.036   1.00 117.75 ? 57  LYS A CE  1 
ATOM   461  N NZ  . LYS A 1 57  ? 21.750  1.224   2.004   1.00 118.13 ? 57  LYS A NZ  1 
ATOM   462  N N   . ALA A 1 58  ? 15.865  -1.116  3.764   1.00 70.36  ? 58  ALA A N   1 
ATOM   463  C CA  . ALA A 1 58  ? 14.802  -1.078  2.787   1.00 79.02  ? 58  ALA A CA  1 
ATOM   464  C C   . ALA A 1 58  ? 14.051  -2.388  2.650   1.00 78.41  ? 58  ALA A C   1 
ATOM   465  O O   . ALA A 1 58  ? 14.570  -3.487  2.936   1.00 71.06  ? 58  ALA A O   1 
ATOM   466  C CB  . ALA A 1 58  ? 15.356  -0.670  1.429   1.00 81.09  ? 58  ALA A CB  1 
ATOM   467  N N   . VAL A 1 59  ? 12.829  -2.246  2.148   1.00 71.26  ? 59  VAL A N   1 
ATOM   468  C CA  . VAL A 1 59  ? 11.875  -3.340  2.106   1.00 75.44  ? 59  VAL A CA  1 
ATOM   469  C C   . VAL A 1 59  ? 11.455  -3.552  0.663   1.00 74.39  ? 59  VAL A C   1 
ATOM   470  O O   . VAL A 1 59  ? 11.076  -2.577  -0.034  1.00 71.50  ? 59  VAL A O   1 
ATOM   471  C CB  . VAL A 1 59  ? 10.627  -3.017  2.947   1.00 73.38  ? 59  VAL A CB  1 
ATOM   472  C CG1 . VAL A 1 59  ? 9.578   -4.112  2.827   1.00 81.46  ? 59  VAL A CG1 1 
ATOM   473  C CG2 . VAL A 1 59  ? 10.996  -2.818  4.403   1.00 75.82  ? 59  VAL A CG2 1 
ATOM   474  N N   . SER A 1 60  ? 11.504  -4.812  0.227   1.00 59.98  ? 60  SER A N   1 
ATOM   475  C CA  . SER A 1 60  ? 10.977  -5.176  -1.084  1.00 73.37  ? 60  SER A CA  1 
ATOM   476  C C   . SER A 1 60  ? 9.538   -5.703  -0.995  1.00 66.78  ? 60  SER A C   1 
ATOM   477  O O   . SER A 1 60  ? 9.264   -6.619  -0.221  1.00 73.51  ? 60  SER A O   1 
ATOM   478  C CB  . SER A 1 60  ? 11.855  -6.232  -1.735  1.00 77.36  ? 60  SER A CB  1 
ATOM   479  O OG  . SER A 1 60  ? 11.582  -6.264  -3.122  1.00 94.77  ? 60  SER A OG  1 
ATOM   480  N N   . ARG A 1 61  ? 8.648   -5.140  -1.808  1.00 69.58  ? 61  ARG A N   1 
ATOM   481  C CA  . ARG A 1 61  ? 7.198   -5.503  -1.834  1.00 64.80  ? 61  ARG A CA  1 
ATOM   482  C C   . ARG A 1 61  ? 6.820   -6.131  -3.154  1.00 65.37  ? 61  ARG A C   1 
ATOM   483  O O   . ARG A 1 61  ? 7.052   -5.541  -4.234  1.00 63.26  ? 61  ARG A O   1 
ATOM   484  C CB  . ARG A 1 61  ? 6.316   -4.254  -1.661  1.00 63.85  ? 61  ARG A CB  1 
ATOM   485  C CG  . ARG A 1 61  ? 4.805   -4.496  -1.700  1.00 61.83  ? 61  ARG A CG  1 
ATOM   486  C CD  . ARG A 1 61  ? 4.051   -3.174  -1.557  1.00 61.55  ? 61  ARG A CD  1 
ATOM   487  N NE  . ARG A 1 61  ? 4.319   -2.287  -2.684  1.00 59.20  ? 61  ARG A NE  1 
ATOM   488  C CZ  . ARG A 1 61  ? 4.284   -0.955  -2.664  1.00 63.62  ? 61  ARG A CZ  1 
ATOM   489  N NH1 . ARG A 1 61  ? 3.985   -0.271  -1.561  1.00 67.68  ? 61  ARG A NH1 1 
ATOM   490  N NH2 . ARG A 1 61  ? 4.590   -0.285  -3.767  1.00 63.85  ? 61  ARG A NH2 1 
ATOM   491  N N   . GLU A 1 62  ? 6.218   -7.306  -3.062  1.00 60.37  ? 62  GLU A N   1 
ATOM   492  C CA  . GLU A 1 62  ? 5.519   -7.909  -4.170  1.00 68.52  ? 62  GLU A CA  1 
ATOM   493  C C   . GLU A 1 62  ? 4.022   -7.760  -3.923  1.00 64.36  ? 62  GLU A C   1 
ATOM   494  O O   . GLU A 1 62  ? 3.549   -8.033  -2.848  1.00 65.42  ? 62  GLU A O   1 
ATOM   495  C CB  . GLU A 1 62  ? 5.846   -9.390  -4.260  1.00 76.10  ? 62  GLU A CB  1 
ATOM   496  C CG  . GLU A 1 62  ? 6.954   -9.730  -5.228  1.00 91.33  ? 62  GLU A CG  1 
ATOM   497  C CD  . GLU A 1 62  ? 6.846   -11.155 -5.726  1.00 93.91  ? 62  GLU A CD  1 
ATOM   498  O OE1 . GLU A 1 62  ? 6.542   -12.053 -4.887  1.00 86.99  ? 62  GLU A OE1 1 
ATOM   499  O OE2 . GLU A 1 62  ? 7.064   -11.355 -6.953  1.00 90.26  ? 62  GLU A OE2 1 
ATOM   500  N N   . LEU A 1 63  ? 3.273   -7.408  -4.948  1.00 65.28  ? 63  LEU A N   1 
ATOM   501  C CA  . LEU A 1 63  ? 1.855   -7.080  -4.793  1.00 58.21  ? 63  LEU A CA  1 
ATOM   502  C C   . LEU A 1 63  ? 1.132   -7.565  -6.033  1.00 60.55  ? 63  LEU A C   1 
ATOM   503  O O   . LEU A 1 63  ? 1.484   -7.161  -7.148  1.00 60.73  ? 63  LEU A O   1 
ATOM   504  C CB  . LEU A 1 63  ? 1.800   -5.589  -4.670  1.00 64.12  ? 63  LEU A CB  1 
ATOM   505  C CG  . LEU A 1 63  ? 0.549   -4.830  -4.362  1.00 68.17  ? 63  LEU A CG  1 
ATOM   506  C CD1 . LEU A 1 63  ? 0.918   -3.355  -4.241  1.00 63.21  ? 63  LEU A CD1 1 
ATOM   507  C CD2 . LEU A 1 63  ? -0.464  -5.038  -5.472  1.00 77.92  ? 63  LEU A CD2 1 
ATOM   508  N N   . ASN A 1 64  ? 0.158   -8.456  -5.867  1.00 58.24  ? 64  ASN A N   1 
ATOM   509  C CA  . ASN A 1 64  ? -0.571  -9.007  -7.021  1.00 55.12  ? 64  ASN A CA  1 
ATOM   510  C C   . ASN A 1 64  ? -1.971  -8.451  -7.041  1.00 54.14  ? 64  ASN A C   1 
ATOM   511  O O   . ASN A 1 64  ? -2.649  -8.538  -6.032  1.00 56.45  ? 64  ASN A O   1 
ATOM   512  C CB  . ASN A 1 64  ? -0.655  -10.519 -6.875  1.00 57.13  ? 64  ASN A CB  1 
ATOM   513  C CG  . ASN A 1 64  ? -1.483  -11.175 -7.970  1.00 56.53  ? 64  ASN A CG  1 
ATOM   514  O OD1 . ASN A 1 64  ? -2.705  -11.301 -7.885  1.00 61.38  ? 64  ASN A OD1 1 
ATOM   515  N ND2 . ASN A 1 64  ? -0.813  -11.628 -8.980  1.00 56.20  ? 64  ASN A ND2 1 
ATOM   516  N N   . PHE A 1 65  ? -2.430  -7.923  -8.172  1.00 48.81  ? 65  PHE A N   1 
ATOM   517  C CA  . PHE A 1 65  ? -3.785  -7.368  -8.258  1.00 51.24  ? 65  PHE A CA  1 
ATOM   518  C C   . PHE A 1 65  ? -4.394  -7.607  -9.589  1.00 46.22  ? 65  PHE A C   1 
ATOM   519  O O   . PHE A 1 65  ? -3.675  -7.752  -10.541 1.00 48.67  ? 65  PHE A O   1 
ATOM   520  C CB  . PHE A 1 65  ? -3.767  -5.851  -8.075  1.00 51.70  ? 65  PHE A CB  1 
ATOM   521  C CG  . PHE A 1 65  ? -2.968  -5.138  -9.123  1.00 53.68  ? 65  PHE A CG  1 
ATOM   522  C CD1 . PHE A 1 65  ? -1.596  -4.974  -8.971  1.00 50.98  ? 65  PHE A CD1 1 
ATOM   523  C CD2 . PHE A 1 65  ? -3.577  -4.652  -10.278 1.00 58.30  ? 65  PHE A CD2 1 
ATOM   524  C CE1 . PHE A 1 65  ? -0.850  -4.328  -9.939  1.00 52.87  ? 65  PHE A CE1 1 
ATOM   525  C CE2 . PHE A 1 65  ? -2.837  -3.981  -11.258 1.00 56.43  ? 65  PHE A CE2 1 
ATOM   526  C CZ  . PHE A 1 65  ? -1.466  -3.825  -11.094 1.00 52.28  ? 65  PHE A CZ  1 
ATOM   527  N N   . SER A 1 66  ? -5.723  -7.522  -9.630  1.00 47.96  ? 66  SER A N   1 
ATOM   528  C CA  . SER A 1 66  ? -6.530  -7.591  -10.854 1.00 50.90  ? 66  SER A CA  1 
ATOM   529  C C   . SER A 1 66  ? -7.310  -6.320  -11.067 1.00 47.53  ? 66  SER A C   1 
ATOM   530  O O   . SER A 1 66  ? -7.608  -5.579  -10.136 1.00 45.06  ? 66  SER A O   1 
ATOM   531  C CB  . SER A 1 66  ? -7.586  -8.693  -10.765 1.00 51.01  ? 66  SER A CB  1 
ATOM   532  O OG  . SER A 1 66  ? -7.100  -9.865  -10.191 1.00 51.98  ? 66  SER A OG  1 
ATOM   533  N N   . SER A 1 67  ? -7.708  -6.109  -12.304 1.00 53.10  ? 67  SER A N   1 
ATOM   534  C CA  . SER A 1 67  ? -8.471  -4.941  -12.641 1.00 50.13  ? 67  SER A CA  1 
ATOM   535  C C   . SER A 1 67  ? -9.281  -5.223  -13.866 1.00 46.31  ? 67  SER A C   1 
ATOM   536  O O   . SER A 1 67  ? -8.696  -5.511  -14.900 1.00 45.33  ? 67  SER A O   1 
ATOM   537  C CB  . SER A 1 67  ? -7.508  -3.773  -12.903 1.00 55.00  ? 67  SER A CB  1 
ATOM   538  O OG  . SER A 1 67  ? -8.203  -2.630  -13.379 1.00 49.41  ? 67  SER A OG  1 
ATOM   539  N N   . THR A 1 68  ? -10.607 -5.102  -13.801 1.00 42.44  ? 68  THR A N   1 
ATOM   540  C CA  . THR A 1 68  ? -11.381 -5.264  -15.044 1.00 46.93  ? 68  THR A CA  1 
ATOM   541  C C   . THR A 1 68  ? -11.153 -4.053  -15.917 1.00 45.97  ? 68  THR A C   1 
ATOM   542  O O   . THR A 1 68  ? -11.120 -4.156  -17.118 1.00 50.92  ? 68  THR A O   1 
ATOM   543  C CB  . THR A 1 68  ? -12.883 -5.384  -14.827 1.00 52.52  ? 68  THR A CB  1 
ATOM   544  O OG1 . THR A 1 68  ? -13.362 -4.106  -14.385 1.00 52.29  ? 68  THR A OG1 1 
ATOM   545  C CG2 . THR A 1 68  ? -13.211 -6.509  -13.789 1.00 44.23  ? 68  THR A CG2 1 
ATOM   546  N N   . GLU A 1 69  ? -10.945 -2.899  -15.308 1.00 44.91  ? 69  GLU A N   1 
ATOM   547  C CA  . GLU A 1 69  ? -10.745 -1.679  -16.092 1.00 42.60  ? 69  GLU A CA  1 
ATOM   548  C C   . GLU A 1 69  ? -9.319  -1.445  -16.503 1.00 44.64  ? 69  GLU A C   1 
ATOM   549  O O   . GLU A 1 69  ? -8.350  -1.793  -15.799 1.00 49.73  ? 69  GLU A O   1 
ATOM   550  C CB  . GLU A 1 69  ? -11.230 -0.437  -15.327 1.00 41.62  ? 69  GLU A CB  1 
ATOM   551  C CG  . GLU A 1 69  ? -12.672 -0.551  -14.844 1.00 41.01  ? 69  GLU A CG  1 
ATOM   552  C CD  . GLU A 1 69  ? -13.581 -0.928  -15.996 1.00 50.63  ? 69  GLU A CD  1 
ATOM   553  O OE1 . GLU A 1 69  ? -13.714 -0.117  -16.914 1.00 60.56  ? 69  GLU A OE1 1 
ATOM   554  O OE2 . GLU A 1 69  ? -14.101 -2.035  -16.029 1.00 50.46  ? 69  GLU A OE2 1 
ATOM   555  N N   . GLN A 1 70  ? -9.223  -0.863  -17.689 1.00 48.38  ? 70  GLN A N   1 
ATOM   556  C CA  . GLN A 1 70  ? -8.025  -0.381  -18.241 1.00 49.95  ? 70  GLN A CA  1 
ATOM   557  C C   . GLN A 1 70  ? -7.572  0.845   -17.439 1.00 52.22  ? 70  GLN A C   1 
ATOM   558  O O   . GLN A 1 70  ? -8.406  1.644   -17.065 1.00 41.47  ? 70  GLN A O   1 
ATOM   559  C CB  . GLN A 1 70  ? -8.261  0.038   -19.687 1.00 49.69  ? 70  GLN A CB  1 
ATOM   560  C CG  . GLN A 1 70  ? -6.960  0.507   -20.351 1.00 55.11  ? 70  GLN A CG  1 
ATOM   561  C CD  . GLN A 1 70  ? -6.996  0.568   -21.870 1.00 47.12  ? 70  GLN A CD  1 
ATOM   562  O OE1 . GLN A 1 70  ? -7.057  -0.458  -22.554 1.00 52.30  ? 70  GLN A OE1 1 
ATOM   563  N NE2 . GLN A 1 70  ? -6.868  1.771   -22.405 1.00 48.53  ? 70  GLN A NE2 1 
ATOM   564  N N   . MET A 1 71  ? -6.272  0.957   -17.149 1.00 52.07  ? 71  MET A N   1 
ATOM   565  C CA  . MET A 1 71  ? -5.722  2.185   -16.527 1.00 53.23  ? 71  MET A CA  1 
ATOM   566  C C   . MET A 1 71  ? -4.502  2.686   -17.282 1.00 53.19  ? 71  MET A C   1 
ATOM   567  O O   . MET A 1 71  ? -3.572  1.911   -17.617 1.00 44.68  ? 71  MET A O   1 
ATOM   568  C CB  . MET A 1 71  ? -5.319  1.958   -15.068 1.00 58.08  ? 71  MET A CB  1 
ATOM   569  C CG  . MET A 1 71  ? -6.480  1.885   -14.091 1.00 60.72  ? 71  MET A CG  1 
ATOM   570  S SD  . MET A 1 71  ? -5.943  1.602   -12.378 1.00 61.72  ? 71  MET A SD  1 
ATOM   571  C CE  . MET A 1 71  ? -5.917  -0.182  -12.320 1.00 63.33  ? 71  MET A CE  1 
ATOM   572  N N   . GLU A 1 72  ? -4.517  3.993   -17.500 1.00 57.33  ? 72  GLU A N   1 
ATOM   573  C CA  . GLU A 1 72  ? -3.458  4.718   -18.199 1.00 64.84  ? 72  GLU A CA  1 
ATOM   574  C C   . GLU A 1 72  ? -2.219  4.695   -17.320 1.00 61.35  ? 72  GLU A C   1 
ATOM   575  O O   . GLU A 1 72  ? -1.192  4.163   -17.699 1.00 76.06  ? 72  GLU A O   1 
ATOM   576  C CB  . GLU A 1 72  ? -3.901  6.173   -18.495 1.00 73.25  ? 72  GLU A CB  1 
ATOM   577  C CG  . GLU A 1 72  ? -5.326  6.336   -19.073 1.00 84.85  ? 72  GLU A CG  1 
ATOM   578  C CD  . GLU A 1 72  ? -5.537  5.610   -20.422 1.00 95.59  ? 72  GLU A CD  1 
ATOM   579  O OE1 . GLU A 1 72  ? -4.781  5.941   -21.379 1.00 78.42  ? 72  GLU A OE1 1 
ATOM   580  O OE2 . GLU A 1 72  ? -6.461  4.726   -20.535 1.00 83.97  ? 72  GLU A OE2 1 
ATOM   581  N N   . LYS A 1 73  ? -2.353  5.214   -16.108 1.00 72.61  ? 73  LYS A N   1 
ATOM   582  C CA  . LYS A 1 73  ? -1.217  5.451   -15.232 1.00 72.86  ? 73  LYS A CA  1 
ATOM   583  C C   . LYS A 1 73  ? -1.547  5.129   -13.774 1.00 62.92  ? 73  LYS A C   1 
ATOM   584  O O   . LYS A 1 73  ? -1.979  5.967   -12.976 1.00 66.59  ? 73  LYS A O   1 
ATOM   585  C CB  . LYS A 1 73  ? -0.761  6.885   -15.386 1.00 76.15  ? 73  LYS A CB  1 
ATOM   586  C CG  . LYS A 1 73  ? 0.641   7.084   -14.870 1.00 85.58  ? 73  LYS A CG  1 
ATOM   587  C CD  . LYS A 1 73  ? 1.208   8.387   -15.370 1.00 88.53  ? 73  LYS A CD  1 
ATOM   588  C CE  . LYS A 1 73  ? 2.645   8.450   -14.943 1.00 96.45  ? 73  LYS A CE  1 
ATOM   589  N NZ  . LYS A 1 73  ? 3.250   9.793   -15.084 1.00 105.82 ? 73  LYS A NZ  1 
ATOM   590  N N   . PHE A 1 74  ? -1.338  3.882   -13.440 1.00 53.08  ? 74  PHE A N   1 
ATOM   591  C CA  . PHE A 1 74  ? -1.745  3.388   -12.168 1.00 54.38  ? 74  PHE A CA  1 
ATOM   592  C C   . PHE A 1 74  ? -0.579  3.575   -11.226 1.00 57.49  ? 74  PHE A C   1 
ATOM   593  O O   . PHE A 1 74  ? 0.558   3.150   -11.508 1.00 60.80  ? 74  PHE A O   1 
ATOM   594  C CB  . PHE A 1 74  ? -2.176  1.934   -12.296 1.00 56.95  ? 74  PHE A CB  1 
ATOM   595  C CG  . PHE A 1 74  ? -2.339  1.224   -10.986 1.00 54.30  ? 74  PHE A CG  1 
ATOM   596  C CD1 . PHE A 1 74  ? -3.153  1.735   -10.001 1.00 52.14  ? 74  PHE A CD1 1 
ATOM   597  C CD2 . PHE A 1 74  ? -1.661  0.029   -10.749 1.00 55.60  ? 74  PHE A CD2 1 
ATOM   598  C CE1 . PHE A 1 74  ? -3.289  1.061   -8.801  1.00 50.47  ? 74  PHE A CE1 1 
ATOM   599  C CE2 . PHE A 1 74  ? -1.785  -0.640  -9.553  1.00 56.46  ? 74  PHE A CE2 1 
ATOM   600  C CZ  . PHE A 1 74  ? -2.612  -0.128  -8.574  1.00 57.04  ? 74  PHE A CZ  1 
ATOM   601  N N   . ARG A 1 75  ? -0.868  4.238   -10.111 1.00 55.03  ? 75  ARG A N   1 
ATOM   602  C CA  . ARG A 1 75  ? 0.166   4.682   -9.207  1.00 53.94  ? 75  ARG A CA  1 
ATOM   603  C C   . ARG A 1 75  ? -0.426  4.809   -7.813  1.00 56.72  ? 75  ARG A C   1 
ATOM   604  O O   . ARG A 1 75  ? -1.652  4.932   -7.663  1.00 59.49  ? 75  ARG A O   1 
ATOM   605  C CB  . ARG A 1 75  ? 0.757   6.009   -9.725  1.00 54.33  ? 75  ARG A CB  1 
ATOM   606  C CG  . ARG A 1 75  ? -0.149  7.190   -9.505  1.00 50.22  ? 75  ARG A CG  1 
ATOM   607  C CD  . ARG A 1 75  ? 0.422   8.461   -10.094 1.00 52.16  ? 75  ARG A CD  1 
ATOM   608  N NE  . ARG A 1 75  ? -0.556  9.522   -9.863  1.00 48.03  ? 75  ARG A NE  1 
ATOM   609  C CZ  . ARG A 1 75  ? -0.647  10.263  -8.762  1.00 49.12  ? 75  ARG A CZ  1 
ATOM   610  N NH1 . ARG A 1 75  ? 0.212   10.156  -7.750  1.00 61.86  ? 75  ARG A NH1 1 
ATOM   611  N NH2 . ARG A 1 75  ? -1.613  11.156  -8.663  1.00 59.11  ? 75  ARG A NH2 1 
ATOM   612  N N   . LEU A 1 76  ? 0.451   4.767   -6.808  1.00 60.57  ? 76  LEU A N   1 
ATOM   613  C CA  . LEU A 1 76  ? 0.082   4.919   -5.386  1.00 62.73  ? 76  LEU A CA  1 
ATOM   614  C C   . LEU A 1 76  ? 0.861   6.035   -4.727  1.00 59.61  ? 76  LEU A C   1 
ATOM   615  O O   . LEU A 1 76  ? 2.028   6.230   -5.021  1.00 64.45  ? 76  LEU A O   1 
ATOM   616  C CB  . LEU A 1 76  ? 0.439   3.664   -4.578  1.00 60.34  ? 76  LEU A CB  1 
ATOM   617  C CG  . LEU A 1 76  ? -0.049  2.342   -5.111  1.00 67.32  ? 76  LEU A CG  1 
ATOM   618  C CD1 . LEU A 1 76  ? 0.699   1.196   -4.453  1.00 68.36  ? 76  LEU A CD1 1 
ATOM   619  C CD2 . LEU A 1 76  ? -1.560  2.198   -4.959  1.00 70.89  ? 76  LEU A CD2 1 
ATOM   620  N N   . GLU A 1 77  ? 0.212   6.690   -3.777  1.00 62.18  ? 77  GLU A N   1 
ATOM   621  C CA  . GLU A 1 77  ? 0.832   7.631   -2.866  1.00 63.17  ? 77  GLU A CA  1 
ATOM   622  C C   . GLU A 1 77  ? 0.668   7.005   -1.473  1.00 63.79  ? 77  GLU A C   1 
ATOM   623  O O   . GLU A 1 77  ? -0.457  6.719   -1.056  1.00 59.11  ? 77  GLU A O   1 
ATOM   624  C CB  . GLU A 1 77  ? 0.134   8.999   -2.944  1.00 63.94  ? 77  GLU A CB  1 
ATOM   625  C CG  . GLU A 1 77  ? 0.476   9.817   -4.183  1.00 60.19  ? 77  GLU A CG  1 
ATOM   626  C CD  . GLU A 1 77  ? -0.275  11.152  -4.303  1.00 60.91  ? 77  GLU A CD  1 
ATOM   627  O OE1 . GLU A 1 77  ? -0.885  11.653  -3.311  1.00 59.71  ? 77  GLU A OE1 1 
ATOM   628  O OE2 . GLU A 1 77  ? -0.270  11.696  -5.428  1.00 59.86  ? 77  GLU A OE2 1 
ATOM   629  N N   . GLN A 1 78  ? 1.783   6.755   -0.775  1.00 57.80  ? 78  GLN A N   1 
ATOM   630  C CA  . GLN A 1 78  ? 1.703   6.216   0.553   1.00 55.53  ? 78  GLN A CA  1 
ATOM   631  C C   . GLN A 1 78  ? 2.353   7.083   1.644   1.00 59.85  ? 78  GLN A C   1 
ATOM   632  O O   . GLN A 1 78  ? 3.307   7.787   1.392   1.00 69.38  ? 78  GLN A O   1 
ATOM   633  C CB  . GLN A 1 78  ? 2.207   4.794   0.527   1.00 54.35  ? 78  GLN A CB  1 
ATOM   634  C CG  . GLN A 1 78  ? 1.248   3.936   -0.248  1.00 52.85  ? 78  GLN A CG  1 
ATOM   635  C CD  . GLN A 1 78  ? 1.699   2.516   -0.373  1.00 57.09  ? 78  GLN A CD  1 
ATOM   636  O OE1 . GLN A 1 78  ? 2.818   2.237   -0.780  1.00 56.59  ? 78  GLN A OE1 1 
ATOM   637  N NE2 . GLN A 1 78  ? 0.797   1.590   -0.075  1.00 65.96  ? 78  GLN A NE2 1 
ATOM   638  N N   . LYS A 1 79  ? 1.753   7.063   2.832   1.00 57.22  ? 79  LYS A N   1 
ATOM   639  C CA  . LYS A 1 79  ? 2.130   7.904   3.944   1.00 58.64  ? 79  LYS A CA  1 
ATOM   640  C C   . LYS A 1 79  ? 2.067   7.114   5.252   1.00 65.83  ? 79  LYS A C   1 
ATOM   641  O O   . LYS A 1 79  ? 1.071   6.439   5.512   1.00 63.68  ? 79  LYS A O   1 
ATOM   642  C CB  . LYS A 1 79  ? 1.208   9.096   4.081   1.00 56.31  ? 79  LYS A CB  1 
ATOM   643  C CG  . LYS A 1 79  ? 1.242   10.069  2.938   1.00 61.42  ? 79  LYS A CG  1 
ATOM   644  C CD  . LYS A 1 79  ? 0.424   11.324  3.259   1.00 58.11  ? 79  LYS A CD  1 
ATOM   645  C CE  . LYS A 1 79  ? 0.726   12.390  2.215   1.00 65.11  ? 79  LYS A CE  1 
ATOM   646  N NZ  . LYS A 1 79  ? -0.288  13.482  2.181   1.00 74.74  ? 79  LYS A NZ  1 
ATOM   647  N N   . VAL A 1 80  ? 3.142   7.216   6.050   1.00 64.04  ? 80  VAL A N   1 
ATOM   648  C CA  . VAL A 1 80  ? 3.165   6.761   7.423   1.00 59.38  ? 80  VAL A CA  1 
ATOM   649  C C   . VAL A 1 80  ? 2.635   7.890   8.254   1.00 57.08  ? 80  VAL A C   1 
ATOM   650  O O   . VAL A 1 80  ? 3.127   9.008   8.153   1.00 60.24  ? 80  VAL A O   1 
ATOM   651  C CB  . VAL A 1 80  ? 4.599   6.452   7.908   1.00 63.20  ? 80  VAL A CB  1 
ATOM   652  C CG1 . VAL A 1 80  ? 4.604   5.981   9.349   1.00 65.39  ? 80  VAL A CG1 1 
ATOM   653  C CG2 . VAL A 1 80  ? 5.213   5.362   7.076   1.00 57.21  ? 80  VAL A CG2 1 
ATOM   654  N N   . TYR A 1 81  ? 1.645   7.585   9.086   1.00 53.97  ? 81  TYR A N   1 
ATOM   655  C CA  . TYR A 1 81  ? 1.171   8.512   10.091  1.00 53.75  ? 81  TYR A CA  1 
ATOM   656  C C   . TYR A 1 81  ? 1.311   7.934   11.483  1.00 50.12  ? 81  TYR A C   1 
ATOM   657  O O   . TYR A 1 81  ? 0.927   6.801   11.759  1.00 61.38  ? 81  TYR A O   1 
ATOM   658  C CB  . TYR A 1 81  ? -0.309  8.826   9.896   1.00 64.83  ? 81  TYR A CB  1 
ATOM   659  C CG  . TYR A 1 81  ? -0.671  9.788   8.818   1.00 61.99  ? 81  TYR A CG  1 
ATOM   660  C CD1 . TYR A 1 81  ? -0.668  11.166  9.051   1.00 72.54  ? 81  TYR A CD1 1 
ATOM   661  C CD2 . TYR A 1 81  ? -1.089  9.333   7.581   1.00 64.71  ? 81  TYR A CD2 1 
ATOM   662  C CE1 . TYR A 1 81  ? -1.060  12.054  8.059   1.00 71.43  ? 81  TYR A CE1 1 
ATOM   663  C CE2 . TYR A 1 81  ? -1.471  10.208  6.577   1.00 70.00  ? 81  TYR A CE2 1 
ATOM   664  C CZ  . TYR A 1 81  ? -1.451  11.565  6.816   1.00 72.96  ? 81  TYR A CZ  1 
ATOM   665  O OH  . TYR A 1 81  ? -1.835  12.412  5.802   1.00 91.76  ? 81  TYR A OH  1 
ATOM   666  N N   . PHE A 1 82  ? 1.801   8.767   12.376  1.00 51.60  ? 82  PHE A N   1 
ATOM   667  C CA  . PHE A 1 82  ? 2.026   8.416   13.740  1.00 53.02  ? 82  PHE A CA  1 
ATOM   668  C C   . PHE A 1 82  ? 1.316   9.442   14.581  1.00 52.17  ? 82  PHE A C   1 
ATOM   669  O O   . PHE A 1 82  ? 1.551   10.650  14.474  1.00 54.79  ? 82  PHE A O   1 
ATOM   670  C CB  . PHE A 1 82  ? 3.522   8.408   14.080  1.00 50.58  ? 82  PHE A CB  1 
ATOM   671  C CG  . PHE A 1 82  ? 3.792   8.390   15.560  1.00 48.39  ? 82  PHE A CG  1 
ATOM   672  C CD1 . PHE A 1 82  ? 3.823   7.190   16.264  1.00 51.97  ? 82  PHE A CD1 1 
ATOM   673  C CD2 . PHE A 1 82  ? 4.003   9.592   16.263  1.00 55.45  ? 82  PHE A CD2 1 
ATOM   674  C CE1 . PHE A 1 82  ? 4.081   7.155   17.633  1.00 50.31  ? 82  PHE A CE1 1 
ATOM   675  C CE2 . PHE A 1 82  ? 4.245   9.581   17.630  1.00 52.37  ? 82  PHE A CE2 1 
ATOM   676  C CZ  . PHE A 1 82  ? 4.284   8.350   18.317  1.00 55.99  ? 82  PHE A CZ  1 
ATOM   677  N N   . LYS A 1 83  ? 0.440   8.938   15.419  1.00 55.09  ? 83  LYS A N   1 
ATOM   678  C CA  . LYS A 1 83  ? -0.480  9.764   16.145  1.00 59.54  ? 83  LYS A CA  1 
ATOM   679  C C   . LYS A 1 83  ? -0.997  10.953  15.302  1.00 60.18  ? 83  LYS A C   1 
ATOM   680  O O   . LYS A 1 83  ? -1.047  12.071  15.786  1.00 57.55  ? 83  LYS A O   1 
ATOM   681  C CB  . LYS A 1 83  ? 0.165   10.228  17.465  1.00 55.28  ? 83  LYS A CB  1 
ATOM   682  C CG  . LYS A 1 83  ? 0.644   9.112   18.393  1.00 56.00  ? 83  LYS A CG  1 
ATOM   683  C CD  . LYS A 1 83  ? 0.806   9.656   19.809  1.00 56.22  ? 83  LYS A CD  1 
ATOM   684  C CE  . LYS A 1 83  ? 1.451   8.692   20.768  1.00 51.08  ? 83  LYS A CE  1 
ATOM   685  N NZ  . LYS A 1 83  ? 1.290   9.098   22.178  1.00 55.94  ? 83  LYS A NZ  1 
ATOM   686  N N   . GLY A 1 84  ? -1.401  10.712  14.056  1.00 62.12  ? 84  GLY A N   1 
ATOM   687  C CA  . GLY A 1 84  ? -2.006  11.786  13.263  1.00 60.17  ? 84  GLY A CA  1 
ATOM   688  C C   . GLY A 1 84  ? -1.028  12.699  12.531  1.00 61.63  ? 84  GLY A C   1 
ATOM   689  O O   . GLY A 1 84  ? -1.453  13.472  11.708  1.00 66.83  ? 84  GLY A O   1 
ATOM   690  N N   . GLN A 1 85  ? 0.274   12.587  12.766  1.00 54.44  ? 85  GLN A N   1 
ATOM   691  C CA  . GLN A 1 85  ? 1.246   13.356  11.987  1.00 62.33  ? 85  GLN A CA  1 
ATOM   692  C C   . GLN A 1 85  ? 2.043   12.521  10.949  1.00 65.23  ? 85  GLN A C   1 
ATOM   693  O O   . GLN A 1 85  ? 2.473   11.416  11.237  1.00 60.26  ? 85  GLN A O   1 
ATOM   694  C CB  . GLN A 1 85  ? 2.231   13.972  12.956  1.00 60.74  ? 85  GLN A CB  1 
ATOM   695  C CG  . GLN A 1 85  ? 3.031   15.094  12.366  1.00 74.01  ? 85  GLN A CG  1 
ATOM   696  C CD  . GLN A 1 85  ? 4.128   15.517  13.312  1.00 74.34  ? 85  GLN A CD  1 
ATOM   697  O OE1 . GLN A 1 85  ? 3.873   15.813  14.472  1.00 71.98  ? 85  GLN A OE1 1 
ATOM   698  N NE2 . GLN A 1 85  ? 5.353   15.504  12.837  1.00 72.19  ? 85  GLN A NE2 1 
ATOM   699  N N   . CYS A 1 86  ? 2.303   13.085  9.770   1.00 65.00  ? 86  CYS A N   1 
ATOM   700  C CA  . CYS A 1 86  ? 2.955   12.346  8.694   1.00 60.50  ? 86  CYS A CA  1 
ATOM   701  C C   . CYS A 1 86  ? 4.464   12.345  8.864   1.00 58.52  ? 86  CYS A C   1 
ATOM   702  O O   . CYS A 1 86  ? 5.068   13.379  8.943   1.00 65.96  ? 86  CYS A O   1 
ATOM   703  C CB  . CYS A 1 86  ? 2.562   12.903  7.313   1.00 63.90  ? 86  CYS A CB  1 
ATOM   704  S SG  . CYS A 1 86  ? 3.365   12.011  5.944   1.00 71.29  ? 86  CYS A SG  1 
ATOM   705  N N   . LEU A 1 87  ? 5.067   11.176  8.939   1.00 65.28  ? 87  LEU A N   1 
ATOM   706  C CA  . LEU A 1 87  ? 6.515   11.052  9.099   1.00 64.41  ? 87  LEU A CA  1 
ATOM   707  C C   . LEU A 1 87  ? 7.197   10.821  7.783   1.00 73.46  ? 87  LEU A C   1 
ATOM   708  O O   . LEU A 1 87  ? 8.327   11.235  7.609   1.00 81.75  ? 87  LEU A O   1 
ATOM   709  C CB  . LEU A 1 87  ? 6.860   9.845   9.967   1.00 64.47  ? 87  LEU A CB  1 
ATOM   710  C CG  . LEU A 1 87  ? 6.710   9.974   11.485  1.00 66.74  ? 87  LEU A CG  1 
ATOM   711  C CD1 . LEU A 1 87  ? 5.578   10.904  11.874  1.00 70.49  ? 87  LEU A CD1 1 
ATOM   712  C CD2 . LEU A 1 87  ? 6.549   8.593   12.100  1.00 72.40  ? 87  LEU A CD2 1 
ATOM   713  N N   . GLU A 1 88  ? 6.547   10.104  6.870   1.00 82.07  ? 88  GLU A N   1 
ATOM   714  C CA  . GLU A 1 88  ? 7.221   9.637   5.656   1.00 73.00  ? 88  GLU A CA  1 
ATOM   715  C C   . GLU A 1 88  ? 6.229   9.521   4.542   1.00 79.26  ? 88  GLU A C   1 
ATOM   716  O O   . GLU A 1 88  ? 5.022   9.382   4.807   1.00 71.62  ? 88  GLU A O   1 
ATOM   717  C CB  . GLU A 1 88  ? 7.892   8.293   5.887   1.00 68.75  ? 88  GLU A CB  1 
ATOM   718  C CG  . GLU A 1 88  ? 8.884   7.984   4.796   1.00 79.34  ? 88  GLU A CG  1 
ATOM   719  C CD  . GLU A 1 88  ? 9.843   6.882   5.133   1.00 89.66  ? 88  GLU A CD  1 
ATOM   720  O OE1 . GLU A 1 88  ? 10.674  6.580   4.242   1.00 96.93  ? 88  GLU A OE1 1 
ATOM   721  O OE2 . GLU A 1 88  ? 9.765   6.318   6.247   1.00 87.43  ? 88  GLU A OE2 1 
ATOM   722  N N   . GLU A 1 89  ? 6.750   9.585   3.309   1.00 78.31  ? 89  GLU A N   1 
ATOM   723  C CA  . GLU A 1 89  ? 5.959   9.535   2.097   1.00 71.41  ? 89  GLU A CA  1 
ATOM   724  C C   . GLU A 1 89  ? 6.668   8.861   0.931   1.00 75.57  ? 89  GLU A C   1 
ATOM   725  O O   . GLU A 1 89  ? 7.886   8.959   0.776   1.00 62.36  ? 89  GLU A O   1 
ATOM   726  C CB  . GLU A 1 89  ? 5.527   10.930  1.688   1.00 79.68  ? 89  GLU A CB  1 
ATOM   727  C CG  . GLU A 1 89  ? 4.351   10.940  0.724   1.00 90.95  ? 89  GLU A CG  1 
ATOM   728  C CD  . GLU A 1 89  ? 3.831   12.335  0.465   1.00 94.89  ? 89  GLU A CD  1 
ATOM   729  O OE1 . GLU A 1 89  ? 4.509   13.292  0.904   1.00 93.96  ? 89  GLU A OE1 1 
ATOM   730  O OE2 . GLU A 1 89  ? 2.761   12.468  -0.183  1.00 84.53  ? 89  GLU A OE2 1 
ATOM   731  N N   . TRP A 1 90  ? 5.868   8.148   0.130   1.00 75.72  ? 90  TRP A N   1 
ATOM   732  C CA  . TRP A 1 90  ? 6.328   7.541   -1.101  1.00 68.71  ? 90  TRP A CA  1 
ATOM   733  C C   . TRP A 1 90  ? 5.322   7.673   -2.230  1.00 69.90  ? 90  TRP A C   1 
ATOM   734  O O   . TRP A 1 90  ? 4.101   7.780   -2.010  1.00 64.11  ? 90  TRP A O   1 
ATOM   735  C CB  . TRP A 1 90  ? 6.567   6.064   -0.942  1.00 66.83  ? 90  TRP A CB  1 
ATOM   736  C CG  . TRP A 1 90  ? 7.410   5.658   0.161   1.00 74.32  ? 90  TRP A CG  1 
ATOM   737  C CD1 . TRP A 1 90  ? 8.735   5.401   0.125   1.00 78.86  ? 90  TRP A CD1 1 
ATOM   738  C CD2 . TRP A 1 90  ? 6.977   5.369   1.475   1.00 74.07  ? 90  TRP A CD2 1 
ATOM   739  N NE1 . TRP A 1 90  ? 9.172   4.981   1.352   1.00 81.44  ? 90  TRP A NE1 1 
ATOM   740  C CE2 . TRP A 1 90  ? 8.104   4.952   2.203   1.00 79.18  ? 90  TRP A CE2 1 
ATOM   741  C CE3 . TRP A 1 90  ? 5.743   5.430   2.114   1.00 77.74  ? 90  TRP A CE3 1 
ATOM   742  C CZ2 . TRP A 1 90  ? 8.040   4.603   3.538   1.00 86.81  ? 90  TRP A CZ2 1 
ATOM   743  C CZ3 . TRP A 1 90  ? 5.675   5.087   3.435   1.00 86.91  ? 90  TRP A CZ3 1 
ATOM   744  C CH2 . TRP A 1 90  ? 6.820   4.673   4.140   1.00 85.26  ? 90  TRP A CH2 1 
ATOM   745  N N   . PHE A 1 91  ? 5.884   7.622   -3.438  1.00 68.15  ? 91  PHE A N   1 
ATOM   746  C CA  . PHE A 1 91  ? 5.161   7.667   -4.691  1.00 62.59  ? 91  PHE A CA  1 
ATOM   747  C C   . PHE A 1 91  ? 5.683   6.490   -5.469  1.00 63.18  ? 91  PHE A C   1 
ATOM   748  O O   . PHE A 1 91  ? 6.883   6.300   -5.535  1.00 59.65  ? 91  PHE A O   1 
ATOM   749  C CB  . PHE A 1 91  ? 5.447   8.978   -5.380  1.00 59.08  ? 91  PHE A CB  1 
ATOM   750  C CG  . PHE A 1 91  ? 5.111   10.162  -4.527  1.00 65.66  ? 91  PHE A CG  1 
ATOM   751  C CD1 . PHE A 1 91  ? 5.993   10.606  -3.539  1.00 65.11  ? 91  PHE A CD1 1 
ATOM   752  C CD2 . PHE A 1 91  ? 3.895   10.807  -4.670  1.00 63.20  ? 91  PHE A CD2 1 
ATOM   753  C CE1 . PHE A 1 91  ? 5.661   11.686  -2.741  1.00 70.31  ? 91  PHE A CE1 1 
ATOM   754  C CE2 . PHE A 1 91  ? 3.550   11.877  -3.866  1.00 62.96  ? 91  PHE A CE2 1 
ATOM   755  C CZ  . PHE A 1 91  ? 4.432   12.326  -2.901  1.00 68.10  ? 91  PHE A CZ  1 
ATOM   756  N N   . PHE A 1 92  ? 4.782   5.645   -5.964  1.00 64.36  ? 92  PHE A N   1 
ATOM   757  C CA  . PHE A 1 92  ? 5.166   4.498   -6.796  1.00 63.83  ? 92  PHE A CA  1 
ATOM   758  C C   . PHE A 1 92  ? 4.274   4.488   -8.033  1.00 63.27  ? 92  PHE A C   1 
ATOM   759  O O   . PHE A 1 92  ? 3.092   4.831   -7.952  1.00 59.31  ? 92  PHE A O   1 
ATOM   760  C CB  . PHE A 1 92  ? 4.999   3.183   -6.066  1.00 64.93  ? 92  PHE A CB  1 
ATOM   761  C CG  . PHE A 1 92  ? 5.839   3.043   -4.833  1.00 72.67  ? 92  PHE A CG  1 
ATOM   762  C CD1 . PHE A 1 92  ? 7.166   2.604   -4.922  1.00 71.00  ? 92  PHE A CD1 1 
ATOM   763  C CD2 . PHE A 1 92  ? 5.295   3.282   -3.575  1.00 69.38  ? 92  PHE A CD2 1 
ATOM   764  C CE1 . PHE A 1 92  ? 7.932   2.450   -3.784  1.00 65.71  ? 92  PHE A CE1 1 
ATOM   765  C CE2 . PHE A 1 92  ? 6.069   3.131   -2.432  1.00 69.11  ? 92  PHE A CE2 1 
ATOM   766  C CZ  . PHE A 1 92  ? 7.386   2.714   -2.543  1.00 67.55  ? 92  PHE A CZ  1 
ATOM   767  N N   . GLU A 1 93  ? 4.855   4.118   -9.170  1.00 62.32  ? 93  GLU A N   1 
ATOM   768  C CA  . GLU A 1 93  ? 4.163   4.105   -10.427 1.00 57.77  ? 93  GLU A CA  1 
ATOM   769  C C   . GLU A 1 93  ? 4.234   2.722   -10.980 1.00 61.31  ? 93  GLU A C   1 
ATOM   770  O O   . GLU A 1 93  ? 5.315   2.172   -11.078 1.00 58.09  ? 93  GLU A O   1 
ATOM   771  C CB  . GLU A 1 93  ? 4.820   5.054   -11.376 1.00 66.15  ? 93  GLU A CB  1 
ATOM   772  C CG  . GLU A 1 93  ? 4.274   4.988   -12.801 1.00 79.24  ? 93  GLU A CG  1 
ATOM   773  C CD  . GLU A 1 93  ? 4.618   6.227   -13.610 1.00 90.26  ? 93  GLU A CD  1 
ATOM   774  O OE1 . GLU A 1 93  ? 4.993   6.093   -14.805 1.00 94.87  ? 93  GLU A OE1 1 
ATOM   775  O OE2 . GLU A 1 93  ? 4.520   7.337   -13.031 1.00 80.49  ? 93  GLU A OE2 1 
ATOM   776  N N   . PHE A 1 94  ? 3.078   2.139   -11.287 1.00 60.27  ? 94  PHE A N   1 
ATOM   777  C CA  . PHE A 1 94  ? 3.028   0.929   -12.091 1.00 59.36  ? 94  PHE A CA  1 
ATOM   778  C C   . PHE A 1 94  ? 2.877   1.270   -13.572 1.00 60.48  ? 94  PHE A C   1 
ATOM   779  O O   . PHE A 1 94  ? 3.429   0.585   -14.419 1.00 61.56  ? 94  PHE A O   1 
ATOM   780  C CB  . PHE A 1 94  ? 1.865   0.062   -11.659 1.00 61.17  ? 94  PHE A CB  1 
ATOM   781  C CG  . PHE A 1 94  ? 1.709   -1.212  -12.465 1.00 64.18  ? 94  PHE A CG  1 
ATOM   782  C CD1 . PHE A 1 94  ? 2.406   -2.367  -12.113 1.00 67.62  ? 94  PHE A CD1 1 
ATOM   783  C CD2 . PHE A 1 94  ? 0.832   -1.267  -13.547 1.00 60.18  ? 94  PHE A CD2 1 
ATOM   784  C CE1 . PHE A 1 94  ? 2.239   -3.559  -12.824 1.00 71.01  ? 94  PHE A CE1 1 
ATOM   785  C CE2 . PHE A 1 94  ? 0.663   -2.452  -14.265 1.00 68.51  ? 94  PHE A CE2 1 
ATOM   786  C CZ  . PHE A 1 94  ? 1.363   -3.607  -13.902 1.00 67.37  ? 94  PHE A CZ  1 
ATOM   787  N N   . GLY A 1 95  ? 2.073   2.283   -13.877 1.00 59.99  ? 95  GLY A N   1 
ATOM   788  C CA  . GLY A 1 95  ? 1.740   2.627   -15.246 1.00 59.92  ? 95  GLY A CA  1 
ATOM   789  C C   . GLY A 1 95  ? 0.481   1.975   -15.838 1.00 67.59  ? 95  GLY A C   1 
ATOM   790  O O   . GLY A 1 95  ? -0.608  1.996   -15.238 1.00 63.45  ? 95  GLY A O   1 
ATOM   791  N N   . PHE A 1 96  ? 0.639   1.436   -17.040 1.00 59.13  ? 96  PHE A N   1 
ATOM   792  C CA  . PHE A 1 96  ? -0.452  1.029   -17.874 1.00 56.45  ? 96  PHE A CA  1 
ATOM   793  C C   . PHE A 1 96  ? -0.994  -0.300  -17.380 1.00 56.36  ? 96  PHE A C   1 
ATOM   794  O O   . PHE A 1 96  ? -0.243  -1.207  -17.073 1.00 51.28  ? 96  PHE A O   1 
ATOM   795  C CB  . PHE A 1 96  ? -0.018  0.877   -19.353 1.00 53.25  ? 96  PHE A CB  1 
ATOM   796  C CG  . PHE A 1 96  ? -1.170  0.520   -20.269 1.00 61.96  ? 96  PHE A CG  1 
ATOM   797  C CD1 . PHE A 1 96  ? -2.134  1.492   -20.611 1.00 64.57  ? 96  PHE A CD1 1 
ATOM   798  C CD2 . PHE A 1 96  ? -1.361  -0.801  -20.719 1.00 55.63  ? 96  PHE A CD2 1 
ATOM   799  C CE1 . PHE A 1 96  ? -3.244  1.162   -21.409 1.00 59.21  ? 96  PHE A CE1 1 
ATOM   800  C CE2 . PHE A 1 96  ? -2.448  -1.122  -21.530 1.00 57.46  ? 96  PHE A CE2 1 
ATOM   801  C CZ  . PHE A 1 96  ? -3.404  -0.146  -21.856 1.00 54.69  ? 96  PHE A CZ  1 
ATOM   802  N N   . VAL A 1 97  ? -2.311  -0.421  -17.325 1.00 53.57  ? 97  VAL A N   1 
ATOM   803  C CA  . VAL A 1 97  ? -2.911  -1.685  -16.938 1.00 51.31  ? 97  VAL A CA  1 
ATOM   804  C C   . VAL A 1 97  ? -3.892  -2.077  -17.977 1.00 48.07  ? 97  VAL A C   1 
ATOM   805  O O   . VAL A 1 97  ? -4.857  -1.322  -18.298 1.00 51.08  ? 97  VAL A O   1 
ATOM   806  C CB  . VAL A 1 97  ? -3.686  -1.643  -15.595 1.00 54.66  ? 97  VAL A CB  1 
ATOM   807  C CG1 . VAL A 1 97  ? -4.238  -3.048  -15.235 1.00 52.47  ? 97  VAL A CG1 1 
ATOM   808  C CG2 . VAL A 1 97  ? -2.810  -1.097  -14.468 1.00 57.92  ? 97  VAL A CG2 1 
ATOM   809  N N   . ILE A 1 98  ? -3.670  -3.280  -18.453 1.00 50.58  ? 98  ILE A N   1 
ATOM   810  C CA  . ILE A 1 98  ? -4.545  -3.933  -19.420 1.00 52.56  ? 98  ILE A CA  1 
ATOM   811  C C   . ILE A 1 98  ? -5.817  -4.349  -18.723 1.00 53.43  ? 98  ILE A C   1 
ATOM   812  O O   . ILE A 1 98  ? -5.738  -4.944  -17.641 1.00 56.44  ? 98  ILE A O   1 
ATOM   813  C CB  . ILE A 1 98  ? -3.840  -5.201  -19.949 1.00 53.14  ? 98  ILE A CB  1 
ATOM   814  C CG1 . ILE A 1 98  ? -2.705  -4.813  -20.907 1.00 63.97  ? 98  ILE A CG1 1 
ATOM   815  C CG2 . ILE A 1 98  ? -4.790  -6.215  -20.559 1.00 47.07  ? 98  ILE A CG2 1 
ATOM   816  C CD1 . ILE A 1 98  ? -1.580  -5.856  -20.978 1.00 71.91  ? 98  ILE A CD1 1 
ATOM   817  N N   . PRO A 1 99  ? -6.982  -4.064  -19.337 1.00 51.14  ? 99  PRO A N   1 
ATOM   818  C CA  . PRO A 1 99  ? -8.257  -4.548  -18.786 1.00 56.37  ? 99  PRO A CA  1 
ATOM   819  C C   . PRO A 1 99  ? -8.311  -6.076  -18.682 1.00 58.19  ? 99  PRO A C   1 
ATOM   820  O O   . PRO A 1 99  ? -7.809  -6.760  -19.573 1.00 51.66  ? 99  PRO A O   1 
ATOM   821  C CB  . PRO A 1 99  ? -9.306  -4.027  -19.795 1.00 53.79  ? 99  PRO A CB  1 
ATOM   822  C CG  . PRO A 1 99  ? -8.553  -3.808  -21.086 1.00 47.92  ? 99  PRO A CG  1 
ATOM   823  C CD  . PRO A 1 99  ? -7.186  -3.342  -20.612 1.00 52.73  ? 99  PRO A CD  1 
ATOM   824  N N   . ASN A 1 100 ? -8.915  -6.564  -17.593 1.00 59.02  ? 100 ASN A N   1 
ATOM   825  C CA  . ASN A 1 100 ? -9.010  -7.987  -17.240 1.00 55.75  ? 100 ASN A CA  1 
ATOM   826  C C   . ASN A 1 100 ? -7.681  -8.696  -17.079 1.00 58.16  ? 100 ASN A C   1 
ATOM   827  O O   . ASN A 1 100 ? -7.581  -9.880  -17.324 1.00 61.70  ? 100 ASN A O   1 
ATOM   828  C CB  . ASN A 1 100 ? -9.872  -8.727  -18.235 1.00 60.45  ? 100 ASN A CB  1 
ATOM   829  C CG  . ASN A 1 100 ? -11.261 -8.129  -18.326 1.00 62.02  ? 100 ASN A CG  1 
ATOM   830  O OD1 . ASN A 1 100 ? -11.607 -7.509  -19.318 1.00 53.01  ? 100 ASN A OD1 1 
ATOM   831  N ND2 . ASN A 1 100 ? -12.034 -8.259  -17.260 1.00 56.36  ? 100 ASN A ND2 1 
ATOM   832  N N   . SER A 1 101 ? -6.685  -7.970  -16.611 1.00 55.71  ? 101 SER A N   1 
ATOM   833  C CA  . SER A 1 101 ? -5.386  -8.523  -16.317 1.00 55.76  ? 101 SER A CA  1 
ATOM   834  C C   . SER A 1 101 ? -5.174  -8.729  -14.814 1.00 57.34  ? 101 SER A C   1 
ATOM   835  O O   . SER A 1 101 ? -5.831  -8.133  -13.972 1.00 56.44  ? 101 SER A O   1 
ATOM   836  C CB  . SER A 1 101 ? -4.292  -7.597  -16.840 1.00 52.81  ? 101 SER A CB  1 
ATOM   837  O OG  . SER A 1 101 ? -4.266  -6.416  -16.066 1.00 60.45  ? 101 SER A OG  1 
ATOM   838  N N   . THR A 1 102 ? -4.247  -9.631  -14.530 1.00 57.07  ? 102 THR A N   1 
ATOM   839  C CA  . THR A 1 102 ? -3.692  -9.864  -13.241 1.00 56.07  ? 102 THR A CA  1 
ATOM   840  C C   . THR A 1 102 ? -2.211  -9.632  -13.366 1.00 56.01  ? 102 THR A C   1 
ATOM   841  O O   . THR A 1 102 ? -1.587  -10.034 -14.330 1.00 68.57  ? 102 THR A O   1 
ATOM   842  C CB  . THR A 1 102 ? -3.928  -11.318 -12.797 1.00 58.15  ? 102 THR A CB  1 
ATOM   843  O OG1 . THR A 1 102 ? -5.313  -11.507 -12.586 1.00 55.98  ? 102 THR A OG1 1 
ATOM   844  C CG2 . THR A 1 102 ? -3.251  -11.618 -11.445 1.00 58.44  ? 102 THR A CG2 1 
ATOM   845  N N   . ASN A 1 103 ? -1.643  -8.982  -12.372 1.00 58.04  ? 103 ASN A N   1 
ATOM   846  C CA  . ASN A 1 103 ? -0.314  -8.411  -12.518 1.00 58.36  ? 103 ASN A CA  1 
ATOM   847  C C   . ASN A 1 103 ? 0.389   -8.429  -11.204 1.00 58.67  ? 103 ASN A C   1 
ATOM   848  O O   . ASN A 1 103 ? -0.233  -8.207  -10.176 1.00 64.07  ? 103 ASN A O   1 
ATOM   849  C CB  . ASN A 1 103 ? -0.412  -6.955  -12.914 1.00 56.34  ? 103 ASN A CB  1 
ATOM   850  C CG  . ASN A 1 103 ? -1.324  -6.730  -14.068 1.00 62.64  ? 103 ASN A CG  1 
ATOM   851  O OD1 . ASN A 1 103 ? -0.861  -6.711  -15.201 1.00 63.19  ? 103 ASN A OD1 1 
ATOM   852  N ND2 . ASN A 1 103 ? -2.648  -6.545  -13.794 1.00 60.50  ? 103 ASN A ND2 1 
ATOM   853  N N   . THR A 1 104 ? 1.695   -8.633  -11.244 1.00 60.40  ? 104 THR A N   1 
ATOM   854  C CA  . THR A 1 104 ? 2.482   -8.733  -10.041 1.00 57.12  ? 104 THR A CA  1 
ATOM   855  C C   . THR A 1 104 ? 3.443   -7.590  -10.048 1.00 56.03  ? 104 THR A C   1 
ATOM   856  O O   . THR A 1 104 ? 4.193   -7.457  -10.981 1.00 62.08  ? 104 THR A O   1 
ATOM   857  C CB  . THR A 1 104 ? 3.169   -10.092 -10.002 1.00 57.80  ? 104 THR A CB  1 
ATOM   858  O OG1 . THR A 1 104 ? 2.205   -11.050 -9.536  1.00 61.68  ? 104 THR A OG1 1 
ATOM   859  C CG2 . THR A 1 104 ? 4.337   -10.073 -9.062  1.00 55.87  ? 104 THR A CG2 1 
ATOM   860  N N   . TRP A 1 105 ? 3.368   -6.737  -9.034  1.00 56.02  ? 105 TRP A N   1 
ATOM   861  C CA  . TRP A 1 105 ? 4.114   -5.477  -9.004  1.00 63.82  ? 105 TRP A CA  1 
ATOM   862  C C   . TRP A 1 105 ? 5.214   -5.503  -7.930  1.00 66.24  ? 105 TRP A C   1 
ATOM   863  O O   . TRP A 1 105 ? 4.917   -5.580  -6.722  1.00 67.51  ? 105 TRP A O   1 
ATOM   864  C CB  . TRP A 1 105 ? 3.143   -4.325  -8.702  1.00 56.15  ? 105 TRP A CB  1 
ATOM   865  C CG  . TRP A 1 105 ? 3.783   -2.985  -8.737  1.00 55.65  ? 105 TRP A CG  1 
ATOM   866  C CD1 . TRP A 1 105 ? 5.035   -2.691  -9.146  1.00 56.18  ? 105 TRP A CD1 1 
ATOM   867  C CD2 . TRP A 1 105 ? 3.169   -1.739  -8.409  1.00 56.90  ? 105 TRP A CD2 1 
ATOM   868  N NE1 . TRP A 1 105 ? 5.253   -1.354  -9.071  1.00 60.90  ? 105 TRP A NE1 1 
ATOM   869  C CE2 . TRP A 1 105 ? 4.120   -0.741  -8.627  1.00 55.51  ? 105 TRP A CE2 1 
ATOM   870  C CE3 . TRP A 1 105 ? 1.907   -1.376  -7.964  1.00 55.58  ? 105 TRP A CE3 1 
ATOM   871  C CZ2 . TRP A 1 105 ? 3.865   0.594   -8.395  1.00 63.58  ? 105 TRP A CZ2 1 
ATOM   872  C CZ3 . TRP A 1 105 ? 1.645   -0.055  -7.735  1.00 59.60  ? 105 TRP A CZ3 1 
ATOM   873  C CH2 . TRP A 1 105 ? 2.619   0.929   -7.948  1.00 61.27  ? 105 TRP A CH2 1 
ATOM   874  N N   . GLN A 1 106 ? 6.466   -5.439  -8.359  1.00 65.87  ? 106 GLN A N   1 
ATOM   875  C CA  . GLN A 1 106 ? 7.589   -5.419  -7.430  1.00 66.53  ? 106 GLN A CA  1 
ATOM   876  C C   . GLN A 1 106 ? 7.996   -3.976  -7.201  1.00 72.60  ? 106 GLN A C   1 
ATOM   877  O O   . GLN A 1 106 ? 8.173   -3.194  -8.159  1.00 65.18  ? 106 GLN A O   1 
ATOM   878  C CB  . GLN A 1 106 ? 8.754   -6.238  -7.960  1.00 77.11  ? 106 GLN A CB  1 
ATOM   879  C CG  . GLN A 1 106 ? 9.842   -6.533  -6.920  1.00 97.14  ? 106 GLN A CG  1 
ATOM   880  C CD  . GLN A 1 106 ? 10.281  -8.011  -6.893  1.00 105.37 ? 106 GLN A CD  1 
ATOM   881  O OE1 . GLN A 1 106 ? 9.453   -8.937  -7.010  1.00 86.68  ? 106 GLN A OE1 1 
ATOM   882  N NE2 . GLN A 1 106 ? 11.592  -8.238  -6.724  1.00 99.75  ? 106 GLN A NE2 1 
ATOM   883  N N   . SER A 1 107 ? 8.111   -3.620  -5.924  1.00 72.35  ? 107 SER A N   1 
ATOM   884  C CA  . SER A 1 107 ? 8.647   -2.338  -5.519  1.00 66.92  ? 107 SER A CA  1 
ATOM   885  C C   . SER A 1 107 ? 9.700   -2.495  -4.465  1.00 71.71  ? 107 SER A C   1 
ATOM   886  O O   . SER A 1 107 ? 9.834   -3.548  -3.821  1.00 75.94  ? 107 SER A O   1 
ATOM   887  C CB  . SER A 1 107 ? 7.542   -1.426  -5.004  1.00 67.11  ? 107 SER A CB  1 
ATOM   888  O OG  . SER A 1 107 ? 6.669   -1.084  -6.067  1.00 71.92  ? 107 SER A OG  1 
ATOM   889  N N   . LEU A 1 108 ? 10.456  -1.424  -4.299  1.00 71.78  ? 108 LEU A N   1 
ATOM   890  C CA  . LEU A 1 108 ? 11.472  -1.358  -3.296  1.00 71.83  ? 108 LEU A CA  1 
ATOM   891  C C   . LEU A 1 108 ? 11.203  -0.105  -2.492  1.00 77.60  ? 108 LEU A C   1 
ATOM   892  O O   . LEU A 1 108 ? 10.995  0.958   -3.070  1.00 68.56  ? 108 LEU A O   1 
ATOM   893  C CB  . LEU A 1 108 ? 12.842  -1.264  -3.946  1.00 83.44  ? 108 LEU A CB  1 
ATOM   894  C CG  . LEU A 1 108 ? 14.013  -1.325  -2.945  1.00 87.37  ? 108 LEU A CG  1 
ATOM   895  C CD1 . LEU A 1 108 ? 14.444  -2.776  -2.781  1.00 77.55  ? 108 LEU A CD1 1 
ATOM   896  C CD2 . LEU A 1 108 ? 15.173  -0.417  -3.366  1.00 85.97  ? 108 LEU A CD2 1 
ATOM   897  N N   . ILE A 1 109 ? 11.226  -0.246  -1.158  1.00 80.64  ? 109 ILE A N   1 
ATOM   898  C CA  . ILE A 1 109 ? 10.849  0.820   -0.221  1.00 80.59  ? 109 ILE A CA  1 
ATOM   899  C C   . ILE A 1 109 ? 11.961  1.157   0.784   1.00 76.52  ? 109 ILE A C   1 
ATOM   900  O O   . ILE A 1 109 ? 12.397  0.299   1.538   1.00 75.34  ? 109 ILE A O   1 
ATOM   901  C CB  . ILE A 1 109 ? 9.580   0.426   0.566   1.00 79.22  ? 109 ILE A CB  1 
ATOM   902  C CG1 . ILE A 1 109 ? 8.455   0.029   -0.404  1.00 70.44  ? 109 ILE A CG1 1 
ATOM   903  C CG2 . ILE A 1 109 ? 9.119   1.600   1.448   1.00 76.14  ? 109 ILE A CG2 1 
ATOM   904  C CD1 . ILE A 1 109 ? 7.616   -1.113  0.072   1.00 80.76  ? 109 ILE A CD1 1 
ATOM   905  N N   . GLU A 1 110 ? 12.362  2.425   0.816   1.00 90.13  ? 110 GLU A N   1 
ATOM   906  C CA  . GLU A 1 110 ? 13.510  2.887   1.605   1.00 99.73  ? 110 GLU A CA  1 
ATOM   907  C C   . GLU A 1 110 ? 13.027  3.824   2.733   1.00 104.25 ? 110 GLU A C   1 
ATOM   908  O O   . GLU A 1 110 ? 12.116  4.635   2.508   1.00 94.03  ? 110 GLU A O   1 
ATOM   909  C CB  . GLU A 1 110 ? 14.521  3.590   0.674   1.00 96.67  ? 110 GLU A CB  1 
ATOM   910  C CG  . GLU A 1 110 ? 14.912  2.754   -0.557  1.00 104.43 ? 110 GLU A CG  1 
ATOM   911  C CD  . GLU A 1 110 ? 16.105  3.305   -1.347  1.00 109.91 ? 110 GLU A CD  1 
ATOM   912  O OE1 . GLU A 1 110 ? 16.043  4.472   -1.775  1.00 111.66 ? 110 GLU A OE1 1 
ATOM   913  O OE2 . GLU A 1 110 ? 17.102  2.569   -1.562  1.00 107.87 ? 110 GLU A OE2 1 
ATOM   914  N N   . ALA A 1 111 ? 13.601  3.680   3.940   1.00 110.10 ? 111 ALA A N   1 
ATOM   915  C CA  . ALA A 1 111 ? 13.338  4.607   5.066   1.00 105.31 ? 111 ALA A CA  1 
ATOM   916  C C   . ALA A 1 111 ? 14.305  5.787   4.952   1.00 108.80 ? 111 ALA A C   1 
ATOM   917  O O   . ALA A 1 111 ? 15.490  5.571   4.724   1.00 109.52 ? 111 ALA A O   1 
ATOM   918  C CB  . ALA A 1 111 ? 13.487  3.906   6.413   1.00 95.89  ? 111 ALA A CB  1 
ATOM   919  N N   . ALA A 1 112 ? 13.808  7.019   5.110   1.00 109.02 ? 112 ALA A N   1 
ATOM   920  C CA  . ALA A 1 112 ? 14.565  8.241   4.741   1.00 105.66 ? 112 ALA A CA  1 
ATOM   921  C C   . ALA A 1 112 ? 15.662  8.627   5.730   1.00 102.43 ? 112 ALA A C   1 
ATOM   922  O O   . ALA A 1 112 ? 15.954  7.895   6.682   1.00 106.99 ? 112 ALA A O   1 
ATOM   923  C CB  . ALA A 1 112 ? 13.611  9.415   4.546   1.00 108.74 ? 112 ALA A CB  1 
ATOM   924  N N   . SER A 1 115 ? 17.204  10.579  9.223   1.00 90.09  ? 115 SER A N   1 
ATOM   925  C CA  . SER A 1 115 ? 16.060  10.247  10.078  1.00 97.76  ? 115 SER A CA  1 
ATOM   926  C C   . SER A 1 115 ? 16.226  8.932   10.899  1.00 89.08  ? 115 SER A C   1 
ATOM   927  O O   . SER A 1 115 ? 16.934  8.007   10.486  1.00 91.75  ? 115 SER A O   1 
ATOM   928  C CB  . SER A 1 115 ? 14.786  10.222  9.232   1.00 92.79  ? 115 SER A CB  1 
ATOM   929  O OG  . SER A 1 115 ? 13.723  9.606   9.929   1.00 90.89  ? 115 SER A OG  1 
ATOM   930  N N   . GLN A 1 116 ? 15.564  8.882   12.059  1.00 87.22  ? 116 GLN A N   1 
ATOM   931  C CA  . GLN A 1 116 ? 15.724  7.799   13.054  1.00 92.41  ? 116 GLN A CA  1 
ATOM   932  C C   . GLN A 1 116 ? 14.376  7.204   13.489  1.00 91.40  ? 116 GLN A C   1 
ATOM   933  O O   . GLN A 1 116 ? 13.369  7.906   13.586  1.00 95.06  ? 116 GLN A O   1 
ATOM   934  C CB  . GLN A 1 116 ? 16.462  8.313   14.288  1.00 94.82  ? 116 GLN A CB  1 
ATOM   935  C CG  . GLN A 1 116 ? 17.854  8.847   13.994  1.00 111.94 ? 116 GLN A CG  1 
ATOM   936  C CD  . GLN A 1 116 ? 18.762  8.761   15.212  1.00 129.38 ? 116 GLN A CD  1 
ATOM   937  O OE1 . GLN A 1 116 ? 18.673  9.597   16.108  1.00 132.22 ? 116 GLN A OE1 1 
ATOM   938  N NE2 . GLN A 1 116 ? 19.632  7.741   15.256  1.00 128.24 ? 116 GLN A NE2 1 
ATOM   939  N N   . MET A 1 117 ? 14.368  5.910   13.765  1.00 78.68  ? 117 MET A N   1 
ATOM   940  C CA  . MET A 1 117 ? 13.141  5.217   14.110  1.00 81.75  ? 117 MET A CA  1 
ATOM   941  C C   . MET A 1 117 ? 12.924  5.270   15.615  1.00 83.29  ? 117 MET A C   1 
ATOM   942  O O   . MET A 1 117 ? 13.834  4.935   16.386  1.00 80.09  ? 117 MET A O   1 
ATOM   943  C CB  . MET A 1 117 ? 13.221  3.767   13.643  1.00 85.09  ? 117 MET A CB  1 
ATOM   944  C CG  . MET A 1 117 ? 13.418  3.625   12.137  1.00 93.58  ? 117 MET A CG  1 
ATOM   945  S SD  . MET A 1 117 ? 11.985  4.227   11.212  1.00 103.62 ? 117 MET A SD  1 
ATOM   946  C CE  . MET A 1 117 ? 10.835  2.935   11.590  1.00 96.35  ? 117 MET A CE  1 
ATOM   947  N N   . MET A 1 118 ? 11.723  5.681   16.039  1.00 72.33  ? 118 MET A N   1 
ATOM   948  C CA  . MET A 1 118 ? 11.290  5.435   17.414  1.00 56.33  ? 118 MET A CA  1 
ATOM   949  C C   . MET A 1 118 ? 11.181  3.927   17.570  1.00 57.56  ? 118 MET A C   1 
ATOM   950  O O   . MET A 1 118 ? 11.095  3.189   16.569  1.00 53.51  ? 118 MET A O   1 
ATOM   951  C CB  . MET A 1 118 ? 9.947   6.038   17.699  1.00 54.49  ? 118 MET A CB  1 
ATOM   952  C CG  . MET A 1 118 ? 9.941   7.535   17.782  1.00 53.41  ? 118 MET A CG  1 
ATOM   953  S SD  . MET A 1 118 ? 8.258   8.093   18.072  1.00 56.90  ? 118 MET A SD  1 
ATOM   954  C CE  . MET A 1 118 ? 7.795   8.399   16.356  1.00 52.17  ? 118 MET A CE  1 
ATOM   955  N N   . PRO A 1 119 ? 11.194  3.454   18.815  1.00 47.82  ? 119 PRO A N   1 
ATOM   956  C CA  . PRO A 1 119 ? 11.094  1.996   18.985  1.00 55.95  ? 119 PRO A CA  1 
ATOM   957  C C   . PRO A 1 119 ? 9.685   1.461   18.822  1.00 50.89  ? 119 PRO A C   1 
ATOM   958  O O   . PRO A 1 119 ? 8.686   2.172   19.032  1.00 49.08  ? 119 PRO A O   1 
ATOM   959  C CB  . PRO A 1 119 ? 11.594  1.747   20.405  1.00 54.14  ? 119 PRO A CB  1 
ATOM   960  C CG  . PRO A 1 119 ? 11.354  3.043   21.119  1.00 52.25  ? 119 PRO A CG  1 
ATOM   961  C CD  . PRO A 1 119 ? 11.444  4.151   20.077  1.00 46.92  ? 119 PRO A CD  1 
ATOM   962  N N   . ALA A 1 120 ? 9.668   0.193   18.466  1.00 49.64  ? 120 ALA A N   1 
ATOM   963  C CA  . ALA A 1 120 ? 8.474   -0.574  18.184  1.00 50.23  ? 120 ALA A CA  1 
ATOM   964  C C   . ALA A 1 120 ? 7.392   -0.370  19.226  1.00 52.74  ? 120 ALA A C   1 
ATOM   965  O O   . ALA A 1 120 ? 6.226   -0.111  18.887  1.00 57.16  ? 120 ALA A O   1 
ATOM   966  C CB  . ALA A 1 120 ? 8.851   -2.044  18.117  1.00 50.60  ? 120 ALA A CB  1 
ATOM   967  N N   . SER A 1 121 ? 7.808   -0.462  20.492  1.00 53.12  ? 121 SER A N   1 
ATOM   968  C CA  . SER A 1 121 ? 6.896   -0.433  21.633  1.00 47.98  ? 121 SER A CA  1 
ATOM   969  C C   . SER A 1 121 ? 6.134   0.889   21.677  1.00 46.18  ? 121 SER A C   1 
ATOM   970  O O   . SER A 1 121 ? 5.053   0.955   22.221  1.00 42.82  ? 121 SER A O   1 
ATOM   971  C CB  . SER A 1 121 ? 7.677   -0.627  22.937  1.00 45.72  ? 121 SER A CB  1 
ATOM   972  O OG  . SER A 1 121 ? 8.384   0.592   23.314  1.00 55.19  ? 121 SER A OG  1 
ATOM   973  N N   . VAL A 1 122 ? 6.737   1.943   21.131  1.00 46.82  ? 122 VAL A N   1 
ATOM   974  C CA  . VAL A 1 122 ? 6.126   3.258   21.107  1.00 43.65  ? 122 VAL A CA  1 
ATOM   975  C C   . VAL A 1 122 ? 5.214   3.366   19.916  1.00 45.03  ? 122 VAL A C   1 
ATOM   976  O O   . VAL A 1 122 ? 4.130   3.911   20.000  1.00 42.86  ? 122 VAL A O   1 
ATOM   977  C CB  . VAL A 1 122 ? 7.182   4.346   21.004  1.00 43.39  ? 122 VAL A CB  1 
ATOM   978  C CG1 . VAL A 1 122 ? 6.522   5.718   20.833  1.00 43.80  ? 122 VAL A CG1 1 
ATOM   979  C CG2 . VAL A 1 122 ? 8.027   4.325   22.252  1.00 47.15  ? 122 VAL A CG2 1 
ATOM   980  N N   . LEU A 1 123 ? 5.706   2.850   18.797  1.00 46.51  ? 123 LEU A N   1 
ATOM   981  C CA  . LEU A 1 123 ? 4.985   2.893   17.563  1.00 45.71  ? 123 LEU A CA  1 
ATOM   982  C C   . LEU A 1 123 ? 3.758   1.959   17.540  1.00 47.94  ? 123 LEU A C   1 
ATOM   983  O O   . LEU A 1 123 ? 2.825   2.187   16.778  1.00 42.01  ? 123 LEU A O   1 
ATOM   984  C CB  . LEU A 1 123 ? 5.934   2.512   16.415  1.00 47.27  ? 123 LEU A CB  1 
ATOM   985  C CG  . LEU A 1 123 ? 7.095   3.440   16.047  1.00 51.15  ? 123 LEU A CG  1 
ATOM   986  C CD1 . LEU A 1 123 ? 7.860   2.828   14.879  1.00 54.73  ? 123 LEU A CD1 1 
ATOM   987  C CD2 . LEU A 1 123 ? 6.604   4.827   15.685  1.00 44.99  ? 123 LEU A CD2 1 
ATOM   988  N N   . THR A 1 124 ? 3.776   0.870   18.301  1.00 46.15  ? 124 THR A N   1 
ATOM   989  C CA  . THR A 1 124 ? 2.830   -0.196  17.971  1.00 46.81  ? 124 THR A CA  1 
ATOM   990  C C   . THR A 1 124 ? 1.408   0.262   18.229  1.00 44.48  ? 124 THR A C   1 
ATOM   991  O O   . THR A 1 124 ? 1.131   0.888   19.256  1.00 50.27  ? 124 THR A O   1 
ATOM   992  C CB  . THR A 1 124 ? 3.146   -1.535  18.658  1.00 41.63  ? 124 THR A CB  1 
ATOM   993  O OG1 . THR A 1 124 ? 2.255   -2.531  18.126  1.00 42.89  ? 124 THR A OG1 1 
ATOM   994  C CG2 . THR A 1 124 ? 2.995   -1.440  20.178  1.00 39.31  ? 124 THR A CG2 1 
ATOM   995  N N   . GLY A 1 125 ? 0.515   -0.005  17.288  1.00 45.39  ? 125 GLY A N   1 
ATOM   996  C CA  . GLY A 1 125 ? -0.860  0.528   17.358  1.00 43.76  ? 125 GLY A CA  1 
ATOM   997  C C   . GLY A 1 125 ? -1.061  2.032   17.205  1.00 48.61  ? 125 GLY A C   1 
ATOM   998  O O   . GLY A 1 125 ? -2.202  2.510   17.256  1.00 52.37  ? 125 GLY A O   1 
ATOM   999  N N   . ASN A 1 126 ? 0.021   2.788   17.008  1.00 46.04  ? 126 ASN A N   1 
ATOM   1000 C CA  . ASN A 1 126 ? -0.057  4.236   16.813  1.00 47.61  ? 126 ASN A CA  1 
ATOM   1001 C C   . ASN A 1 126 ? 0.272   4.683   15.360  1.00 45.88  ? 126 ASN A C   1 
ATOM   1002 O O   . ASN A 1 126 ? 0.227   5.874   15.017  1.00 43.51  ? 126 ASN A O   1 
ATOM   1003 C CB  . ASN A 1 126 ? 0.901   4.913   17.813  1.00 53.60  ? 126 ASN A CB  1 
ATOM   1004 C CG  . ASN A 1 126 ? 0.407   4.849   19.240  1.00 42.77  ? 126 ASN A CG  1 
ATOM   1005 O OD1 . ASN A 1 126 ? 1.166   4.551   20.178  1.00 46.97  ? 126 ASN A OD1 1 
ATOM   1006 N ND2 . ASN A 1 126 ? -0.854  5.142   19.421  1.00 42.40  ? 126 ASN A ND2 1 
ATOM   1007 N N   . VAL A 1 127 ? 0.622   3.721   14.521  1.00 42.35  ? 127 VAL A N   1 
ATOM   1008 C CA  . VAL A 1 127 ? 0.915   3.954   13.106  1.00 46.55  ? 127 VAL A CA  1 
ATOM   1009 C C   . VAL A 1 127 ? -0.228  3.493   12.204  1.00 47.89  ? 127 VAL A C   1 
ATOM   1010 O O   . VAL A 1 127 ? -0.772  2.389   12.320  1.00 51.10  ? 127 VAL A O   1 
ATOM   1011 C CB  . VAL A 1 127 ? 2.198   3.216   12.686  1.00 47.43  ? 127 VAL A CB  1 
ATOM   1012 C CG1 . VAL A 1 127 ? 2.476   3.395   11.215  1.00 49.53  ? 127 VAL A CG1 1 
ATOM   1013 C CG2 . VAL A 1 127 ? 3.377   3.778   13.451  1.00 52.47  ? 127 VAL A CG2 1 
ATOM   1014 N N   . ILE A 1 128 ? -0.532  4.359   11.268  1.00 48.73  ? 128 ILE A N   1 
ATOM   1015 C CA  . ILE A 1 128 ? -1.491  4.122   10.238  1.00 49.18  ? 128 ILE A CA  1 
ATOM   1016 C C   . ILE A 1 128 ? -0.698  4.292   8.967   1.00 47.31  ? 128 ILE A C   1 
ATOM   1017 O O   . ILE A 1 128 ? -0.002  5.296   8.826   1.00 50.42  ? 128 ILE A O   1 
ATOM   1018 C CB  . ILE A 1 128 ? -2.564  5.256   10.250  1.00 50.48  ? 128 ILE A CB  1 
ATOM   1019 C CG1 . ILE A 1 128 ? -3.553  5.059   11.360  1.00 50.90  ? 128 ILE A CG1 1 
ATOM   1020 C CG2 . ILE A 1 128 ? -3.324  5.349   8.930   1.00 51.74  ? 128 ILE A CG2 1 
ATOM   1021 C CD1 . ILE A 1 128 ? -4.568  3.975   11.092  1.00 62.78  ? 128 ILE A CD1 1 
ATOM   1022 N N   . ILE A 1 129 ? -0.819  3.355   8.036   1.00 48.51  ? 129 ILE A N   1 
ATOM   1023 C CA  . ILE A 1 129 ? -0.355  3.548   6.665   1.00 46.36  ? 129 ILE A CA  1 
ATOM   1024 C C   . ILE A 1 129 ? -1.525  3.898   5.757   1.00 49.61  ? 129 ILE A C   1 
ATOM   1025 O O   . ILE A 1 129 ? -2.492  3.111   5.616   1.00 55.03  ? 129 ILE A O   1 
ATOM   1026 C CB  . ILE A 1 129 ? 0.286   2.282   6.118   1.00 48.57  ? 129 ILE A CB  1 
ATOM   1027 C CG1 . ILE A 1 129 ? 1.421   1.809   7.029   1.00 54.13  ? 129 ILE A CG1 1 
ATOM   1028 C CG2 . ILE A 1 129 ? 0.850   2.582   4.734   1.00 51.95  ? 129 ILE A CG2 1 
ATOM   1029 C CD1 . ILE A 1 129 ? 2.591   2.798   7.147   1.00 59.58  ? 129 ILE A CD1 1 
ATOM   1030 N N   . GLU A 1 130 ? -1.441  5.058   5.126   1.00 52.50  ? 130 GLU A N   1 
ATOM   1031 C CA  . GLU A 1 130 ? -2.495  5.515   4.204   1.00 55.30  ? 130 GLU A CA  1 
ATOM   1032 C C   . GLU A 1 130 ? -2.020  5.282   2.777   1.00 57.62  ? 130 GLU A C   1 
ATOM   1033 O O   . GLU A 1 130 ? -0.877  5.625   2.419   1.00 57.54  ? 130 GLU A O   1 
ATOM   1034 C CB  . GLU A 1 130 ? -2.828  6.968   4.453   1.00 51.92  ? 130 GLU A CB  1 
ATOM   1035 C CG  . GLU A 1 130 ? -3.975  7.551   3.627   1.00 58.95  ? 130 GLU A CG  1 
ATOM   1036 C CD  . GLU A 1 130 ? -3.988  9.089   3.720   1.00 64.25  ? 130 GLU A CD  1 
ATOM   1037 O OE1 . GLU A 1 130 ? -3.132  9.786   3.091   1.00 62.67  ? 130 GLU A OE1 1 
ATOM   1038 O OE2 . GLU A 1 130 ? -4.822  9.603   4.472   1.00 68.85  ? 130 GLU A OE2 1 
ATOM   1039 N N   . THR A 1 131 ? -2.877  4.643   1.978   1.00 53.06  ? 131 THR A N   1 
ATOM   1040 C CA  . THR A 1 131 ? -2.547  4.338   0.601   1.00 50.16  ? 131 THR A CA  1 
ATOM   1041 C C   . THR A 1 131 ? -3.650  4.979   -0.204  1.00 52.31  ? 131 THR A C   1 
ATOM   1042 O O   . THR A 1 131 ? -4.822  4.762   0.065   1.00 51.66  ? 131 THR A O   1 
ATOM   1043 C CB  . THR A 1 131 ? -2.478  2.817   0.368   1.00 53.09  ? 131 THR A CB  1 
ATOM   1044 O OG1 . THR A 1 131 ? -1.396  2.260   1.122   1.00 46.10  ? 131 THR A OG1 1 
ATOM   1045 C CG2 . THR A 1 131 ? -2.243  2.467   -1.092  1.00 50.87  ? 131 THR A CG2 1 
ATOM   1046 N N   . LYS A 1 132 ? -3.249  5.839   -1.135  1.00 56.67  ? 132 LYS A N   1 
ATOM   1047 C CA  . LYS A 1 132 ? -4.123  6.351   -2.155  1.00 51.93  ? 132 LYS A CA  1 
ATOM   1048 C C   . LYS A 1 132 ? -3.772  5.752   -3.510  1.00 53.66  ? 132 LYS A C   1 
ATOM   1049 O O   . LYS A 1 132 ? -2.611  5.771   -3.939  1.00 48.09  ? 132 LYS A O   1 
ATOM   1050 C CB  . LYS A 1 132 ? -4.011  7.832   -2.256  1.00 53.63  ? 132 LYS A CB  1 
ATOM   1051 C CG  . LYS A 1 132 ? -4.411  8.608   -1.018  1.00 60.18  ? 132 LYS A CG  1 
ATOM   1052 C CD  . LYS A 1 132 ? -4.276  10.114  -1.333  1.00 68.19  ? 132 LYS A CD  1 
ATOM   1053 C CE  . LYS A 1 132 ? -4.519  11.048  -0.161  1.00 69.59  ? 132 LYS A CE  1 
ATOM   1054 N NZ  . LYS A 1 132 ? -5.861  10.809  0.429   1.00 75.05  ? 132 LYS A NZ  1 
ATOM   1055 N N   . PHE A 1 133 ? -4.838  5.278   -4.161  1.00 50.37  ? 133 PHE A N   1 
ATOM   1056 C CA  A PHE A 1 133 ? -4.843  4.531   -5.404  0.30 49.81  ? 133 PHE A CA  1 
ATOM   1057 C CA  B PHE A 1 133 ? -4.742  4.590   -5.448  0.70 49.27  ? 133 PHE A CA  1 
ATOM   1058 C C   . PHE A 1 133 ? -5.306  5.559   -6.450  1.00 51.36  ? 133 PHE A C   1 
ATOM   1059 O O   . PHE A 1 133 ? -6.404  6.090   -6.294  1.00 51.57  ? 133 PHE A O   1 
ATOM   1060 C CB  A PHE A 1 133 ? -5.869  3.406   -5.130  0.30 50.54  ? 133 PHE A CB  1 
ATOM   1061 C CB  B PHE A 1 133 ? -5.543  3.287   -5.543  0.70 50.65  ? 133 PHE A CB  1 
ATOM   1062 C CG  A PHE A 1 133 ? -6.304  2.577   -6.298  0.30 47.84  ? 133 PHE A CG  1 
ATOM   1063 C CG  B PHE A 1 133 ? -5.202  2.281   -4.493  0.70 53.56  ? 133 PHE A CG  1 
ATOM   1064 C CD1 A PHE A 1 133 ? -5.918  2.810   -7.591  0.30 46.42  ? 133 PHE A CD1 1 
ATOM   1065 C CD1 B PHE A 1 133 ? -5.585  2.488   -3.170  0.70 62.11  ? 133 PHE A CD1 1 
ATOM   1066 C CD2 A PHE A 1 133 ? -7.189  1.542   -6.051  0.30 51.60  ? 133 PHE A CD2 1 
ATOM   1067 C CD2 B PHE A 1 133 ? -4.547  1.103   -4.823  0.70 55.65  ? 133 PHE A CD2 1 
ATOM   1068 C CE1 A PHE A 1 133 ? -6.366  2.005   -8.609  0.30 48.45  ? 133 PHE A CE1 1 
ATOM   1069 C CE1 B PHE A 1 133 ? -5.282  1.550   -2.192  0.70 67.50  ? 133 PHE A CE1 1 
ATOM   1070 C CE2 A PHE A 1 133 ? -7.647  0.737   -7.059  0.30 49.25  ? 133 PHE A CE2 1 
ATOM   1071 C CE2 B PHE A 1 133 ? -4.236  0.161   -3.853  0.70 53.93  ? 133 PHE A CE2 1 
ATOM   1072 C CZ  A PHE A 1 133 ? -7.234  0.967   -8.346  0.30 49.36  ? 133 PHE A CZ  1 
ATOM   1073 C CZ  B PHE A 1 133 ? -4.601  0.382   -2.539  0.70 57.05  ? 133 PHE A CZ  1 
ATOM   1074 N N   . PHE A 1 134 ? -4.498  5.793   -7.491  1.00 52.08  ? 134 PHE A N   1 
ATOM   1075 C CA  . PHE A 1 134 ? -4.754  6.743   -8.544  1.00 57.85  ? 134 PHE A CA  1 
ATOM   1076 C C   . PHE A 1 134 ? -4.608  6.056   -9.914  1.00 59.43  ? 134 PHE A C   1 
ATOM   1077 O O   . PHE A 1 134 ? -3.678  5.237   -10.119 1.00 48.24  ? 134 PHE A O   1 
ATOM   1078 C CB  . PHE A 1 134 ? -3.680  7.883   -8.501  1.00 60.11  ? 134 PHE A CB  1 
ATOM   1079 C CG  . PHE A 1 134 ? -3.905  8.937   -7.440  1.00 53.26  ? 134 PHE A CG  1 
ATOM   1080 C CD1 . PHE A 1 134 ? -4.749  10.030  -7.696  1.00 51.12  ? 134 PHE A CD1 1 
ATOM   1081 C CD2 . PHE A 1 134 ? -3.193  8.904   -6.228  1.00 51.67  ? 134 PHE A CD2 1 
ATOM   1082 C CE1 . PHE A 1 134 ? -4.961  11.032  -6.729  1.00 50.57  ? 134 PHE A CE1 1 
ATOM   1083 C CE2 . PHE A 1 134 ? -3.384  9.915   -5.261  1.00 58.06  ? 134 PHE A CE2 1 
ATOM   1084 C CZ  . PHE A 1 134 ? -4.256  10.984  -5.510  1.00 52.81  ? 134 PHE A CZ  1 
ATOM   1085 N N   . ASP A 1 135 ? -5.488  6.426   -10.854 1.00 57.07  ? 135 ASP A N   1 
ATOM   1086 C CA  . ASP A 1 135 ? -5.132  6.344   -12.281 1.00 67.25  ? 135 ASP A CA  1 
ATOM   1087 C C   . ASP A 1 135 ? -4.800  7.771   -12.686 1.00 58.08  ? 135 ASP A C   1 
ATOM   1088 O O   . ASP A 1 135 ? -5.679  8.608   -12.780 1.00 59.16  ? 135 ASP A O   1 
ATOM   1089 C CB  . ASP A 1 135 ? -6.277  5.815   -13.159 1.00 68.56  ? 135 ASP A CB  1 
ATOM   1090 C CG  . ASP A 1 135 ? -5.881  5.690   -14.626 1.00 68.11  ? 135 ASP A CG  1 
ATOM   1091 O OD1 . ASP A 1 135 ? -4.688  5.900   -14.937 1.00 58.04  ? 135 ASP A OD1 1 
ATOM   1092 O OD2 . ASP A 1 135 ? -6.750  5.372   -15.474 1.00 68.68  ? 135 ASP A OD2 1 
ATOM   1093 N N   . ASP A 1 136 ? -3.524  8.035   -12.882 1.00 58.60  ? 136 ASP A N   1 
ATOM   1094 C CA  . ASP A 1 136 ? -3.019  9.382   -13.151 1.00 64.44  ? 136 ASP A CA  1 
ATOM   1095 C C   . ASP A 1 136 ? -3.434  10.363  -12.085 1.00 53.58  ? 136 ASP A C   1 
ATOM   1096 O O   . ASP A 1 136 ? -2.991  10.258  -10.968 1.00 63.67  ? 136 ASP A O   1 
ATOM   1097 C CB  . ASP A 1 136 ? -3.368  9.843   -14.583 1.00 73.72  ? 136 ASP A CB  1 
ATOM   1098 C CG  . ASP A 1 136 ? -2.509  11.030  -15.046 1.00 91.33  ? 136 ASP A CG  1 
ATOM   1099 O OD1 . ASP A 1 136 ? -2.605  12.120  -14.431 1.00 99.22  ? 136 ASP A OD1 1 
ATOM   1100 O OD2 . ASP A 1 136 ? -1.742  10.871  -16.029 1.00 103.49 ? 136 ASP A OD2 1 
ATOM   1101 N N   . ASP A 1 137 ? -4.305  11.294  -12.405 1.00 60.23  ? 137 ASP A N   1 
ATOM   1102 C CA  . ASP A 1 137 ? -4.722  12.323  -11.465 1.00 70.25  ? 137 ASP A CA  1 
ATOM   1103 C C   . ASP A 1 137 ? -5.980  11.887  -10.793 1.00 65.50  ? 137 ASP A C   1 
ATOM   1104 O O   . ASP A 1 137 ? -6.521  12.612  -9.999  1.00 64.74  ? 137 ASP A O   1 
ATOM   1105 C CB  . ASP A 1 137 ? -5.016  13.652  -12.205 1.00 81.85  ? 137 ASP A CB  1 
ATOM   1106 C CG  . ASP A 1 137 ? -6.082  13.508  -13.309 1.00 93.76  ? 137 ASP A CG  1 
ATOM   1107 O OD1 . ASP A 1 137 ? -5.756  13.040  -14.434 1.00 89.38  ? 137 ASP A OD1 1 
ATOM   1108 O OD2 . ASP A 1 137 ? -7.248  13.877  -13.051 1.00 111.40 ? 137 ASP A OD2 1 
ATOM   1109 N N   . LEU A 1 138 ? -6.508  10.731  -11.161 1.00 69.42  ? 138 LEU A N   1 
ATOM   1110 C CA  . LEU A 1 138 ? -7.825  10.352  -10.715 1.00 63.30  ? 138 LEU A CA  1 
ATOM   1111 C C   . LEU A 1 138 ? -7.719  9.542   -9.403  1.00 63.64  ? 138 LEU A C   1 
ATOM   1112 O O   . LEU A 1 138 ? -7.048  8.489   -9.352  1.00 58.87  ? 138 LEU A O   1 
ATOM   1113 C CB  . LEU A 1 138 ? -8.481  9.536   -11.827 1.00 69.03  ? 138 LEU A CB  1 
ATOM   1114 C CG  . LEU A 1 138 ? -9.981  9.334   -11.717 1.00 68.90  ? 138 LEU A CG  1 
ATOM   1115 C CD1 . LEU A 1 138 ? -10.701 10.667  -11.833 1.00 69.10  ? 138 LEU A CD1 1 
ATOM   1116 C CD2 . LEU A 1 138 ? -10.451 8.393   -12.797 1.00 68.92  ? 138 LEU A CD2 1 
ATOM   1117 N N   . LEU A 1 139 ? -8.347  10.052  -8.343  1.00 58.22  ? 139 LEU A N   1 
ATOM   1118 C CA  . LEU A 1 139 ? -8.413  9.345   -7.074  1.00 56.40  ? 139 LEU A CA  1 
ATOM   1119 C C   . LEU A 1 139 ? -9.485  8.294   -7.059  1.00 57.67  ? 139 LEU A C   1 
ATOM   1120 O O   . LEU A 1 139 ? -10.669 8.609   -7.049  1.00 68.11  ? 139 LEU A O   1 
ATOM   1121 C CB  . LEU A 1 139 ? -8.658  10.285  -5.915  1.00 56.80  ? 139 LEU A CB  1 
ATOM   1122 C CG  . LEU A 1 139 ? -8.633  9.555   -4.561  1.00 61.07  ? 139 LEU A CG  1 
ATOM   1123 C CD1 . LEU A 1 139 ? -7.281  8.923   -4.246  1.00 55.02  ? 139 LEU A CD1 1 
ATOM   1124 C CD2 . LEU A 1 139 ? -9.027  10.557  -3.502  1.00 61.08  ? 139 LEU A CD2 1 
ATOM   1125 N N   . VAL A 1 140 ? -9.038  7.049   -6.979  1.00 55.38  ? 140 VAL A N   1 
ATOM   1126 C CA  . VAL A 1 140 ? -9.879  5.892   -7.029  1.00 55.10  ? 140 VAL A CA  1 
ATOM   1127 C C   . VAL A 1 140 ? -10.272 5.416   -5.665  1.00 65.69  ? 140 VAL A C   1 
ATOM   1128 O O   . VAL A 1 140 ? -11.455 5.153   -5.409  1.00 73.04  ? 140 VAL A O   1 
ATOM   1129 C CB  . VAL A 1 140 ? -9.137  4.740   -7.699  1.00 57.14  ? 140 VAL A CB  1 
ATOM   1130 C CG1 . VAL A 1 140 ? -10.049 3.506   -7.835  1.00 54.74  ? 140 VAL A CG1 1 
ATOM   1131 C CG2 . VAL A 1 140 ? -8.647  5.201   -9.064  1.00 53.02  ? 140 VAL A CG2 1 
ATOM   1132 N N   . SER A 1 141 ? -9.258  5.222   -4.819  1.00 64.75  ? 141 SER A N   1 
ATOM   1133 C CA  . SER A 1 141 ? -9.484  4.811   -3.452  1.00 56.93  ? 141 SER A CA  1 
ATOM   1134 C C   . SER A 1 141 ? -8.432  5.315   -2.454  1.00 56.25  ? 141 SER A C   1 
ATOM   1135 O O   . SER A 1 141 ? -7.316  5.671   -2.803  1.00 58.89  ? 141 SER A O   1 
ATOM   1136 C CB  . SER A 1 141 ? -9.589  3.294   -3.399  1.00 60.05  ? 141 SER A CB  1 
ATOM   1137 O OG  . SER A 1 141 ? -8.388  2.687   -2.992  1.00 71.21  ? 141 SER A OG  1 
ATOM   1138 N N   . THR A 1 142 ? -8.821  5.295   -1.194  1.00 55.57  ? 142 THR A N   1 
ATOM   1139 C CA  . THR A 1 142 ? -7.994  5.690   -0.100  1.00 55.40  ? 142 THR A CA  1 
ATOM   1140 C C   . THR A 1 142 ? -8.239  4.615   0.907   1.00 53.53  ? 142 THR A C   1 
ATOM   1141 O O   . THR A 1 142 ? -9.366  4.397   1.339   1.00 51.88  ? 142 THR A O   1 
ATOM   1142 C CB  . THR A 1 142 ? -8.428  7.044   0.516   1.00 57.90  ? 142 THR A CB  1 
ATOM   1143 O OG1 . THR A 1 142 ? -8.329  8.074   -0.460  1.00 54.61  ? 142 THR A OG1 1 
ATOM   1144 C CG2 . THR A 1 142 ? -7.510  7.408   1.674   1.00 63.45  ? 142 THR A CG2 1 
ATOM   1145 N N   . SER A 1 143 ? -7.178  3.951   1.295   1.00 53.01  ? 143 SER A N   1 
ATOM   1146 C CA  . SER A 1 143 ? -7.303  2.903   2.242   1.00 55.48  ? 143 SER A CA  1 
ATOM   1147 C C   . SER A 1 143 ? -6.353  3.204   3.453   1.00 56.79  ? 143 SER A C   1 
ATOM   1148 O O   . SER A 1 143 ? -5.371  3.948   3.310   1.00 58.41  ? 143 SER A O   1 
ATOM   1149 C CB  . SER A 1 143 ? -7.020  1.584   1.514   1.00 53.93  ? 143 SER A CB  1 
ATOM   1150 O OG  . SER A 1 143 ? -5.648  1.298   1.526   1.00 65.32  ? 143 SER A OG  1 
ATOM   1151 N N   . ARG A 1 144 ? -6.684  2.645   4.627   1.00 56.23  ? 144 ARG A N   1 
ATOM   1152 C CA  . ARG A 1 144 ? -5.899  2.780   5.855   1.00 54.03  ? 144 ARG A CA  1 
ATOM   1153 C C   . ARG A 1 144 ? -5.617  1.438   6.498   1.00 52.36  ? 144 ARG A C   1 
ATOM   1154 O O   . ARG A 1 144 ? -6.501  0.577   6.546   1.00 49.74  ? 144 ARG A O   1 
ATOM   1155 C CB  . ARG A 1 144 ? -6.656  3.645   6.850   1.00 56.34  ? 144 ARG A CB  1 
ATOM   1156 C CG  . ARG A 1 144 ? -6.363  5.136   6.705   1.00 61.07  ? 144 ARG A CG  1 
ATOM   1157 C CD  . ARG A 1 144 ? -7.361  6.018   7.447   1.00 59.64  ? 144 ARG A CD  1 
ATOM   1158 N NE  . ARG A 1 144 ? -8.266  6.667   6.500   1.00 79.82  ? 144 ARG A NE  1 
ATOM   1159 C CZ  . ARG A 1 144 ? -7.955  7.700   5.701   1.00 87.37  ? 144 ARG A CZ  1 
ATOM   1160 N NH1 . ARG A 1 144 ? -6.739  8.247   5.694   1.00 94.26  ? 144 ARG A NH1 1 
ATOM   1161 N NH2 . ARG A 1 144 ? -8.873  8.193   4.885   1.00 87.29  ? 144 ARG A NH2 1 
ATOM   1162 N N   . VAL A 1 145 ? -4.388  1.275   6.996   1.00 51.54  ? 145 VAL A N   1 
ATOM   1163 C CA  . VAL A 1 145 ? -3.983  0.103   7.769   1.00 49.22  ? 145 VAL A CA  1 
ATOM   1164 C C   . VAL A 1 145 ? -3.290  0.550   9.057   1.00 47.84  ? 145 VAL A C   1 
ATOM   1165 O O   . VAL A 1 145 ? -2.345  1.285   9.000   1.00 56.66  ? 145 VAL A O   1 
ATOM   1166 C CB  . VAL A 1 145 ? -2.981  -0.781  6.996   1.00 56.47  ? 145 VAL A CB  1 
ATOM   1167 C CG1 . VAL A 1 145 ? -2.626  -2.044  7.803   1.00 57.29  ? 145 VAL A CG1 1 
ATOM   1168 C CG2 . VAL A 1 145 ? -3.538  -1.181  5.639   1.00 51.64  ? 145 VAL A CG2 1 
ATOM   1169 N N   . ARG A 1 146 ? -3.771  0.098   10.214  1.00 42.94  ? 146 ARG A N   1 
ATOM   1170 C CA  . ARG A 1 146 ? -3.070  0.241   11.454  1.00 41.55  ? 146 ARG A CA  1 
ATOM   1171 C C   . ARG A 1 146 ? -2.058  -0.924  11.672  1.00 45.21  ? 146 ARG A C   1 
ATOM   1172 O O   . ARG A 1 146 ? -2.360  -2.114  11.418  1.00 47.72  ? 146 ARG A O   1 
ATOM   1173 C CB  . ARG A 1 146 ? -4.080  0.300   12.578  1.00 42.31  ? 146 ARG A CB  1 
ATOM   1174 C CG  . ARG A 1 146 ? -3.516  0.750   13.879  1.00 41.63  ? 146 ARG A CG  1 
ATOM   1175 C CD  . ARG A 1 146 ? -4.545  0.823   14.968  1.00 44.23  ? 146 ARG A CD  1 
ATOM   1176 N NE  . ARG A 1 146 ? -5.466  1.924   14.794  1.00 53.58  ? 146 ARG A NE  1 
ATOM   1177 C CZ  . ARG A 1 146 ? -5.234  3.218   15.083  1.00 58.14  ? 146 ARG A CZ  1 
ATOM   1178 N NH1 . ARG A 1 146 ? -4.054  3.684   15.556  1.00 58.30  ? 146 ARG A NH1 1 
ATOM   1179 N NH2 . ARG A 1 146 ? -6.212  4.066   14.864  1.00 52.25  ? 146 ARG A NH2 1 
ATOM   1180 N N   . LEU A 1 147 ? -0.875  -0.559  12.155  1.00 48.91  ? 147 LEU A N   1 
ATOM   1181 C CA  A LEU A 1 147 ? 0.240   -1.508  12.330  0.50 47.74  ? 147 LEU A CA  1 
ATOM   1182 C CA  B LEU A 1 147 ? 0.249   -1.500  12.333  0.50 48.87  ? 147 LEU A CA  1 
ATOM   1183 C C   . LEU A 1 147 ? 0.510   -1.821  13.794  1.00 45.90  ? 147 LEU A C   1 
ATOM   1184 O O   . LEU A 1 147 ? 0.610   -0.925  14.621  1.00 49.16  ? 147 LEU A O   1 
ATOM   1185 C CB  A LEU A 1 147 ? 1.506   -0.926  11.739  0.50 50.72  ? 147 LEU A CB  1 
ATOM   1186 C CB  B LEU A 1 147 ? 1.522   -0.906  11.757  0.50 53.78  ? 147 LEU A CB  1 
ATOM   1187 C CG  A LEU A 1 147 ? 1.474   -0.816  10.236  0.50 51.55  ? 147 LEU A CG  1 
ATOM   1188 C CG  B LEU A 1 147 ? 1.702   -1.267  10.305  0.50 56.72  ? 147 LEU A CG  1 
ATOM   1189 C CD1 A LEU A 1 147 ? 2.831   -0.340  9.779   0.50 52.01  ? 147 LEU A CD1 1 
ATOM   1190 C CD1 B LEU A 1 147 ? 0.693   -0.501  9.474   0.50 62.41  ? 147 LEU A CD1 1 
ATOM   1191 C CD2 A LEU A 1 147 ? 1.120   -2.157  9.602   0.50 53.11  ? 147 LEU A CD2 1 
ATOM   1192 C CD2 B LEU A 1 147 ? 3.127   -0.975  9.887   0.50 55.61  ? 147 LEU A CD2 1 
ATOM   1193 N N   . PHE A 1 148 ? 0.628   -3.099  14.099  1.00 49.49  ? 148 PHE A N   1 
ATOM   1194 C CA  . PHE A 1 148 ? 1.062   -3.543  15.389  1.00 47.69  ? 148 PHE A CA  1 
ATOM   1195 C C   . PHE A 1 148 ? 2.383   -4.214  15.047  1.00 49.87  ? 148 PHE A C   1 
ATOM   1196 O O   . PHE A 1 148 ? 2.473   -4.928  14.042  1.00 55.27  ? 148 PHE A O   1 
ATOM   1197 C CB  . PHE A 1 148 ? 0.001   -4.451  16.028  1.00 49.74  ? 148 PHE A CB  1 
ATOM   1198 C CG  . PHE A 1 148 ? -1.368  -3.798  16.120  1.00 51.90  ? 148 PHE A CG  1 
ATOM   1199 C CD1 . PHE A 1 148 ? -1.650  -2.880  17.099  1.00 47.75  ? 148 PHE A CD1 1 
ATOM   1200 C CD2 . PHE A 1 148 ? -2.358  -4.065  15.178  1.00 56.82  ? 148 PHE A CD2 1 
ATOM   1201 C CE1 . PHE A 1 148 ? -2.897  -2.253  17.163  1.00 52.38  ? 148 PHE A CE1 1 
ATOM   1202 C CE2 . PHE A 1 148 ? -3.601  -3.427  15.236  1.00 59.03  ? 148 PHE A CE2 1 
ATOM   1203 C CZ  . PHE A 1 148 ? -3.856  -2.493  16.208  1.00 55.31  ? 148 PHE A CZ  1 
ATOM   1204 N N   . TYR A 1 149 ? 3.411   -3.903  15.824  1.00 52.54  ? 149 TYR A N   1 
ATOM   1205 C CA  . TYR A 1 149 ? 4.767   -4.450  15.650  1.00 56.41  ? 149 TYR A CA  1 
ATOM   1206 C C   . TYR A 1 149 ? 4.987   -5.593  16.661  1.00 57.73  ? 149 TYR A C   1 
ATOM   1207 O O   . TYR A 1 149 ? 4.858   -5.375  17.838  1.00 53.46  ? 149 TYR A O   1 
ATOM   1208 C CB  . TYR A 1 149 ? 5.824   -3.322  15.857  1.00 53.36  ? 149 TYR A CB  1 
ATOM   1209 C CG  . TYR A 1 149 ? 5.657   -2.191  14.862  1.00 53.38  ? 149 TYR A CG  1 
ATOM   1210 C CD1 . TYR A 1 149 ? 6.276   -2.212  13.597  1.00 51.58  ? 149 TYR A CD1 1 
ATOM   1211 C CD2 . TYR A 1 149 ? 4.792   -1.143  15.144  1.00 57.40  ? 149 TYR A CD2 1 
ATOM   1212 C CE1 . TYR A 1 149 ? 6.043   -1.194  12.674  1.00 54.83  ? 149 TYR A CE1 1 
ATOM   1213 C CE2 . TYR A 1 149 ? 4.555   -0.130  14.235  1.00 54.27  ? 149 TYR A CE2 1 
ATOM   1214 C CZ  . TYR A 1 149 ? 5.187   -0.144  13.017  1.00 58.04  ? 149 TYR A CZ  1 
ATOM   1215 O OH  . TYR A 1 149 ? 4.925   0.904   12.169  1.00 56.77  ? 149 TYR A OH  1 
ATOM   1216 N N   . VAL A 1 150 ? 5.346   -6.788  16.214  1.00 65.33  ? 150 VAL A N   1 
ATOM   1217 C CA  . VAL A 1 150 ? 5.294   -8.004  17.072  1.00 72.20  ? 150 VAL A CA  1 
ATOM   1218 C C   . VAL A 1 150 ? 6.586   -8.812  17.178  1.00 63.84  ? 150 VAL A C   1 
ATOM   1219 O O   . VAL A 1 150 ? 7.438   -8.679  16.313  1.00 67.19  ? 150 VAL A O   1 
ATOM   1220 C CB  . VAL A 1 150 ? 4.207   -8.955  16.561  1.00 72.57  ? 150 VAL A CB  1 
ATOM   1221 C CG1 . VAL A 1 150 ? 2.867   -8.250  16.598  1.00 68.84  ? 150 VAL A CG1 1 
ATOM   1222 C CG2 . VAL A 1 150 ? 4.515   -9.446  15.145  1.00 77.20  ? 150 VAL A CG2 1 
HETATM 1223 F FAX . P59 B 2 .   ? 0.231   -1.587  5.963   1.00 60.61  ? 201 P59 A FAX 1 
HETATM 1224 C CAS . P59 B 2 .   ? 0.764   -2.668  5.283   1.00 57.27  ? 201 P59 A CAS 1 
HETATM 1225 C CAT . P59 B 2 .   ? 0.800   -3.949  5.868   1.00 57.35  ? 201 P59 A CAT 1 
HETATM 1226 C CAU . P59 B 2 .   ? 1.338   -5.054  5.203   1.00 54.51  ? 201 P59 A CAU 1 
HETATM 1227 C CAV . P59 B 2 .   ? 1.830   -4.853  3.912   1.00 57.12  ? 201 P59 A CAV 1 
HETATM 1228 C CAW . P59 B 2 .   ? 1.795   -3.563  3.326   1.00 59.99  ? 201 P59 A CAW 1 
HETATM 1229 C CAL . P59 B 2 .   ? 1.239   -2.457  4.005   1.00 56.56  ? 201 P59 A CAL 1 
HETATM 1230 C CAH . P59 B 2 .   ? 1.161   -1.134  3.511   1.00 64.41  ? 201 P59 A CAH 1 
HETATM 1231 N NAG . P59 B 2 .   ? -0.206  -0.869  3.082   1.00 55.19  ? 201 P59 A NAG 1 
HETATM 1232 C CAE . P59 B 2 .   ? -0.595  -1.294  1.836   1.00 52.54  ? 201 P59 A CAE 1 
HETATM 1233 C CAD . P59 B 2 .   ? -1.925  -1.457  1.594   1.00 59.58  ? 201 P59 A CAD 1 
HETATM 1234 C CAC . P59 B 2 .   ? -2.365  -1.890  0.372   1.00 63.13  ? 201 P59 A CAC 1 
HETATM 1235 C CAB . P59 B 2 .   ? -1.436  -2.124  -0.607  1.00 62.15  ? 201 P59 A CAB 1 
HETATM 1236 C CAA . P59 B 2 .   ? -0.093  -1.922  -0.352  1.00 63.88  ? 201 P59 A CAA 1 
HETATM 1237 C CAF . P59 B 2 .   ? 0.345   -1.552  0.891   1.00 58.30  ? 201 P59 A CAF 1 
HETATM 1238 C CAJ . P59 B 2 .   ? 1.684   -1.262  1.161   1.00 64.11  ? 201 P59 A CAJ 1 
HETATM 1239 O OAM . P59 B 2 .   ? 2.479   -1.049  0.264   1.00 73.88  ? 201 P59 A OAM 1 
HETATM 1240 N NAI . P59 B 2 .   ? 2.079   -0.927  2.387   1.00 66.49  ? 201 P59 A NAI 1 
HETATM 1241 C CAK . P59 B 2 .   ? 3.274   -0.404  2.630   1.00 67.53  ? 201 P59 A CAK 1 
HETATM 1242 C CAN . P59 B 2 .   ? 3.340   0.975   2.568   1.00 73.39  ? 201 P59 A CAN 1 
HETATM 1243 C CAO . P59 B 2 .   ? 4.510   1.662   2.804   1.00 69.28  ? 201 P59 A CAO 1 
HETATM 1244 C CAP . P59 B 2 .   ? 5.646   0.938   3.095   1.00 74.07  ? 201 P59 A CAP 1 
HETATM 1245 C CAQ . P59 B 2 .   ? 5.603   -0.454  3.133   1.00 82.50  ? 201 P59 A CAQ 1 
HETATM 1246 C CAR . P59 B 2 .   ? 4.405   -1.139  2.906   1.00 82.24  ? 201 P59 A CAR 1 
HETATM 1247 F FAX . P59 C 2 .   ? 9.556   2.010   4.653   1.00 157.01 ? 202 P59 A FAX 1 
HETATM 1248 C CAS . P59 C 2 .   ? 10.140  1.482   5.704   1.00 127.33 ? 202 P59 A CAS 1 
HETATM 1249 C CAT . P59 C 2 .   ? 11.465  1.065   5.594   1.00 126.76 ? 202 P59 A CAT 1 
HETATM 1250 C CAU . P59 C 2 .   ? 12.102  0.511   6.694   1.00 123.79 ? 202 P59 A CAU 1 
HETATM 1251 C CAV . P59 C 2 .   ? 11.414  0.376   7.893   1.00 112.94 ? 202 P59 A CAV 1 
HETATM 1252 C CAW . P59 C 2 .   ? 10.090  0.785   8.002   1.00 111.45 ? 202 P59 A CAW 1 
HETATM 1253 C CAL . P59 C 2 .   ? 9.427   1.337   6.899   1.00 114.18 ? 202 P59 A CAL 1 
HETATM 1254 C CAH . P59 C 2 .   ? 8.084   1.796   6.957   1.00 97.38  ? 202 P59 A CAH 1 
HETATM 1255 N NAG . P59 C 2 .   ? 8.163   3.233   7.289   1.00 83.86  ? 202 P59 A NAG 1 
HETATM 1256 C CAE . P59 C 2 .   ? 8.119   3.638   8.607   1.00 77.10  ? 202 P59 A CAE 1 
HETATM 1257 C CAD . P59 C 2 .   ? 8.623   4.892   8.950   1.00 75.69  ? 202 P59 A CAD 1 
HETATM 1258 C CAC . P59 C 2 .   ? 8.591   5.345   10.260  1.00 66.93  ? 202 P59 A CAC 1 
HETATM 1259 C CAB . P59 C 2 .   ? 8.050   4.524   11.228  1.00 68.46  ? 202 P59 A CAB 1 
HETATM 1260 C CAA . P59 C 2 .   ? 7.529   3.269   10.879  1.00 70.48  ? 202 P59 A CAA 1 
HETATM 1261 C CAF . P59 C 2 .   ? 7.585   2.787   9.571   1.00 73.32  ? 202 P59 A CAF 1 
HETATM 1262 C CAJ . P59 C 2 .   ? 7.025   1.547   9.197   1.00 84.50  ? 202 P59 A CAJ 1 
HETATM 1263 O OAM . P59 C 2 .   ? 6.287   0.929   9.981   1.00 72.04  ? 202 P59 A OAM 1 
HETATM 1264 N NAI . P59 C 2 .   ? 7.221   1.063   7.941   1.00 86.71  ? 202 P59 A NAI 1 
HETATM 1265 C CAK . P59 C 2 .   ? 6.524   -0.003  7.505   1.00 92.18  ? 202 P59 A CAK 1 
HETATM 1266 C CAN . P59 C 2 .   ? 5.505   0.244   6.564   1.00 94.55  ? 202 P59 A CAN 1 
HETATM 1267 C CAO . P59 C 2 .   ? 4.715   -0.786  6.068   1.00 93.66  ? 202 P59 A CAO 1 
HETATM 1268 C CAP . P59 C 2 .   ? 4.912   -2.094  6.504   1.00 85.90  ? 202 P59 A CAP 1 
HETATM 1269 C CAQ . P59 C 2 .   ? 5.893   -2.333  7.449   1.00 81.00  ? 202 P59 A CAQ 1 
HETATM 1270 C CAR . P59 C 2 .   ? 6.705   -1.303  7.956   1.00 85.06  ? 202 P59 A CAR 1 
HETATM 1271 O O   . HOH D 3 .   ? -7.943  -6.584  8.770   1.00 61.21  ? 301 HOH A O   1 
HETATM 1272 O O   . HOH D 3 .   ? -9.423  1.393   4.437   1.00 52.28  ? 302 HOH A O   1 
HETATM 1273 O O   . HOH D 3 .   ? -10.879 4.527   3.413   1.00 53.47  ? 303 HOH A O   1 
HETATM 1274 O O   . HOH D 3 .   ? -2.305  1.628   3.461   1.00 44.81  ? 304 HOH A O   1 
HETATM 1275 O O   . HOH D 3 .   ? -1.201  11.629  -0.725  1.00 57.25  ? 305 HOH A O   1 
HETATM 1276 O O   . HOH D 3 .   ? -18.081 -3.645  -13.693 1.00 54.92  ? 306 HOH A O   1 
HETATM 1277 O O   . HOH D 3 .   ? -23.303 4.688   -6.393  1.00 50.71  ? 307 HOH A O   1 
HETATM 1278 O O   . HOH D 3 .   ? -2.954  6.519   18.129  1.00 57.38  ? 308 HOH A O   1 
HETATM 1279 O O   . HOH D 3 .   ? -1.988  8.001   13.330  1.00 56.80  ? 309 HOH A O   1 
HETATM 1280 O O   . HOH D 3 .   ? -17.067 -6.109  -9.352  1.00 58.25  ? 310 HOH A O   1 
HETATM 1281 O O   . HOH D 3 .   ? -4.248  6.699   15.237  1.00 57.67  ? 311 HOH A O   1 
HETATM 1282 O O   . HOH D 3 .   ? -2.253  14.021  -11.953 1.00 71.66  ? 312 HOH A O   1 
HETATM 1283 O O   . HOH D 3 .   ? -1.396  -9.536  9.790   1.00 63.50  ? 313 HOH A O   1 
HETATM 1284 O O   . HOH D 3 .   ? 1.137   -11.748 -13.626 1.00 72.43  ? 314 HOH A O   1 
HETATM 1285 O O   . HOH D 3 .   ? -10.436 4.140   6.322   1.00 64.69  ? 315 HOH A O   1 
HETATM 1286 O O   . HOH D 3 .   ? 1.679   16.336  9.329   1.00 61.77  ? 316 HOH A O   1 
HETATM 1287 O O   . HOH D 3 .   ? 14.134  8.076   17.798  1.00 70.70  ? 317 HOH A O   1 
HETATM 1288 O O   . HOH D 3 .   ? -4.672  0.563   18.818  1.00 54.04  ? 318 HOH A O   1 
HETATM 1289 O O   . HOH D 3 .   ? 6.214   -1.815  -13.512 1.00 59.75  ? 319 HOH A O   1 
HETATM 1290 O O   . HOH D 3 .   ? -9.133  -12.652 -19.641 1.00 73.58  ? 320 HOH A O   1 
HETATM 1291 O O   . HOH D 3 .   ? -5.011  9.213   9.310   1.00 62.69  ? 321 HOH A O   1 
HETATM 1292 O O   . HOH D 3 .   ? 6.730   14.539  5.302   1.00 70.80  ? 322 HOH A O   1 
HETATM 1293 O O   . HOH D 3 .   ? 3.579   15.813  4.502   1.00 73.20  ? 323 HOH A O   1 
# 
loop_
_pdbx_poly_seq_scheme.asym_id 
_pdbx_poly_seq_scheme.entity_id 
_pdbx_poly_seq_scheme.seq_id 
_pdbx_poly_seq_scheme.mon_id 
_pdbx_poly_seq_scheme.ndb_seq_num 
_pdbx_poly_seq_scheme.pdb_seq_num 
_pdbx_poly_seq_scheme.auth_seq_num 
_pdbx_poly_seq_scheme.pdb_mon_id 
_pdbx_poly_seq_scheme.auth_mon_id 
_pdbx_poly_seq_scheme.pdb_strand_id 
_pdbx_poly_seq_scheme.pdb_ins_code 
_pdbx_poly_seq_scheme.hetero 
A 1 1   MET 1   1   1   MET MET A . n 
A 1 2   SER 2   2   2   SER SER A . n 
A 1 3   ALA 3   3   3   ALA ALA A . n 
A 1 4   LYS 4   4   4   LYS LYS A . n 
A 1 5   ASP 5   5   5   ASP ASP A . n 
A 1 6   GLU 6   6   6   GLU GLU A . n 
A 1 7   ARG 7   7   7   ARG ARG A . n 
A 1 8   ALA 8   8   8   ALA ALA A . n 
A 1 9   ARG 9   9   9   ARG ARG A . n 
A 1 10  GLU 10  10  10  GLU GLU A . n 
A 1 11  ILE 11  11  11  ILE ILE A . n 
A 1 12  LEU 12  12  12  LEU LEU A . n 
A 1 13  ARG 13  13  13  ARG ARG A . n 
A 1 14  GLY 14  14  14  GLY GLY A . n 
A 1 15  PHE 15  15  15  PHE PHE A . n 
A 1 16  LYS 16  16  16  LYS LYS A . n 
A 1 17  LEU 17  17  17  LEU LEU A . n 
A 1 18  ASN 18  18  18  ASN ASN A . n 
A 1 19  TRP 19  19  19  TRP TRP A . n 
A 1 20  MET 20  20  20  MET MET A . n 
A 1 21  ASN 21  21  21  ASN ASN A . n 
A 1 22  LEU 22  22  22  LEU LEU A . n 
A 1 23  ARG 23  23  23  ARG ARG A . n 
A 1 24  ASP 24  24  24  ASP ASP A . n 
A 1 25  ALA 25  25  25  ALA ALA A . n 
A 1 26  GLU 26  26  26  GLU GLU A . n 
A 1 27  THR 27  27  27  THR THR A . n 
A 1 28  GLY 28  28  28  GLY GLY A . n 
A 1 29  LYS 29  29  29  LYS LYS A . n 
A 1 30  ILE 30  30  30  ILE ILE A . n 
A 1 31  LEU 31  31  31  LEU LEU A . n 
A 1 32  TRP 32  32  32  TRP TRP A . n 
A 1 33  GLN 33  33  33  GLN GLN A . n 
A 1 34  GLY 34  34  34  GLY GLY A . n 
A 1 35  THR 35  35  35  THR THR A . n 
A 1 36  GLU 36  36  36  GLU GLU A . n 
A 1 37  ASP 37  37  37  ASP ASP A . n 
A 1 38  LEU 38  38  38  LEU LEU A . n 
A 1 39  SER 39  39  39  SER SER A . n 
A 1 40  VAL 40  40  40  VAL VAL A . n 
A 1 41  PRO 41  41  41  PRO PRO A . n 
A 1 42  GLY 42  42  42  GLY GLY A . n 
A 1 43  VAL 43  43  43  VAL VAL A . n 
A 1 44  GLU 44  44  44  GLU GLU A . n 
A 1 45  HIS 45  45  45  HIS HIS A . n 
A 1 46  GLU 46  46  46  GLU GLU A . n 
A 1 47  ALA 47  47  47  ALA ALA A . n 
A 1 48  ARG 48  48  48  ARG ARG A . n 
A 1 49  VAL 49  49  49  VAL VAL A . n 
A 1 50  PRO 50  50  50  PRO PRO A . n 
A 1 51  LYS 51  51  51  LYS LYS A . n 
A 1 52  LYS 52  52  52  LYS LYS A . n 
A 1 53  ILE 53  53  53  ILE ILE A . n 
A 1 54  LEU 54  54  54  LEU LEU A . n 
A 1 55  LYS 55  55  55  LYS LYS A . n 
A 1 56  CYS 56  56  56  CYS CYS A . n 
A 1 57  LYS 57  57  57  LYS LYS A . n 
A 1 58  ALA 58  58  58  ALA ALA A . n 
A 1 59  VAL 59  59  59  VAL VAL A . n 
A 1 60  SER 60  60  60  SER SER A . n 
A 1 61  ARG 61  61  61  ARG ARG A . n 
A 1 62  GLU 62  62  62  GLU GLU A . n 
A 1 63  LEU 63  63  63  LEU LEU A . n 
A 1 64  ASN 64  64  64  ASN ASN A . n 
A 1 65  PHE 65  65  65  PHE PHE A . n 
A 1 66  SER 66  66  66  SER SER A . n 
A 1 67  SER 67  67  67  SER SER A . n 
A 1 68  THR 68  68  68  THR THR A . n 
A 1 69  GLU 69  69  69  GLU GLU A . n 
A 1 70  GLN 70  70  70  GLN GLN A . n 
A 1 71  MET 71  71  71  MET MET A . n 
A 1 72  GLU 72  72  72  GLU GLU A . n 
A 1 73  LYS 73  73  73  LYS LYS A . n 
A 1 74  PHE 74  74  74  PHE PHE A . n 
A 1 75  ARG 75  75  75  ARG ARG A . n 
A 1 76  LEU 76  76  76  LEU LEU A . n 
A 1 77  GLU 77  77  77  GLU GLU A . n 
A 1 78  GLN 78  78  78  GLN GLN A . n 
A 1 79  LYS 79  79  79  LYS LYS A . n 
A 1 80  VAL 80  80  80  VAL VAL A . n 
A 1 81  TYR 81  81  81  TYR TYR A . n 
A 1 82  PHE 82  82  82  PHE PHE A . n 
A 1 83  LYS 83  83  83  LYS LYS A . n 
A 1 84  GLY 84  84  84  GLY GLY A . n 
A 1 85  GLN 85  85  85  GLN GLN A . n 
A 1 86  CYS 86  86  86  CYS CYS A . n 
A 1 87  LEU 87  87  87  LEU LEU A . n 
A 1 88  GLU 88  88  88  GLU GLU A . n 
A 1 89  GLU 89  89  89  GLU GLU A . n 
A 1 90  TRP 90  90  90  TRP TRP A . n 
A 1 91  PHE 91  91  91  PHE PHE A . n 
A 1 92  PHE 92  92  92  PHE PHE A . n 
A 1 93  GLU 93  93  93  GLU GLU A . n 
A 1 94  PHE 94  94  94  PHE PHE A . n 
A 1 95  GLY 95  95  95  GLY GLY A . n 
A 1 96  PHE 96  96  96  PHE PHE A . n 
A 1 97  VAL 97  97  97  VAL VAL A . n 
A 1 98  ILE 98  98  98  ILE ILE A . n 
A 1 99  PRO 99  99  99  PRO PRO A . n 
A 1 100 ASN 100 100 100 ASN ASN A . n 
A 1 101 SER 101 101 101 SER SER A . n 
A 1 102 THR 102 102 102 THR THR A . n 
A 1 103 ASN 103 103 103 ASN ASN A . n 
A 1 104 THR 104 104 104 THR THR A . n 
A 1 105 TRP 105 105 105 TRP TRP A . n 
A 1 106 GLN 106 106 106 GLN GLN A . n 
A 1 107 SER 107 107 107 SER SER A . n 
A 1 108 LEU 108 108 108 LEU LEU A . n 
A 1 109 ILE 109 109 109 ILE ILE A . n 
A 1 110 GLU 110 110 110 GLU GLU A . n 
A 1 111 ALA 111 111 111 ALA ALA A . n 
A 1 112 ALA 112 112 112 ALA ALA A . n 
A 1 113 PRO 113 113 ?   ?   ?   A . n 
A 1 114 GLU 114 114 ?   ?   ?   A . n 
A 1 115 SER 115 115 115 SER SER A . n 
A 1 116 GLN 116 116 116 GLN GLN A . n 
A 1 117 MET 117 117 117 MET MET A . n 
A 1 118 MET 118 118 118 MET MET A . n 
A 1 119 PRO 119 119 119 PRO PRO A . n 
A 1 120 ALA 120 120 120 ALA ALA A . n 
A 1 121 SER 121 121 121 SER SER A . n 
A 1 122 VAL 122 122 122 VAL VAL A . n 
A 1 123 LEU 123 123 123 LEU LEU A . n 
A 1 124 THR 124 124 124 THR THR A . n 
A 1 125 GLY 125 125 125 GLY GLY A . n 
A 1 126 ASN 126 126 126 ASN ASN A . n 
A 1 127 VAL 127 127 127 VAL VAL A . n 
A 1 128 ILE 128 128 128 ILE ILE A . n 
A 1 129 ILE 129 129 129 ILE ILE A . n 
A 1 130 GLU 130 130 130 GLU GLU A . n 
A 1 131 THR 131 131 131 THR THR A . n 
A 1 132 LYS 132 132 132 LYS LYS A . n 
A 1 133 PHE 133 133 133 PHE PHE A . n 
A 1 134 PHE 134 134 134 PHE PHE A . n 
A 1 135 ASP 135 135 135 ASP ASP A . n 
A 1 136 ASP 136 136 136 ASP ASP A . n 
A 1 137 ASP 137 137 137 ASP ASP A . n 
A 1 138 LEU 138 138 138 LEU LEU A . n 
A 1 139 LEU 139 139 139 LEU LEU A . n 
A 1 140 VAL 140 140 140 VAL VAL A . n 
A 1 141 SER 141 141 141 SER SER A . n 
A 1 142 THR 142 142 142 THR THR A . n 
A 1 143 SER 143 143 143 SER SER A . n 
A 1 144 ARG 144 144 144 ARG ARG A . n 
A 1 145 VAL 145 145 145 VAL VAL A . n 
A 1 146 ARG 146 146 146 ARG ARG A . n 
A 1 147 LEU 147 147 147 LEU LEU A . n 
A 1 148 PHE 148 148 148 PHE PHE A . n 
A 1 149 TYR 149 149 149 TYR TYR A . n 
A 1 150 VAL 150 150 150 VAL VAL A . n 
# 
loop_
_pdbx_nonpoly_scheme.asym_id 
_pdbx_nonpoly_scheme.entity_id 
_pdbx_nonpoly_scheme.mon_id 
_pdbx_nonpoly_scheme.ndb_seq_num 
_pdbx_nonpoly_scheme.pdb_seq_num 
_pdbx_nonpoly_scheme.auth_seq_num 
_pdbx_nonpoly_scheme.pdb_mon_id 
_pdbx_nonpoly_scheme.auth_mon_id 
_pdbx_nonpoly_scheme.pdb_strand_id 
_pdbx_nonpoly_scheme.pdb_ins_code 
B 2 P59 1  201 1  P59 P19 A . 
C 2 P59 1  202 2  P59 P19 A . 
D 3 HOH 1  301 25 HOH HOH A . 
D 3 HOH 2  302 3  HOH HOH A . 
D 3 HOH 3  303 11 HOH HOH A . 
D 3 HOH 4  304 5  HOH HOH A . 
D 3 HOH 5  305 13 HOH HOH A . 
D 3 HOH 6  306 7  HOH HOH A . 
D 3 HOH 7  307 6  HOH HOH A . 
D 3 HOH 8  308 24 HOH HOH A . 
D 3 HOH 9  309 19 HOH HOH A . 
D 3 HOH 10 310 21 HOH HOH A . 
D 3 HOH 11 311 20 HOH HOH A . 
D 3 HOH 12 312 10 HOH HOH A . 
D 3 HOH 13 313 16 HOH HOH A . 
D 3 HOH 14 314 22 HOH HOH A . 
D 3 HOH 15 315 9  HOH HOH A . 
D 3 HOH 16 316 4  HOH HOH A . 
D 3 HOH 17 317 15 HOH HOH A . 
D 3 HOH 18 318 8  HOH HOH A . 
D 3 HOH 19 319 17 HOH HOH A . 
D 3 HOH 20 320 18 HOH HOH A . 
D 3 HOH 21 321 12 HOH HOH A . 
D 3 HOH 22 322 23 HOH HOH A . 
D 3 HOH 23 323 14 HOH HOH A . 
# 
_pdbx_struct_assembly.id                   1 
_pdbx_struct_assembly.details              author_defined_assembly 
_pdbx_struct_assembly.method_details       ? 
_pdbx_struct_assembly.oligomeric_details   monomeric 
_pdbx_struct_assembly.oligomeric_count     1 
# 
_pdbx_struct_assembly_gen.assembly_id       1 
_pdbx_struct_assembly_gen.oper_expression   1 
_pdbx_struct_assembly_gen.asym_id_list      A,B,C,D 
# 
loop_
_pdbx_struct_assembly_prop.biol_id 
_pdbx_struct_assembly_prop.type 
_pdbx_struct_assembly_prop.value 
_pdbx_struct_assembly_prop.details 
1 'ABSA (A^2)' 0    ? 
1 MORE         0    ? 
1 'SSA (A^2)'  8080 ? 
# 
_pdbx_struct_oper_list.id                   1 
_pdbx_struct_oper_list.type                 'identity operation' 
_pdbx_struct_oper_list.name                 1_555 
_pdbx_struct_oper_list.symmetry_operation   x,y,z 
_pdbx_struct_oper_list.matrix[1][1]         1.0000000000 
_pdbx_struct_oper_list.matrix[1][2]         0.0000000000 
_pdbx_struct_oper_list.matrix[1][3]         0.0000000000 
_pdbx_struct_oper_list.vector[1]            0.0000000000 
_pdbx_struct_oper_list.matrix[2][1]         0.0000000000 
_pdbx_struct_oper_list.matrix[2][2]         1.0000000000 
_pdbx_struct_oper_list.matrix[2][3]         0.0000000000 
_pdbx_struct_oper_list.vector[2]            0.0000000000 
_pdbx_struct_oper_list.matrix[3][1]         0.0000000000 
_pdbx_struct_oper_list.matrix[3][2]         0.0000000000 
_pdbx_struct_oper_list.matrix[3][3]         1.0000000000 
_pdbx_struct_oper_list.vector[3]            0.0000000000 
# 
loop_
_pdbx_audit_revision_history.ordinal 
_pdbx_audit_revision_history.data_content_type 
_pdbx_audit_revision_history.major_revision 
_pdbx_audit_revision_history.minor_revision 
_pdbx_audit_revision_history.revision_date 
1 'Structure model' 1 0 2017-10-04 
2 'Structure model' 1 1 2017-12-06 
3 'Structure model' 1 2 2023-11-22 
# 
_pdbx_audit_revision_details.ordinal             1 
_pdbx_audit_revision_details.revision_ordinal    1 
_pdbx_audit_revision_details.data_content_type   'Structure model' 
_pdbx_audit_revision_details.provider            repository 
_pdbx_audit_revision_details.type                'Initial release' 
_pdbx_audit_revision_details.description         ? 
_pdbx_audit_revision_details.details             ? 
# 
loop_
_pdbx_audit_revision_group.ordinal 
_pdbx_audit_revision_group.revision_ordinal 
_pdbx_audit_revision_group.data_content_type 
_pdbx_audit_revision_group.group 
1 2 'Structure model' 'Database references'    
2 3 'Structure model' 'Data collection'        
3 3 'Structure model' 'Database references'    
4 3 'Structure model' 'Refinement description' 
# 
loop_
_pdbx_audit_revision_category.ordinal 
_pdbx_audit_revision_category.revision_ordinal 
_pdbx_audit_revision_category.data_content_type 
_pdbx_audit_revision_category.category 
1 2 'Structure model' citation                      
2 3 'Structure model' chem_comp_atom                
3 3 'Structure model' chem_comp_bond                
4 3 'Structure model' database_2                    
5 3 'Structure model' pdbx_initial_refinement_model 
# 
loop_
_pdbx_audit_revision_item.ordinal 
_pdbx_audit_revision_item.revision_ordinal 
_pdbx_audit_revision_item.data_content_type 
_pdbx_audit_revision_item.item 
1 2 'Structure model' '_citation.journal_volume'            
2 2 'Structure model' '_citation.page_first'                
3 2 'Structure model' '_citation.page_last'                 
4 3 'Structure model' '_database_2.pdbx_DOI'                
5 3 'Structure model' '_database_2.pdbx_database_accession' 
# 
loop_
_software.citation_id 
_software.classification 
_software.compiler_name 
_software.compiler_version 
_software.contact_author 
_software.contact_author_email 
_software.date 
_software.description 
_software.dependencies 
_software.hardware 
_software.language 
_software.location 
_software.mods 
_software.name 
_software.os 
_software.os_version 
_software.type 
_software.version 
_software.pdbx_ordinal 
? refinement       ? ? ? ? ? ? ? ? ? ? ? REFMAC   ? ? ? 5.8.0135 1 
? 'data reduction' ? ? ? ? ? ? ? ? ? ? ? HKL-2000 ? ? ? .        2 
? 'data scaling'   ? ? ? ? ? ? ? ? ? ? ? HKL-2000 ? ? ? .        3 
# 
_pdbx_validate_close_contact.id               1 
_pdbx_validate_close_contact.PDB_model_num    1 
_pdbx_validate_close_contact.auth_atom_id_1   OE2 
_pdbx_validate_close_contact.auth_asym_id_1   A 
_pdbx_validate_close_contact.auth_comp_id_1   GLU 
_pdbx_validate_close_contact.auth_seq_id_1    36 
_pdbx_validate_close_contact.PDB_ins_code_1   ? 
_pdbx_validate_close_contact.label_alt_id_1   ? 
_pdbx_validate_close_contact.auth_atom_id_2   O 
_pdbx_validate_close_contact.auth_asym_id_2   A 
_pdbx_validate_close_contact.auth_comp_id_2   HOH 
_pdbx_validate_close_contact.auth_seq_id_2    301 
_pdbx_validate_close_contact.PDB_ins_code_2   ? 
_pdbx_validate_close_contact.label_alt_id_2   ? 
_pdbx_validate_close_contact.dist             2.11 
# 
loop_
_pdbx_validate_rmsd_angle.id 
_pdbx_validate_rmsd_angle.PDB_model_num 
_pdbx_validate_rmsd_angle.auth_atom_id_1 
_pdbx_validate_rmsd_angle.auth_asym_id_1 
_pdbx_validate_rmsd_angle.auth_comp_id_1 
_pdbx_validate_rmsd_angle.auth_seq_id_1 
_pdbx_validate_rmsd_angle.PDB_ins_code_1 
_pdbx_validate_rmsd_angle.label_alt_id_1 
_pdbx_validate_rmsd_angle.auth_atom_id_2 
_pdbx_validate_rmsd_angle.auth_asym_id_2 
_pdbx_validate_rmsd_angle.auth_comp_id_2 
_pdbx_validate_rmsd_angle.auth_seq_id_2 
_pdbx_validate_rmsd_angle.PDB_ins_code_2 
_pdbx_validate_rmsd_angle.label_alt_id_2 
_pdbx_validate_rmsd_angle.auth_atom_id_3 
_pdbx_validate_rmsd_angle.auth_asym_id_3 
_pdbx_validate_rmsd_angle.auth_comp_id_3 
_pdbx_validate_rmsd_angle.auth_seq_id_3 
_pdbx_validate_rmsd_angle.PDB_ins_code_3 
_pdbx_validate_rmsd_angle.label_alt_id_3 
_pdbx_validate_rmsd_angle.angle_value 
_pdbx_validate_rmsd_angle.angle_target_value 
_pdbx_validate_rmsd_angle.angle_deviation 
_pdbx_validate_rmsd_angle.angle_standard_deviation 
_pdbx_validate_rmsd_angle.linker_flag 
1 1 NE A ARG 146 ? ? CZ A ARG 146 ? ? NH1 A ARG 146 ? ? 123.77 120.30 3.47  0.50 N 
2 1 NE A ARG 146 ? ? CZ A ARG 146 ? ? NH2 A ARG 146 ? ? 117.21 120.30 -3.09 0.50 N 
# 
loop_
_pdbx_validate_torsion.id 
_pdbx_validate_torsion.PDB_model_num 
_pdbx_validate_torsion.auth_comp_id 
_pdbx_validate_torsion.auth_asym_id 
_pdbx_validate_torsion.auth_seq_id 
_pdbx_validate_torsion.PDB_ins_code 
_pdbx_validate_torsion.label_alt_id 
_pdbx_validate_torsion.phi 
_pdbx_validate_torsion.psi 
1 1 LYS A 83  ? ? 37.34 46.29   
2 1 ASP A 136 ? ? 54.98 -110.88 
# 
loop_
_pdbx_unobs_or_zero_occ_residues.id 
_pdbx_unobs_or_zero_occ_residues.PDB_model_num 
_pdbx_unobs_or_zero_occ_residues.polymer_flag 
_pdbx_unobs_or_zero_occ_residues.occupancy_flag 
_pdbx_unobs_or_zero_occ_residues.auth_asym_id 
_pdbx_unobs_or_zero_occ_residues.auth_comp_id 
_pdbx_unobs_or_zero_occ_residues.auth_seq_id 
_pdbx_unobs_or_zero_occ_residues.PDB_ins_code 
_pdbx_unobs_or_zero_occ_residues.label_asym_id 
_pdbx_unobs_or_zero_occ_residues.label_comp_id 
_pdbx_unobs_or_zero_occ_residues.label_seq_id 
1 1 Y 1 A PRO 113 ? A PRO 113 
2 1 Y 1 A GLU 114 ? A GLU 114 
# 
loop_
_chem_comp_atom.comp_id 
_chem_comp_atom.atom_id 
_chem_comp_atom.type_symbol 
_chem_comp_atom.pdbx_aromatic_flag 
_chem_comp_atom.pdbx_stereo_config 
_chem_comp_atom.pdbx_ordinal 
ALA N    N N N 1   
ALA CA   C N S 2   
ALA C    C N N 3   
ALA O    O N N 4   
ALA CB   C N N 5   
ALA OXT  O N N 6   
ALA H    H N N 7   
ALA H2   H N N 8   
ALA HA   H N N 9   
ALA HB1  H N N 10  
ALA HB2  H N N 11  
ALA HB3  H N N 12  
ALA HXT  H N N 13  
ARG N    N N N 14  
ARG CA   C N S 15  
ARG C    C N N 16  
ARG O    O N N 17  
ARG CB   C N N 18  
ARG CG   C N N 19  
ARG CD   C N N 20  
ARG NE   N N N 21  
ARG CZ   C N N 22  
ARG NH1  N N N 23  
ARG NH2  N N N 24  
ARG OXT  O N N 25  
ARG H    H N N 26  
ARG H2   H N N 27  
ARG HA   H N N 28  
ARG HB2  H N N 29  
ARG HB3  H N N 30  
ARG HG2  H N N 31  
ARG HG3  H N N 32  
ARG HD2  H N N 33  
ARG HD3  H N N 34  
ARG HE   H N N 35  
ARG HH11 H N N 36  
ARG HH12 H N N 37  
ARG HH21 H N N 38  
ARG HH22 H N N 39  
ARG HXT  H N N 40  
ASN N    N N N 41  
ASN CA   C N S 42  
ASN C    C N N 43  
ASN O    O N N 44  
ASN CB   C N N 45  
ASN CG   C N N 46  
ASN OD1  O N N 47  
ASN ND2  N N N 48  
ASN OXT  O N N 49  
ASN H    H N N 50  
ASN H2   H N N 51  
ASN HA   H N N 52  
ASN HB2  H N N 53  
ASN HB3  H N N 54  
ASN HD21 H N N 55  
ASN HD22 H N N 56  
ASN HXT  H N N 57  
ASP N    N N N 58  
ASP CA   C N S 59  
ASP C    C N N 60  
ASP O    O N N 61  
ASP CB   C N N 62  
ASP CG   C N N 63  
ASP OD1  O N N 64  
ASP OD2  O N N 65  
ASP OXT  O N N 66  
ASP H    H N N 67  
ASP H2   H N N 68  
ASP HA   H N N 69  
ASP HB2  H N N 70  
ASP HB3  H N N 71  
ASP HD2  H N N 72  
ASP HXT  H N N 73  
CYS N    N N N 74  
CYS CA   C N R 75  
CYS C    C N N 76  
CYS O    O N N 77  
CYS CB   C N N 78  
CYS SG   S N N 79  
CYS OXT  O N N 80  
CYS H    H N N 81  
CYS H2   H N N 82  
CYS HA   H N N 83  
CYS HB2  H N N 84  
CYS HB3  H N N 85  
CYS HG   H N N 86  
CYS HXT  H N N 87  
GLN N    N N N 88  
GLN CA   C N S 89  
GLN C    C N N 90  
GLN O    O N N 91  
GLN CB   C N N 92  
GLN CG   C N N 93  
GLN CD   C N N 94  
GLN OE1  O N N 95  
GLN NE2  N N N 96  
GLN OXT  O N N 97  
GLN H    H N N 98  
GLN H2   H N N 99  
GLN HA   H N N 100 
GLN HB2  H N N 101 
GLN HB3  H N N 102 
GLN HG2  H N N 103 
GLN HG3  H N N 104 
GLN HE21 H N N 105 
GLN HE22 H N N 106 
GLN HXT  H N N 107 
GLU N    N N N 108 
GLU CA   C N S 109 
GLU C    C N N 110 
GLU O    O N N 111 
GLU CB   C N N 112 
GLU CG   C N N 113 
GLU CD   C N N 114 
GLU OE1  O N N 115 
GLU OE2  O N N 116 
GLU OXT  O N N 117 
GLU H    H N N 118 
GLU H2   H N N 119 
GLU HA   H N N 120 
GLU HB2  H N N 121 
GLU HB3  H N N 122 
GLU HG2  H N N 123 
GLU HG3  H N N 124 
GLU HE2  H N N 125 
GLU HXT  H N N 126 
GLY N    N N N 127 
GLY CA   C N N 128 
GLY C    C N N 129 
GLY O    O N N 130 
GLY OXT  O N N 131 
GLY H    H N N 132 
GLY H2   H N N 133 
GLY HA2  H N N 134 
GLY HA3  H N N 135 
GLY HXT  H N N 136 
HIS N    N N N 137 
HIS CA   C N S 138 
HIS C    C N N 139 
HIS O    O N N 140 
HIS CB   C N N 141 
HIS CG   C Y N 142 
HIS ND1  N Y N 143 
HIS CD2  C Y N 144 
HIS CE1  C Y N 145 
HIS NE2  N Y N 146 
HIS OXT  O N N 147 
HIS H    H N N 148 
HIS H2   H N N 149 
HIS HA   H N N 150 
HIS HB2  H N N 151 
HIS HB3  H N N 152 
HIS HD1  H N N 153 
HIS HD2  H N N 154 
HIS HE1  H N N 155 
HIS HE2  H N N 156 
HIS HXT  H N N 157 
HOH O    O N N 158 
HOH H1   H N N 159 
HOH H2   H N N 160 
ILE N    N N N 161 
ILE CA   C N S 162 
ILE C    C N N 163 
ILE O    O N N 164 
ILE CB   C N S 165 
ILE CG1  C N N 166 
ILE CG2  C N N 167 
ILE CD1  C N N 168 
ILE OXT  O N N 169 
ILE H    H N N 170 
ILE H2   H N N 171 
ILE HA   H N N 172 
ILE HB   H N N 173 
ILE HG12 H N N 174 
ILE HG13 H N N 175 
ILE HG21 H N N 176 
ILE HG22 H N N 177 
ILE HG23 H N N 178 
ILE HD11 H N N 179 
ILE HD12 H N N 180 
ILE HD13 H N N 181 
ILE HXT  H N N 182 
LEU N    N N N 183 
LEU CA   C N S 184 
LEU C    C N N 185 
LEU O    O N N 186 
LEU CB   C N N 187 
LEU CG   C N N 188 
LEU CD1  C N N 189 
LEU CD2  C N N 190 
LEU OXT  O N N 191 
LEU H    H N N 192 
LEU H2   H N N 193 
LEU HA   H N N 194 
LEU HB2  H N N 195 
LEU HB3  H N N 196 
LEU HG   H N N 197 
LEU HD11 H N N 198 
LEU HD12 H N N 199 
LEU HD13 H N N 200 
LEU HD21 H N N 201 
LEU HD22 H N N 202 
LEU HD23 H N N 203 
LEU HXT  H N N 204 
LYS N    N N N 205 
LYS CA   C N S 206 
LYS C    C N N 207 
LYS O    O N N 208 
LYS CB   C N N 209 
LYS CG   C N N 210 
LYS CD   C N N 211 
LYS CE   C N N 212 
LYS NZ   N N N 213 
LYS OXT  O N N 214 
LYS H    H N N 215 
LYS H2   H N N 216 
LYS HA   H N N 217 
LYS HB2  H N N 218 
LYS HB3  H N N 219 
LYS HG2  H N N 220 
LYS HG3  H N N 221 
LYS HD2  H N N 222 
LYS HD3  H N N 223 
LYS HE2  H N N 224 
LYS HE3  H N N 225 
LYS HZ1  H N N 226 
LYS HZ2  H N N 227 
LYS HZ3  H N N 228 
LYS HXT  H N N 229 
MET N    N N N 230 
MET CA   C N S 231 
MET C    C N N 232 
MET O    O N N 233 
MET CB   C N N 234 
MET CG   C N N 235 
MET SD   S N N 236 
MET CE   C N N 237 
MET OXT  O N N 238 
MET H    H N N 239 
MET H2   H N N 240 
MET HA   H N N 241 
MET HB2  H N N 242 
MET HB3  H N N 243 
MET HG2  H N N 244 
MET HG3  H N N 245 
MET HE1  H N N 246 
MET HE2  H N N 247 
MET HE3  H N N 248 
MET HXT  H N N 249 
P59 FAX  F N N 250 
P59 CAS  C Y N 251 
P59 CAT  C Y N 252 
P59 CAU  C Y N 253 
P59 CAV  C Y N 254 
P59 CAW  C Y N 255 
P59 CAL  C Y N 256 
P59 CAH  C N R 257 
P59 NAG  N N N 258 
P59 CAE  C Y N 259 
P59 CAD  C Y N 260 
P59 CAC  C Y N 261 
P59 CAB  C Y N 262 
P59 CAA  C Y N 263 
P59 CAF  C Y N 264 
P59 CAJ  C N N 265 
P59 OAM  O N N 266 
P59 NAI  N N N 267 
P59 CAK  C Y N 268 
P59 CAN  C Y N 269 
P59 CAO  C Y N 270 
P59 CAP  C Y N 271 
P59 CAQ  C Y N 272 
P59 CAR  C Y N 273 
P59 H1   H N N 274 
P59 H2   H N N 275 
P59 H3   H N N 276 
P59 H4   H N N 277 
P59 H5   H N N 278 
P59 H6   H N N 279 
P59 H7   H N N 280 
P59 H8   H N N 281 
P59 H9   H N N 282 
P59 H10  H N N 283 
P59 H11  H N N 284 
P59 H12  H N N 285 
P59 H13  H N N 286 
P59 H14  H N N 287 
P59 H15  H N N 288 
PHE N    N N N 289 
PHE CA   C N S 290 
PHE C    C N N 291 
PHE O    O N N 292 
PHE CB   C N N 293 
PHE CG   C Y N 294 
PHE CD1  C Y N 295 
PHE CD2  C Y N 296 
PHE CE1  C Y N 297 
PHE CE2  C Y N 298 
PHE CZ   C Y N 299 
PHE OXT  O N N 300 
PHE H    H N N 301 
PHE H2   H N N 302 
PHE HA   H N N 303 
PHE HB2  H N N 304 
PHE HB3  H N N 305 
PHE HD1  H N N 306 
PHE HD2  H N N 307 
PHE HE1  H N N 308 
PHE HE2  H N N 309 
PHE HZ   H N N 310 
PHE HXT  H N N 311 
PRO N    N N N 312 
PRO CA   C N S 313 
PRO C    C N N 314 
PRO O    O N N 315 
PRO CB   C N N 316 
PRO CG   C N N 317 
PRO CD   C N N 318 
PRO OXT  O N N 319 
PRO H    H N N 320 
PRO HA   H N N 321 
PRO HB2  H N N 322 
PRO HB3  H N N 323 
PRO HG2  H N N 324 
PRO HG3  H N N 325 
PRO HD2  H N N 326 
PRO HD3  H N N 327 
PRO HXT  H N N 328 
SER N    N N N 329 
SER CA   C N S 330 
SER C    C N N 331 
SER O    O N N 332 
SER CB   C N N 333 
SER OG   O N N 334 
SER OXT  O N N 335 
SER H    H N N 336 
SER H2   H N N 337 
SER HA   H N N 338 
SER HB2  H N N 339 
SER HB3  H N N 340 
SER HG   H N N 341 
SER HXT  H N N 342 
THR N    N N N 343 
THR CA   C N S 344 
THR C    C N N 345 
THR O    O N N 346 
THR CB   C N R 347 
THR OG1  O N N 348 
THR CG2  C N N 349 
THR OXT  O N N 350 
THR H    H N N 351 
THR H2   H N N 352 
THR HA   H N N 353 
THR HB   H N N 354 
THR HG1  H N N 355 
THR HG21 H N N 356 
THR HG22 H N N 357 
THR HG23 H N N 358 
THR HXT  H N N 359 
TRP N    N N N 360 
TRP CA   C N S 361 
TRP C    C N N 362 
TRP O    O N N 363 
TRP CB   C N N 364 
TRP CG   C Y N 365 
TRP CD1  C Y N 366 
TRP CD2  C Y N 367 
TRP NE1  N Y N 368 
TRP CE2  C Y N 369 
TRP CE3  C Y N 370 
TRP CZ2  C Y N 371 
TRP CZ3  C Y N 372 
TRP CH2  C Y N 373 
TRP OXT  O N N 374 
TRP H    H N N 375 
TRP H2   H N N 376 
TRP HA   H N N 377 
TRP HB2  H N N 378 
TRP HB3  H N N 379 
TRP HD1  H N N 380 
TRP HE1  H N N 381 
TRP HE3  H N N 382 
TRP HZ2  H N N 383 
TRP HZ3  H N N 384 
TRP HH2  H N N 385 
TRP HXT  H N N 386 
TYR N    N N N 387 
TYR CA   C N S 388 
TYR C    C N N 389 
TYR O    O N N 390 
TYR CB   C N N 391 
TYR CG   C Y N 392 
TYR CD1  C Y N 393 
TYR CD2  C Y N 394 
TYR CE1  C Y N 395 
TYR CE2  C Y N 396 
TYR CZ   C Y N 397 
TYR OH   O N N 398 
TYR OXT  O N N 399 
TYR H    H N N 400 
TYR H2   H N N 401 
TYR HA   H N N 402 
TYR HB2  H N N 403 
TYR HB3  H N N 404 
TYR HD1  H N N 405 
TYR HD2  H N N 406 
TYR HE1  H N N 407 
TYR HE2  H N N 408 
TYR HH   H N N 409 
TYR HXT  H N N 410 
VAL N    N N N 411 
VAL CA   C N S 412 
VAL C    C N N 413 
VAL O    O N N 414 
VAL CB   C N N 415 
VAL CG1  C N N 416 
VAL CG2  C N N 417 
VAL OXT  O N N 418 
VAL H    H N N 419 
VAL H2   H N N 420 
VAL HA   H N N 421 
VAL HB   H N N 422 
VAL HG11 H N N 423 
VAL HG12 H N N 424 
VAL HG13 H N N 425 
VAL HG21 H N N 426 
VAL HG22 H N N 427 
VAL HG23 H N N 428 
VAL HXT  H N N 429 
# 
loop_
_chem_comp_bond.comp_id 
_chem_comp_bond.atom_id_1 
_chem_comp_bond.atom_id_2 
_chem_comp_bond.value_order 
_chem_comp_bond.pdbx_aromatic_flag 
_chem_comp_bond.pdbx_stereo_config 
_chem_comp_bond.pdbx_ordinal 
ALA N   CA   sing N N 1   
ALA N   H    sing N N 2   
ALA N   H2   sing N N 3   
ALA CA  C    sing N N 4   
ALA CA  CB   sing N N 5   
ALA CA  HA   sing N N 6   
ALA C   O    doub N N 7   
ALA C   OXT  sing N N 8   
ALA CB  HB1  sing N N 9   
ALA CB  HB2  sing N N 10  
ALA CB  HB3  sing N N 11  
ALA OXT HXT  sing N N 12  
ARG N   CA   sing N N 13  
ARG N   H    sing N N 14  
ARG N   H2   sing N N 15  
ARG CA  C    sing N N 16  
ARG CA  CB   sing N N 17  
ARG CA  HA   sing N N 18  
ARG C   O    doub N N 19  
ARG C   OXT  sing N N 20  
ARG CB  CG   sing N N 21  
ARG CB  HB2  sing N N 22  
ARG CB  HB3  sing N N 23  
ARG CG  CD   sing N N 24  
ARG CG  HG2  sing N N 25  
ARG CG  HG3  sing N N 26  
ARG CD  NE   sing N N 27  
ARG CD  HD2  sing N N 28  
ARG CD  HD3  sing N N 29  
ARG NE  CZ   sing N N 30  
ARG NE  HE   sing N N 31  
ARG CZ  NH1  sing N N 32  
ARG CZ  NH2  doub N N 33  
ARG NH1 HH11 sing N N 34  
ARG NH1 HH12 sing N N 35  
ARG NH2 HH21 sing N N 36  
ARG NH2 HH22 sing N N 37  
ARG OXT HXT  sing N N 38  
ASN N   CA   sing N N 39  
ASN N   H    sing N N 40  
ASN N   H2   sing N N 41  
ASN CA  C    sing N N 42  
ASN CA  CB   sing N N 43  
ASN CA  HA   sing N N 44  
ASN C   O    doub N N 45  
ASN C   OXT  sing N N 46  
ASN CB  CG   sing N N 47  
ASN CB  HB2  sing N N 48  
ASN CB  HB3  sing N N 49  
ASN CG  OD1  doub N N 50  
ASN CG  ND2  sing N N 51  
ASN ND2 HD21 sing N N 52  
ASN ND2 HD22 sing N N 53  
ASN OXT HXT  sing N N 54  
ASP N   CA   sing N N 55  
ASP N   H    sing N N 56  
ASP N   H2   sing N N 57  
ASP CA  C    sing N N 58  
ASP CA  CB   sing N N 59  
ASP CA  HA   sing N N 60  
ASP C   O    doub N N 61  
ASP C   OXT  sing N N 62  
ASP CB  CG   sing N N 63  
ASP CB  HB2  sing N N 64  
ASP CB  HB3  sing N N 65  
ASP CG  OD1  doub N N 66  
ASP CG  OD2  sing N N 67  
ASP OD2 HD2  sing N N 68  
ASP OXT HXT  sing N N 69  
CYS N   CA   sing N N 70  
CYS N   H    sing N N 71  
CYS N   H2   sing N N 72  
CYS CA  C    sing N N 73  
CYS CA  CB   sing N N 74  
CYS CA  HA   sing N N 75  
CYS C   O    doub N N 76  
CYS C   OXT  sing N N 77  
CYS CB  SG   sing N N 78  
CYS CB  HB2  sing N N 79  
CYS CB  HB3  sing N N 80  
CYS SG  HG   sing N N 81  
CYS OXT HXT  sing N N 82  
GLN N   CA   sing N N 83  
GLN N   H    sing N N 84  
GLN N   H2   sing N N 85  
GLN CA  C    sing N N 86  
GLN CA  CB   sing N N 87  
GLN CA  HA   sing N N 88  
GLN C   O    doub N N 89  
GLN C   OXT  sing N N 90  
GLN CB  CG   sing N N 91  
GLN CB  HB2  sing N N 92  
GLN CB  HB3  sing N N 93  
GLN CG  CD   sing N N 94  
GLN CG  HG2  sing N N 95  
GLN CG  HG3  sing N N 96  
GLN CD  OE1  doub N N 97  
GLN CD  NE2  sing N N 98  
GLN NE2 HE21 sing N N 99  
GLN NE2 HE22 sing N N 100 
GLN OXT HXT  sing N N 101 
GLU N   CA   sing N N 102 
GLU N   H    sing N N 103 
GLU N   H2   sing N N 104 
GLU CA  C    sing N N 105 
GLU CA  CB   sing N N 106 
GLU CA  HA   sing N N 107 
GLU C   O    doub N N 108 
GLU C   OXT  sing N N 109 
GLU CB  CG   sing N N 110 
GLU CB  HB2  sing N N 111 
GLU CB  HB3  sing N N 112 
GLU CG  CD   sing N N 113 
GLU CG  HG2  sing N N 114 
GLU CG  HG3  sing N N 115 
GLU CD  OE1  doub N N 116 
GLU CD  OE2  sing N N 117 
GLU OE2 HE2  sing N N 118 
GLU OXT HXT  sing N N 119 
GLY N   CA   sing N N 120 
GLY N   H    sing N N 121 
GLY N   H2   sing N N 122 
GLY CA  C    sing N N 123 
GLY CA  HA2  sing N N 124 
GLY CA  HA3  sing N N 125 
GLY C   O    doub N N 126 
GLY C   OXT  sing N N 127 
GLY OXT HXT  sing N N 128 
HIS N   CA   sing N N 129 
HIS N   H    sing N N 130 
HIS N   H2   sing N N 131 
HIS CA  C    sing N N 132 
HIS CA  CB   sing N N 133 
HIS CA  HA   sing N N 134 
HIS C   O    doub N N 135 
HIS C   OXT  sing N N 136 
HIS CB  CG   sing N N 137 
HIS CB  HB2  sing N N 138 
HIS CB  HB3  sing N N 139 
HIS CG  ND1  sing Y N 140 
HIS CG  CD2  doub Y N 141 
HIS ND1 CE1  doub Y N 142 
HIS ND1 HD1  sing N N 143 
HIS CD2 NE2  sing Y N 144 
HIS CD2 HD2  sing N N 145 
HIS CE1 NE2  sing Y N 146 
HIS CE1 HE1  sing N N 147 
HIS NE2 HE2  sing N N 148 
HIS OXT HXT  sing N N 149 
HOH O   H1   sing N N 150 
HOH O   H2   sing N N 151 
ILE N   CA   sing N N 152 
ILE N   H    sing N N 153 
ILE N   H2   sing N N 154 
ILE CA  C    sing N N 155 
ILE CA  CB   sing N N 156 
ILE CA  HA   sing N N 157 
ILE C   O    doub N N 158 
ILE C   OXT  sing N N 159 
ILE CB  CG1  sing N N 160 
ILE CB  CG2  sing N N 161 
ILE CB  HB   sing N N 162 
ILE CG1 CD1  sing N N 163 
ILE CG1 HG12 sing N N 164 
ILE CG1 HG13 sing N N 165 
ILE CG2 HG21 sing N N 166 
ILE CG2 HG22 sing N N 167 
ILE CG2 HG23 sing N N 168 
ILE CD1 HD11 sing N N 169 
ILE CD1 HD12 sing N N 170 
ILE CD1 HD13 sing N N 171 
ILE OXT HXT  sing N N 172 
LEU N   CA   sing N N 173 
LEU N   H    sing N N 174 
LEU N   H2   sing N N 175 
LEU CA  C    sing N N 176 
LEU CA  CB   sing N N 177 
LEU CA  HA   sing N N 178 
LEU C   O    doub N N 179 
LEU C   OXT  sing N N 180 
LEU CB  CG   sing N N 181 
LEU CB  HB2  sing N N 182 
LEU CB  HB3  sing N N 183 
LEU CG  CD1  sing N N 184 
LEU CG  CD2  sing N N 185 
LEU CG  HG   sing N N 186 
LEU CD1 HD11 sing N N 187 
LEU CD1 HD12 sing N N 188 
LEU CD1 HD13 sing N N 189 
LEU CD2 HD21 sing N N 190 
LEU CD2 HD22 sing N N 191 
LEU CD2 HD23 sing N N 192 
LEU OXT HXT  sing N N 193 
LYS N   CA   sing N N 194 
LYS N   H    sing N N 195 
LYS N   H2   sing N N 196 
LYS CA  C    sing N N 197 
LYS CA  CB   sing N N 198 
LYS CA  HA   sing N N 199 
LYS C   O    doub N N 200 
LYS C   OXT  sing N N 201 
LYS CB  CG   sing N N 202 
LYS CB  HB2  sing N N 203 
LYS CB  HB3  sing N N 204 
LYS CG  CD   sing N N 205 
LYS CG  HG2  sing N N 206 
LYS CG  HG3  sing N N 207 
LYS CD  CE   sing N N 208 
LYS CD  HD2  sing N N 209 
LYS CD  HD3  sing N N 210 
LYS CE  NZ   sing N N 211 
LYS CE  HE2  sing N N 212 
LYS CE  HE3  sing N N 213 
LYS NZ  HZ1  sing N N 214 
LYS NZ  HZ2  sing N N 215 
LYS NZ  HZ3  sing N N 216 
LYS OXT HXT  sing N N 217 
MET N   CA   sing N N 218 
MET N   H    sing N N 219 
MET N   H2   sing N N 220 
MET CA  C    sing N N 221 
MET CA  CB   sing N N 222 
MET CA  HA   sing N N 223 
MET C   O    doub N N 224 
MET C   OXT  sing N N 225 
MET CB  CG   sing N N 226 
MET CB  HB2  sing N N 227 
MET CB  HB3  sing N N 228 
MET CG  SD   sing N N 229 
MET CG  HG2  sing N N 230 
MET CG  HG3  sing N N 231 
MET SD  CE   sing N N 232 
MET CE  HE1  sing N N 233 
MET CE  HE2  sing N N 234 
MET CE  HE3  sing N N 235 
MET OXT HXT  sing N N 236 
P59 OAM CAJ  doub N N 237 
P59 CAA CAB  doub Y N 238 
P59 CAA CAF  sing Y N 239 
P59 CAB CAC  sing Y N 240 
P59 CAJ CAF  sing N N 241 
P59 CAJ NAI  sing N N 242 
P59 CAF CAE  doub Y N 243 
P59 CAP CAO  doub Y N 244 
P59 CAP CAQ  sing Y N 245 
P59 CAO CAN  sing Y N 246 
P59 CAC CAD  doub Y N 247 
P59 CAQ CAR  doub Y N 248 
P59 CAN CAK  doub Y N 249 
P59 CAR CAK  sing Y N 250 
P59 CAK NAI  sing N N 251 
P59 NAI CAH  sing N N 252 
P59 CAE CAD  sing Y N 253 
P59 CAE NAG  sing N N 254 
P59 CAW CAL  sing Y N 255 
P59 CAW CAV  doub Y N 256 
P59 NAG CAH  sing N N 257 
P59 CAH CAL  sing N N 258 
P59 CAL CAS  doub Y N 259 
P59 CAV CAU  sing Y N 260 
P59 CAS FAX  sing N N 261 
P59 CAS CAT  sing Y N 262 
P59 CAU CAT  doub Y N 263 
P59 CAT H1   sing N N 264 
P59 CAU H2   sing N N 265 
P59 CAV H3   sing N N 266 
P59 CAW H4   sing N N 267 
P59 CAH H5   sing N N 268 
P59 NAG H6   sing N N 269 
P59 CAD H7   sing N N 270 
P59 CAC H8   sing N N 271 
P59 CAB H9   sing N N 272 
P59 CAA H10  sing N N 273 
P59 CAN H11  sing N N 274 
P59 CAO H12  sing N N 275 
P59 CAP H13  sing N N 276 
P59 CAQ H14  sing N N 277 
P59 CAR H15  sing N N 278 
PHE N   CA   sing N N 279 
PHE N   H    sing N N 280 
PHE N   H2   sing N N 281 
PHE CA  C    sing N N 282 
PHE CA  CB   sing N N 283 
PHE CA  HA   sing N N 284 
PHE C   O    doub N N 285 
PHE C   OXT  sing N N 286 
PHE CB  CG   sing N N 287 
PHE CB  HB2  sing N N 288 
PHE CB  HB3  sing N N 289 
PHE CG  CD1  doub Y N 290 
PHE CG  CD2  sing Y N 291 
PHE CD1 CE1  sing Y N 292 
PHE CD1 HD1  sing N N 293 
PHE CD2 CE2  doub Y N 294 
PHE CD2 HD2  sing N N 295 
PHE CE1 CZ   doub Y N 296 
PHE CE1 HE1  sing N N 297 
PHE CE2 CZ   sing Y N 298 
PHE CE2 HE2  sing N N 299 
PHE CZ  HZ   sing N N 300 
PHE OXT HXT  sing N N 301 
PRO N   CA   sing N N 302 
PRO N   CD   sing N N 303 
PRO N   H    sing N N 304 
PRO CA  C    sing N N 305 
PRO CA  CB   sing N N 306 
PRO CA  HA   sing N N 307 
PRO C   O    doub N N 308 
PRO C   OXT  sing N N 309 
PRO CB  CG   sing N N 310 
PRO CB  HB2  sing N N 311 
PRO CB  HB3  sing N N 312 
PRO CG  CD   sing N N 313 
PRO CG  HG2  sing N N 314 
PRO CG  HG3  sing N N 315 
PRO CD  HD2  sing N N 316 
PRO CD  HD3  sing N N 317 
PRO OXT HXT  sing N N 318 
SER N   CA   sing N N 319 
SER N   H    sing N N 320 
SER N   H2   sing N N 321 
SER CA  C    sing N N 322 
SER CA  CB   sing N N 323 
SER CA  HA   sing N N 324 
SER C   O    doub N N 325 
SER C   OXT  sing N N 326 
SER CB  OG   sing N N 327 
SER CB  HB2  sing N N 328 
SER CB  HB3  sing N N 329 
SER OG  HG   sing N N 330 
SER OXT HXT  sing N N 331 
THR N   CA   sing N N 332 
THR N   H    sing N N 333 
THR N   H2   sing N N 334 
THR CA  C    sing N N 335 
THR CA  CB   sing N N 336 
THR CA  HA   sing N N 337 
THR C   O    doub N N 338 
THR C   OXT  sing N N 339 
THR CB  OG1  sing N N 340 
THR CB  CG2  sing N N 341 
THR CB  HB   sing N N 342 
THR OG1 HG1  sing N N 343 
THR CG2 HG21 sing N N 344 
THR CG2 HG22 sing N N 345 
THR CG2 HG23 sing N N 346 
THR OXT HXT  sing N N 347 
TRP N   CA   sing N N 348 
TRP N   H    sing N N 349 
TRP N   H2   sing N N 350 
TRP CA  C    sing N N 351 
TRP CA  CB   sing N N 352 
TRP CA  HA   sing N N 353 
TRP C   O    doub N N 354 
TRP C   OXT  sing N N 355 
TRP CB  CG   sing N N 356 
TRP CB  HB2  sing N N 357 
TRP CB  HB3  sing N N 358 
TRP CG  CD1  doub Y N 359 
TRP CG  CD2  sing Y N 360 
TRP CD1 NE1  sing Y N 361 
TRP CD1 HD1  sing N N 362 
TRP CD2 CE2  doub Y N 363 
TRP CD2 CE3  sing Y N 364 
TRP NE1 CE2  sing Y N 365 
TRP NE1 HE1  sing N N 366 
TRP CE2 CZ2  sing Y N 367 
TRP CE3 CZ3  doub Y N 368 
TRP CE3 HE3  sing N N 369 
TRP CZ2 CH2  doub Y N 370 
TRP CZ2 HZ2  sing N N 371 
TRP CZ3 CH2  sing Y N 372 
TRP CZ3 HZ3  sing N N 373 
TRP CH2 HH2  sing N N 374 
TRP OXT HXT  sing N N 375 
TYR N   CA   sing N N 376 
TYR N   H    sing N N 377 
TYR N   H2   sing N N 378 
TYR CA  C    sing N N 379 
TYR CA  CB   sing N N 380 
TYR CA  HA   sing N N 381 
TYR C   O    doub N N 382 
TYR C   OXT  sing N N 383 
TYR CB  CG   sing N N 384 
TYR CB  HB2  sing N N 385 
TYR CB  HB3  sing N N 386 
TYR CG  CD1  doub Y N 387 
TYR CG  CD2  sing Y N 388 
TYR CD1 CE1  sing Y N 389 
TYR CD1 HD1  sing N N 390 
TYR CD2 CE2  doub Y N 391 
TYR CD2 HD2  sing N N 392 
TYR CE1 CZ   doub Y N 393 
TYR CE1 HE1  sing N N 394 
TYR CE2 CZ   sing Y N 395 
TYR CE2 HE2  sing N N 396 
TYR CZ  OH   sing N N 397 
TYR OH  HH   sing N N 398 
TYR OXT HXT  sing N N 399 
VAL N   CA   sing N N 400 
VAL N   H    sing N N 401 
VAL N   H2   sing N N 402 
VAL CA  C    sing N N 403 
VAL CA  CB   sing N N 404 
VAL CA  HA   sing N N 405 
VAL C   O    doub N N 406 
VAL C   OXT  sing N N 407 
VAL CB  CG1  sing N N 408 
VAL CB  CG2  sing N N 409 
VAL CB  HB   sing N N 410 
VAL CG1 HG11 sing N N 411 
VAL CG1 HG12 sing N N 412 
VAL CG1 HG13 sing N N 413 
VAL CG2 HG21 sing N N 414 
VAL CG2 HG22 sing N N 415 
VAL CG2 HG23 sing N N 416 
VAL OXT HXT  sing N N 417 
# 
_pdbx_audit_support.funding_organization   'National Basic Research Program of China' 
_pdbx_audit_support.country                China 
_pdbx_audit_support.grant_number           2014CB541800 
_pdbx_audit_support.ordinal                1 
# 
loop_
_pdbx_entity_nonpoly.entity_id 
_pdbx_entity_nonpoly.name 
_pdbx_entity_nonpoly.comp_id 
2 '(2R)-2-(2-fluorophenyl)-3-phenyl-1,2-dihydroquinazolin-4-one' P59 
3 water                                                          HOH 
# 
_pdbx_initial_refinement_model.id               1 
_pdbx_initial_refinement_model.entity_id_list   ? 
_pdbx_initial_refinement_model.type             'experimental model' 
_pdbx_initial_refinement_model.source_name      PDB 
_pdbx_initial_refinement_model.accession_code   4JV6 
_pdbx_initial_refinement_model.details          ? 
# 
_pdbx_struct_assembly_auth_evidence.id                     1 
_pdbx_struct_assembly_auth_evidence.assembly_id            1 
_pdbx_struct_assembly_auth_evidence.experimental_support   'gel filtration' 
_pdbx_struct_assembly_auth_evidence.details                Monomer 
# 
